data_8RC2
#
_entry.id   8RC2
#
_cell.length_a   1.00
_cell.length_b   1.00
_cell.length_c   1.00
_cell.angle_alpha   90.00
_cell.angle_beta   90.00
_cell.angle_gamma   90.00
#
_symmetry.space_group_name_H-M   'P 1'
#
loop_
_entity.id
_entity.type
_entity.pdbx_description
1 polymer 'CRISPR type AFERR-associated protein Csf2'
2 polymer 'CRISPR type AFERR-associated protein Csf3'
3 polymer 'CRISPR type AFERR-associated protein Csf1'
4 polymer crRNA
5 polymer 'Target Strand (TS)-DNA'
6 polymer 'Non-Target Strand (NTS)-DNA'
7 non-polymer 'ZINC ION'
#
loop_
_entity_poly.entity_id
_entity_poly.type
_entity_poly.pdbx_seq_one_letter_code
_entity_poly.pdbx_strand_id
1 'polypeptide(L)'
;MRTLNFNGKISTLEPLTVTVKNAVSTSGHRLPRNGGFNAAPYFPGTSIRGTLRHAAHKVIVDRVGLNADGKSPFDLAEHF
MLAQGVDINGEAETFAPGEINAGAELRSKNPLISLFGRWGLSGKVGIGNAIPDGDNQWGMFGGGARSIMFQRDESLMEFL
ETDQVDRLERLLEEQAEASVDISQIKTEQDALKKAMKSADKDTKAELQIKVRELDEKIQARKDQKQESRESIRRPIDPYE
AFITGAELSHRMSIKNATDEEAGLFISALIRFAAEPRFGGHANHNCGLVEAHWTVTTWKPGELVPVTLGEIVITPNGVEI
TGDELFAMVKAFNENQSFDFTARGHHHHHH
;
A,B,C,D,E,L
2 'polypeptide(L)'
;MLNFKPYRVIMSSLTPVVISGIAPSLDGILYEALSQAIPSNEPGVVLARLKEILLFNDELGVFHASSLRFGITPEQGIGA
TTSMRCDYLSPEKLSTAMFSPRTRRGLFTRVLLTGGPTKRRMTTRPAYSAPYLTFDFVGSSEAVEILLNHAHVGVGYDYF
SAANGEFNNVTILPLDIDTSISNEGMALRPVPVNSGLNGIKGVSPLIPPYFVGEKLNIVHPAPVRTQLISSLLRG
;
F
3 'polypeptide(L)'
;MNHPVESVYSALTSILLPYMGEPVPVQRNCSCCGRAPSEFDGVGFELVNAYRERVVHCRPCQTFFVSAPELMGVENPKKP
TTGQKFGMWSGVGAVINVEDNSSVLLAPQGVVNKLPEHFFDHVEVITATSGQHLEYLFNTELKFPLIYIQNFGVKTYELV
RSLRVSLSADAIYTCADQLLTRQNEVLYMLDLKKAKELHQEIKNYSKKEMDIFIRTVTLLAYSRITPEAASNEFKKNNLI
PLLLLLPTDPHQRLSILHLLKKV
;
G
4 'polyribonucleotide' UUAUCGGCGAGACCGGGAUGCACCUCCCGAAGGGUCUCGGUGUUUCCCCUGCGUGCGGGGG H
5 'polydeoxyribonucleotide'
;(DC)(DC)(DC)(DT)(DC)(DC)(DC)(DT)(DC)(DC)(DA)(DG)(DC)(DT)(DT)(DC)(DC)(DG)(DA)(DG)
(DA)(DC)(DC)(DC)(DT)(DT)(DC)(DG)(DG)(DG)(DA)(DG)(DG)(DT)(DG)(DC)(DA)(DT)(DC)(DC)
(DC)(DG)(DG)(DT)(DC)(DT)(DC)(DG)(DC)(DT)(DT)(DG)(DG)(DC)(DC)(DT)(DC)(DC)(DT)(DC)
;
I
6 'polydeoxyribonucleotide'
;(DG)(DA)(DG)(DG)(DA)(DG)(DG)(DC)(DC)(DA)(DA)(DG)(DA)(DT)(DC)(DT)(DC)(DA)(DA)(DT)
(DT)(DT)(DC)(DG)(DT)(DA)(DC)(DA)(DA)(DG)(DA)(DA)(DA)(DT)(DC)(DC)(DT)(DT)(DT)(DG)
(DA)(DG)(DA)(DT)(DG)(DA)(DA)(DG)(DC)(DT)(DG)(DG)(DA)(DG)(DG)(DG)(DA)(DG)(DG)(DG)
;
J
#
loop_
_chem_comp.id
_chem_comp.type
_chem_comp.name
_chem_comp.formula
A RNA linking ADENOSINE-5'-MONOPHOSPHATE 'C10 H14 N5 O7 P'
C RNA linking CYTIDINE-5'-MONOPHOSPHATE 'C9 H14 N3 O8 P'
DA DNA linking 2'-DEOXYADENOSINE-5'-MONOPHOSPHATE 'C10 H14 N5 O6 P'
DC DNA linking 2'-DEOXYCYTIDINE-5'-MONOPHOSPHATE 'C9 H14 N3 O7 P'
DG DNA linking 2'-DEOXYGUANOSINE-5'-MONOPHOSPHATE 'C10 H14 N5 O7 P'
DT DNA linking THYMIDINE-5'-MONOPHOSPHATE 'C10 H15 N2 O8 P'
G RNA linking GUANOSINE-5'-MONOPHOSPHATE 'C10 H14 N5 O8 P'
U RNA linking URIDINE-5'-MONOPHOSPHATE 'C9 H13 N2 O9 P'
ZN non-polymer 'ZINC ION' 'Zn 2'
#
# COMPACT_ATOMS: atom_id res chain seq x y z
N MET A 1 23.24 -47.57 -29.01
CA MET A 1 24.33 -47.22 -28.10
C MET A 1 24.77 -45.78 -28.31
N ARG A 2 24.20 -44.88 -27.53
CA ARG A 2 24.59 -43.48 -27.58
C ARG A 2 24.26 -42.84 -26.25
N THR A 3 24.85 -41.68 -26.00
CA THR A 3 24.64 -40.95 -24.77
C THR A 3 23.55 -39.91 -25.00
N LEU A 4 22.58 -39.85 -24.10
CA LEU A 4 21.48 -38.91 -24.20
C LEU A 4 21.61 -37.92 -23.05
N ASN A 5 21.94 -36.68 -23.35
CA ASN A 5 22.12 -35.65 -22.35
C ASN A 5 20.84 -34.82 -22.26
N PHE A 6 20.30 -34.72 -21.05
CA PHE A 6 19.09 -33.95 -20.80
C PHE A 6 19.50 -32.66 -20.11
N ASN A 7 19.50 -31.56 -20.85
CA ASN A 7 19.78 -30.25 -20.29
C ASN A 7 18.51 -29.42 -20.29
N GLY A 8 18.21 -28.78 -19.17
CA GLY A 8 16.98 -28.02 -19.08
C GLY A 8 16.87 -27.31 -17.75
N LYS A 9 15.66 -26.85 -17.48
CA LYS A 9 15.35 -26.08 -16.28
C LYS A 9 14.22 -26.76 -15.52
N ILE A 10 14.12 -26.44 -14.24
CA ILE A 10 13.04 -26.89 -13.38
C ILE A 10 12.44 -25.67 -12.72
N SER A 11 11.18 -25.38 -13.02
CA SER A 11 10.49 -24.24 -12.43
C SER A 11 9.57 -24.76 -11.33
N THR A 12 9.65 -24.14 -10.16
CA THR A 12 8.88 -24.57 -9.01
C THR A 12 7.54 -23.85 -9.00
N LEU A 13 6.45 -24.61 -9.16
CA LEU A 13 5.13 -24.02 -9.01
C LEU A 13 4.81 -23.75 -7.55
N GLU A 14 5.41 -24.50 -6.64
CA GLU A 14 5.25 -24.39 -5.20
C GLU A 14 6.64 -24.45 -4.58
N PRO A 15 6.79 -24.01 -3.33
CA PRO A 15 8.12 -24.03 -2.72
C PRO A 15 8.69 -25.45 -2.69
N LEU A 16 10.01 -25.54 -2.87
CA LEU A 16 10.70 -26.81 -3.03
C LEU A 16 11.67 -26.97 -1.87
N THR A 17 11.49 -28.03 -1.08
CA THR A 17 12.27 -28.20 0.13
C THR A 17 12.74 -29.64 0.26
N VAL A 18 13.79 -29.83 1.05
CA VAL A 18 14.33 -31.15 1.32
C VAL A 18 15.07 -31.10 2.66
N THR A 19 14.91 -32.16 3.45
CA THR A 19 15.55 -32.26 4.74
C THR A 19 16.76 -33.19 4.64
N VAL A 20 17.94 -32.66 4.90
CA VAL A 20 19.18 -33.43 4.90
C VAL A 20 19.77 -33.35 6.30
N LYS A 21 20.30 -34.48 6.78
CA LYS A 21 20.70 -34.56 8.18
C LYS A 21 21.80 -33.55 8.52
N ASN A 22 22.81 -33.43 7.66
CA ASN A 22 23.93 -32.57 7.99
C ASN A 22 23.65 -31.10 7.74
N ALA A 23 22.59 -30.77 7.00
CA ALA A 23 22.26 -29.37 6.77
C ALA A 23 21.26 -28.82 7.78
N VAL A 24 20.51 -29.68 8.45
CA VAL A 24 19.53 -29.26 9.45
C VAL A 24 20.23 -29.22 10.80
N SER A 25 20.53 -28.01 11.26
CA SER A 25 21.17 -27.83 12.55
C SER A 25 20.10 -27.69 13.64
N THR A 26 20.56 -27.52 14.88
CA THR A 26 19.63 -27.25 15.96
C THR A 26 19.16 -25.80 15.96
N SER A 27 19.90 -24.91 15.28
CA SER A 27 19.47 -23.52 15.19
C SER A 27 18.29 -23.35 14.25
N GLY A 28 18.22 -24.18 13.21
CA GLY A 28 17.09 -24.11 12.30
C GLY A 28 17.26 -25.12 11.18
N HIS A 29 16.27 -25.10 10.29
CA HIS A 29 16.25 -25.97 9.11
C HIS A 29 16.79 -25.20 7.93
N ARG A 30 17.73 -25.81 7.21
CA ARG A 30 18.34 -25.15 6.06
C ARG A 30 18.42 -26.12 4.90
N LEU A 31 18.43 -25.58 3.69
CA LEU A 31 18.69 -26.37 2.51
C LEU A 31 20.17 -26.74 2.45
N PRO A 32 20.52 -27.77 1.68
CA PRO A 32 21.93 -28.10 1.50
C PRO A 32 22.69 -26.91 0.94
N ARG A 33 23.92 -26.73 1.41
CA ARG A 33 24.77 -25.63 0.97
C ARG A 33 26.16 -26.16 0.69
N ASN A 34 26.80 -25.62 -0.33
CA ASN A 34 28.20 -25.93 -0.62
C ASN A 34 29.09 -24.88 0.06
N GLY A 35 29.03 -24.86 1.38
CA GLY A 35 29.76 -23.88 2.15
C GLY A 35 28.99 -23.34 3.33
N GLY A 36 29.21 -22.07 3.64
CA GLY A 36 28.59 -21.45 4.79
C GLY A 36 27.14 -21.06 4.54
N PHE A 37 26.62 -20.27 5.47
CA PHE A 37 25.23 -19.80 5.36
C PHE A 37 25.04 -18.74 4.29
N ASN A 38 26.12 -18.17 3.76
CA ASN A 38 26.00 -17.20 2.68
C ASN A 38 26.05 -17.84 1.31
N ALA A 39 26.42 -19.11 1.21
CA ALA A 39 26.48 -19.77 -0.08
C ALA A 39 25.09 -20.03 -0.61
N ALA A 40 24.98 -20.12 -1.91
CA ALA A 40 23.69 -20.44 -2.50
C ALA A 40 23.38 -21.92 -2.28
N PRO A 41 22.14 -22.25 -1.95
CA PRO A 41 21.76 -23.63 -1.73
C PRO A 41 21.57 -24.36 -3.06
N TYR A 42 21.23 -25.64 -2.96
CA TYR A 42 20.95 -26.46 -4.12
C TYR A 42 19.98 -27.55 -3.71
N PHE A 43 19.26 -28.09 -4.69
CA PHE A 43 18.41 -29.23 -4.43
C PHE A 43 19.17 -30.50 -4.80
N PRO A 44 19.34 -31.44 -3.89
CA PRO A 44 20.25 -32.57 -4.16
C PRO A 44 19.80 -33.36 -5.37
N GLY A 45 20.79 -33.82 -6.15
CA GLY A 45 20.48 -34.74 -7.21
C GLY A 45 20.12 -36.13 -6.71
N THR A 46 20.47 -36.43 -5.46
CA THR A 46 20.08 -37.72 -4.90
C THR A 46 18.57 -37.80 -4.73
N SER A 47 17.93 -36.71 -4.31
CA SER A 47 16.48 -36.71 -4.16
C SER A 47 15.78 -36.85 -5.50
N ILE A 48 16.25 -36.14 -6.51
CA ILE A 48 15.66 -36.27 -7.85
C ILE A 48 15.89 -37.68 -8.38
N ARG A 49 17.08 -38.24 -8.13
CA ARG A 49 17.35 -39.59 -8.59
C ARG A 49 16.44 -40.59 -7.91
N GLY A 50 16.19 -40.42 -6.62
CA GLY A 50 15.29 -41.32 -5.93
C GLY A 50 13.86 -41.22 -6.44
N THR A 51 13.39 -39.99 -6.66
CA THR A 51 12.05 -39.82 -7.18
C THR A 51 11.90 -40.44 -8.55
N LEU A 52 12.89 -40.25 -9.43
CA LEU A 52 12.79 -40.79 -10.76
C LEU A 52 12.98 -42.30 -10.77
N ARG A 53 13.77 -42.85 -9.85
CA ARG A 53 13.88 -44.29 -9.74
C ARG A 53 12.58 -44.91 -9.26
N HIS A 54 11.90 -44.25 -8.33
CA HIS A 54 10.58 -44.72 -7.94
C HIS A 54 9.60 -44.64 -9.09
N ALA A 55 9.68 -43.59 -9.90
CA ALA A 55 8.79 -43.49 -11.06
C ALA A 55 9.06 -44.63 -12.05
N ALA A 56 10.33 -44.94 -12.29
CA ALA A 56 10.65 -46.05 -13.18
C ALA A 56 10.18 -47.38 -12.59
N HIS A 57 10.32 -47.55 -11.28
CA HIS A 57 9.82 -48.77 -10.64
C HIS A 57 8.32 -48.88 -10.80
N LYS A 58 7.59 -47.77 -10.66
CA LYS A 58 6.16 -47.80 -10.87
C LYS A 58 5.81 -48.13 -12.31
N VAL A 59 6.60 -47.62 -13.26
CA VAL A 59 6.39 -47.96 -14.67
C VAL A 59 6.52 -49.46 -14.87
N ILE A 60 7.56 -50.05 -14.29
CA ILE A 60 7.76 -51.49 -14.42
C ILE A 60 6.62 -52.26 -13.78
N VAL A 61 6.18 -51.83 -12.59
CA VAL A 61 5.10 -52.52 -11.91
C VAL A 61 3.82 -52.48 -12.74
N ASP A 62 3.51 -51.32 -13.32
CA ASP A 62 2.34 -51.20 -14.18
C ASP A 62 2.47 -52.09 -15.41
N ARG A 63 3.65 -52.09 -16.03
CA ARG A 63 3.85 -52.88 -17.24
C ARG A 63 3.69 -54.37 -16.97
N VAL A 64 4.35 -54.86 -15.93
CA VAL A 64 4.30 -56.29 -15.62
C VAL A 64 2.88 -56.68 -15.22
N GLY A 65 2.17 -55.79 -14.56
CA GLY A 65 0.81 -56.09 -14.16
C GLY A 65 0.74 -56.86 -12.87
N LEU A 66 -0.40 -57.51 -12.66
CA LEU A 66 -0.66 -58.29 -11.47
C LEU A 66 -0.95 -59.73 -11.86
N ASN A 67 -0.68 -60.65 -10.94
CA ASN A 67 -0.97 -62.04 -11.20
C ASN A 67 -2.47 -62.28 -11.27
N ALA A 68 -2.83 -63.53 -11.55
CA ALA A 68 -4.24 -63.89 -11.67
C ALA A 68 -4.98 -63.64 -10.37
N ASP A 69 -4.35 -63.94 -9.23
CA ASP A 69 -4.96 -63.67 -7.93
C ASP A 69 -4.98 -62.20 -7.59
N GLY A 70 -4.34 -61.35 -8.38
CA GLY A 70 -4.29 -59.93 -8.11
C GLY A 70 -3.13 -59.47 -7.27
N LYS A 71 -2.26 -60.37 -6.86
CA LYS A 71 -1.09 -60.03 -6.07
C LYS A 71 0.08 -59.74 -7.00
N SER A 72 0.91 -58.77 -6.61
CA SER A 72 2.02 -58.38 -7.46
C SER A 72 2.99 -59.55 -7.63
N PRO A 73 3.53 -59.75 -8.83
CA PRO A 73 4.43 -60.88 -9.06
C PRO A 73 5.83 -60.69 -8.49
N PHE A 74 6.11 -59.58 -7.82
CA PHE A 74 7.41 -59.35 -7.20
C PHE A 74 7.35 -59.70 -5.73
N ASP A 75 8.35 -60.43 -5.26
CA ASP A 75 8.47 -60.71 -3.84
C ASP A 75 9.34 -59.63 -3.21
N LEU A 76 9.70 -59.80 -1.93
CA LEU A 76 10.48 -58.78 -1.25
C LEU A 76 11.86 -58.61 -1.88
N ALA A 77 12.50 -59.72 -2.26
CA ALA A 77 13.85 -59.64 -2.79
C ALA A 77 13.89 -58.87 -4.11
N GLU A 78 12.98 -59.20 -5.02
CA GLU A 78 12.92 -58.48 -6.28
C GLU A 78 12.50 -57.03 -6.08
N HIS A 79 11.62 -56.80 -5.11
CA HIS A 79 11.20 -55.43 -4.81
C HIS A 79 12.39 -54.58 -4.35
N PHE A 80 13.24 -55.12 -3.48
CA PHE A 80 14.39 -54.34 -3.04
C PHE A 80 15.45 -54.25 -4.13
N MET A 81 15.57 -55.25 -4.98
CA MET A 81 16.49 -55.13 -6.10
C MET A 81 16.08 -53.98 -7.02
N LEU A 82 14.79 -53.88 -7.32
CA LEU A 82 14.34 -52.83 -8.22
C LEU A 82 14.33 -51.46 -7.52
N ALA A 83 13.98 -51.43 -6.24
CA ALA A 83 13.79 -50.15 -5.56
C ALA A 83 15.09 -49.59 -5.00
N GLN A 84 15.74 -50.34 -4.11
CA GLN A 84 16.95 -49.86 -3.45
C GLN A 84 18.24 -50.36 -4.10
N GLY A 85 18.19 -51.42 -4.89
CA GLY A 85 19.38 -51.94 -5.51
C GLY A 85 20.16 -52.91 -4.65
N VAL A 86 19.69 -53.25 -3.47
CA VAL A 86 20.35 -54.21 -2.61
C VAL A 86 19.86 -55.60 -2.96
N ASP A 87 20.71 -56.59 -2.70
CA ASP A 87 20.33 -57.99 -2.80
C ASP A 87 20.28 -58.57 -1.40
N ILE A 88 19.08 -58.90 -0.94
CA ILE A 88 18.90 -59.28 0.46
C ILE A 88 19.13 -60.76 0.72
N ASN A 89 19.03 -61.61 -0.30
CA ASN A 89 19.21 -63.04 -0.13
C ASN A 89 20.54 -63.55 -0.66
N GLY A 90 21.39 -62.69 -1.20
CA GLY A 90 22.67 -63.13 -1.70
C GLY A 90 22.60 -63.91 -3.00
N GLU A 91 21.49 -63.82 -3.73
CA GLU A 91 21.30 -64.58 -4.95
C GLU A 91 21.69 -63.80 -6.20
N ALA A 92 22.19 -62.58 -6.05
CA ALA A 92 22.54 -61.77 -7.22
C ALA A 92 23.85 -62.24 -7.82
N GLU A 93 23.99 -62.04 -9.12
CA GLU A 93 25.23 -62.37 -9.81
C GLU A 93 26.35 -61.45 -9.35
N THR A 94 27.51 -62.05 -9.07
CA THR A 94 28.68 -61.32 -8.61
C THR A 94 29.69 -61.32 -9.75
N PHE A 95 29.70 -60.25 -10.53
CA PHE A 95 30.61 -60.15 -11.67
C PHE A 95 32.05 -59.98 -11.19
N ALA A 96 32.99 -60.41 -12.01
CA ALA A 96 34.39 -60.22 -11.69
C ALA A 96 34.72 -58.73 -11.65
N PRO A 97 35.52 -58.29 -10.69
CA PRO A 97 35.82 -56.85 -10.59
C PRO A 97 36.63 -56.31 -11.75
N GLY A 98 37.36 -57.15 -12.47
CA GLY A 98 38.27 -56.65 -13.48
C GLY A 98 37.57 -55.93 -14.61
N GLU A 99 36.51 -56.54 -15.15
CA GLU A 99 35.87 -55.99 -16.33
C GLU A 99 34.94 -54.83 -15.98
N ILE A 100 34.68 -54.00 -16.98
CA ILE A 100 33.76 -52.88 -16.84
C ILE A 100 32.43 -53.17 -17.52
N ASN A 101 32.47 -53.66 -18.75
CA ASN A 101 31.26 -54.01 -19.51
C ASN A 101 30.75 -55.37 -19.04
N ALA A 102 30.25 -55.38 -17.80
CA ALA A 102 29.73 -56.58 -17.18
C ALA A 102 28.21 -56.50 -17.07
N GLY A 103 27.58 -57.65 -16.96
CA GLY A 103 26.14 -57.70 -16.84
C GLY A 103 25.39 -57.43 -18.12
N ALA A 104 26.03 -57.59 -19.28
CA ALA A 104 25.37 -57.34 -20.56
C ALA A 104 24.03 -58.05 -20.67
N GLU A 105 23.99 -59.33 -20.29
CA GLU A 105 22.72 -60.03 -20.32
C GLU A 105 21.74 -59.42 -19.33
N LEU A 106 22.19 -59.13 -18.11
CA LEU A 106 21.29 -58.55 -17.11
C LEU A 106 20.83 -57.16 -17.55
N ARG A 107 21.72 -56.38 -18.14
CA ARG A 107 21.32 -55.07 -18.64
C ARG A 107 20.34 -55.18 -19.80
N SER A 108 20.44 -56.25 -20.58
CA SER A 108 19.52 -56.43 -21.69
C SER A 108 18.14 -56.86 -21.20
N LYS A 109 18.09 -57.68 -20.15
CA LYS A 109 16.82 -58.20 -19.69
C LYS A 109 16.09 -57.26 -18.74
N ASN A 110 16.80 -56.53 -17.91
CA ASN A 110 16.20 -55.66 -16.89
C ASN A 110 16.60 -54.22 -17.18
N PRO A 111 15.79 -53.46 -17.90
CA PRO A 111 16.15 -52.06 -18.20
C PRO A 111 16.25 -51.19 -16.97
N LEU A 112 15.47 -51.44 -15.93
CA LEU A 112 15.52 -50.57 -14.76
C LEU A 112 16.85 -50.71 -14.05
N ILE A 113 17.31 -51.94 -13.84
CA ILE A 113 18.62 -52.17 -13.24
C ILE A 113 19.73 -51.62 -14.12
N SER A 114 19.53 -51.62 -15.45
CA SER A 114 20.54 -51.05 -16.32
C SER A 114 20.61 -49.53 -16.16
N LEU A 115 19.45 -48.86 -16.16
CA LEU A 115 19.44 -47.42 -15.95
C LEU A 115 19.98 -47.06 -14.59
N PHE A 116 19.24 -47.43 -13.56
CA PHE A 116 19.64 -47.22 -12.18
C PHE A 116 20.27 -48.52 -11.70
N GLY A 117 21.55 -48.49 -11.36
CA GLY A 117 22.26 -49.72 -11.11
C GLY A 117 21.82 -50.39 -9.83
N ARG A 118 22.46 -51.51 -9.57
CA ARG A 118 22.40 -52.22 -8.30
C ARG A 118 23.80 -52.32 -7.74
N TRP A 119 23.93 -52.91 -6.55
CA TRP A 119 25.25 -53.08 -5.98
C TRP A 119 26.01 -54.13 -6.77
N GLY A 120 27.08 -53.72 -7.44
CA GLY A 120 27.83 -54.58 -8.32
C GLY A 120 27.63 -54.29 -9.79
N LEU A 121 26.70 -53.39 -10.13
CA LEU A 121 26.43 -53.04 -11.51
C LEU A 121 26.19 -51.55 -11.58
N SER A 122 27.06 -50.82 -12.26
CA SER A 122 26.91 -49.38 -12.35
C SER A 122 25.71 -49.02 -13.22
N GLY A 123 25.05 -47.93 -12.86
CA GLY A 123 23.88 -47.49 -13.57
C GLY A 123 24.20 -46.49 -14.67
N LYS A 124 23.41 -46.53 -15.74
CA LYS A 124 23.64 -45.64 -16.87
C LYS A 124 23.03 -44.27 -16.67
N VAL A 125 22.17 -44.09 -15.69
CA VAL A 125 21.44 -42.83 -15.52
C VAL A 125 22.19 -41.97 -14.52
N GLY A 126 22.62 -40.80 -14.97
CA GLY A 126 23.17 -39.81 -14.07
C GLY A 126 22.20 -38.66 -13.95
N ILE A 127 21.87 -38.28 -12.72
CA ILE A 127 20.93 -37.21 -12.47
C ILE A 127 21.60 -36.19 -11.58
N GLY A 128 21.75 -34.96 -12.10
CA GLY A 128 22.49 -33.93 -11.40
C GLY A 128 21.63 -33.10 -10.49
N ASN A 129 22.26 -32.16 -9.81
CA ASN A 129 21.58 -31.29 -8.87
C ASN A 129 20.72 -30.28 -9.62
N ALA A 130 19.82 -29.65 -8.88
CA ALA A 130 19.00 -28.57 -9.42
C ALA A 130 19.54 -27.27 -8.85
N ILE A 131 20.48 -26.66 -9.57
CA ILE A 131 21.17 -25.45 -9.13
C ILE A 131 20.34 -24.21 -9.45
N PRO A 132 20.07 -23.35 -8.48
CA PRO A 132 19.26 -22.16 -8.75
C PRO A 132 19.98 -21.18 -9.67
N ASP A 133 19.19 -20.38 -10.37
CA ASP A 133 19.73 -19.38 -11.28
C ASP A 133 19.92 -18.02 -10.62
N GLY A 134 18.94 -17.56 -9.85
CA GLY A 134 19.00 -16.25 -9.24
C GLY A 134 19.87 -16.26 -8.00
N ASP A 135 19.68 -15.21 -7.18
CA ASP A 135 20.44 -15.06 -5.96
C ASP A 135 19.56 -14.89 -4.72
N ASN A 136 18.25 -14.76 -4.89
CA ASN A 136 17.37 -14.64 -3.74
C ASN A 136 16.16 -15.53 -3.93
N GLN A 137 16.39 -16.73 -4.46
CA GLN A 137 15.33 -17.66 -4.80
C GLN A 137 15.05 -18.68 -3.70
N TRP A 138 15.46 -18.39 -2.46
CA TRP A 138 15.17 -19.26 -1.34
C TRP A 138 14.69 -18.43 -0.17
N GLY A 139 13.78 -18.99 0.61
CA GLY A 139 13.24 -18.27 1.74
C GLY A 139 12.70 -19.23 2.77
N MET A 140 12.45 -18.69 3.96
CA MET A 140 11.98 -19.49 5.09
C MET A 140 10.46 -19.57 5.02
N PHE A 141 9.97 -20.61 4.35
CA PHE A 141 8.54 -20.85 4.24
C PHE A 141 8.04 -21.66 5.43
N GLY A 142 6.84 -22.19 5.28
CA GLY A 142 6.23 -22.97 6.34
C GLY A 142 5.90 -22.11 7.53
N GLY A 143 6.47 -22.46 8.67
CA GLY A 143 6.18 -21.71 9.87
C GLY A 143 4.75 -21.95 10.29
N GLY A 144 4.12 -20.93 10.83
CA GLY A 144 2.82 -21.11 11.43
C GLY A 144 2.93 -21.42 12.90
N ALA A 145 1.80 -21.78 13.49
CA ALA A 145 1.77 -22.05 14.93
C ALA A 145 0.52 -22.84 15.26
N ARG A 146 0.69 -24.00 15.87
CA ARG A 146 -0.46 -24.82 16.27
C ARG A 146 -1.20 -24.15 17.41
N SER A 147 -2.51 -24.10 17.30
CA SER A 147 -3.37 -23.43 18.26
C SER A 147 -4.24 -24.46 18.96
N ILE A 148 -5.13 -23.99 19.81
CA ILE A 148 -6.09 -24.83 20.50
C ILE A 148 -7.44 -24.61 19.84
N MET A 149 -8.05 -25.69 19.36
CA MET A 149 -9.25 -25.58 18.56
C MET A 149 -10.44 -25.04 19.35
N PHE A 150 -10.39 -25.12 20.68
CA PHE A 150 -11.48 -24.61 21.49
C PHE A 150 -11.26 -23.21 22.03
N GLN A 151 -10.01 -22.72 22.05
CA GLN A 151 -9.77 -21.33 22.40
C GLN A 151 -9.87 -20.39 21.20
N ARG A 152 -9.95 -20.93 19.99
CA ARG A 152 -10.07 -20.13 18.78
C ARG A 152 -11.52 -20.00 18.32
N ASP A 153 -12.27 -21.10 18.32
CA ASP A 153 -13.66 -21.12 17.90
C ASP A 153 -14.49 -21.48 19.14
N GLU A 154 -15.31 -20.55 19.60
CA GLU A 154 -16.11 -20.79 20.79
C GLU A 154 -17.32 -21.67 20.52
N SER A 155 -17.77 -21.77 19.28
CA SER A 155 -18.91 -22.63 18.97
C SER A 155 -18.60 -24.10 19.19
N LEU A 156 -17.32 -24.47 19.20
CA LEU A 156 -16.94 -25.86 19.43
C LEU A 156 -17.15 -26.29 20.87
N MET A 157 -17.17 -25.34 21.81
CA MET A 157 -17.41 -25.70 23.20
C MET A 157 -18.82 -26.22 23.42
N GLU A 158 -19.77 -25.80 22.58
CA GLU A 158 -21.14 -26.27 22.74
C GLU A 158 -21.26 -27.76 22.51
N PHE A 159 -20.34 -28.34 21.73
CA PHE A 159 -20.37 -29.78 21.47
C PHE A 159 -19.88 -30.59 22.66
N LEU A 160 -18.93 -30.04 23.41
CA LEU A 160 -18.34 -30.78 24.53
C LEU A 160 -19.33 -30.92 25.67
N GLU A 161 -19.30 -32.08 26.32
CA GLU A 161 -20.06 -32.27 27.55
C GLU A 161 -19.26 -31.74 28.73
N THR A 162 -19.89 -31.77 29.92
CA THR A 162 -19.29 -31.15 31.09
C THR A 162 -17.98 -31.82 31.47
N ASP A 163 -17.95 -33.16 31.45
CA ASP A 163 -16.72 -33.86 31.80
C ASP A 163 -15.61 -33.55 30.81
N GLN A 164 -15.95 -33.45 29.53
CA GLN A 164 -14.93 -33.11 28.53
C GLN A 164 -14.44 -31.68 28.70
N VAL A 165 -15.34 -30.76 29.07
CA VAL A 165 -14.90 -29.39 29.34
C VAL A 165 -13.95 -29.35 30.52
N ASP A 166 -14.26 -30.12 31.57
CA ASP A 166 -13.37 -30.20 32.72
C ASP A 166 -12.02 -30.79 32.31
N ARG A 167 -12.03 -31.81 31.45
CA ARG A 167 -10.79 -32.39 30.97
C ARG A 167 -9.97 -31.36 30.19
N LEU A 168 -10.63 -30.56 29.37
CA LEU A 168 -9.93 -29.52 28.63
C LEU A 168 -9.32 -28.50 29.58
N GLU A 169 -10.05 -28.10 30.61
CA GLU A 169 -9.51 -27.14 31.57
C GLU A 169 -8.29 -27.71 32.28
N ARG A 170 -8.37 -28.98 32.68
CA ARG A 170 -7.21 -29.62 33.30
C ARG A 170 -6.03 -29.67 32.35
N LEU A 171 -6.30 -29.95 31.07
CA LEU A 171 -5.24 -30.00 30.06
C LEU A 171 -4.55 -28.64 29.94
N LEU A 172 -5.33 -27.58 29.88
CA LEU A 172 -4.74 -26.24 29.74
C LEU A 172 -3.91 -25.88 30.97
N GLU A 173 -4.44 -26.17 32.16
CA GLU A 173 -3.69 -25.86 33.38
C GLU A 173 -2.39 -26.63 33.44
N GLU A 174 -2.42 -27.92 33.10
CA GLU A 174 -1.21 -28.72 33.11
C GLU A 174 -0.20 -28.20 32.10
N GLN A 175 -0.69 -27.80 30.91
CA GLN A 175 0.19 -27.26 29.90
C GLN A 175 0.89 -26.00 30.38
N ALA A 176 0.16 -25.11 31.04
CA ALA A 176 0.77 -23.87 31.55
C ALA A 176 1.80 -24.17 32.63
N GLU A 177 1.45 -25.05 33.58
CA GLU A 177 2.37 -25.37 34.66
C GLU A 177 3.66 -25.99 34.12
N ALA A 178 3.52 -26.96 33.21
CA ALA A 178 4.67 -27.61 32.63
C ALA A 178 5.52 -26.62 31.85
N SER A 179 4.87 -25.71 31.11
CA SER A 179 5.61 -24.70 30.37
C SER A 179 6.47 -23.86 31.32
N VAL A 180 5.89 -23.42 32.43
CA VAL A 180 6.65 -22.59 33.36
C VAL A 180 7.82 -23.37 33.96
N ASP A 181 7.56 -24.61 34.39
CA ASP A 181 8.62 -25.41 35.01
C ASP A 181 9.74 -25.69 34.04
N ILE A 182 9.40 -26.07 32.80
CA ILE A 182 10.42 -26.39 31.81
C ILE A 182 11.19 -25.13 31.43
N SER A 183 10.51 -23.97 31.40
CA SER A 183 11.22 -22.73 31.14
C SER A 183 12.25 -22.45 32.23
N GLN A 184 11.89 -22.72 33.50
CA GLN A 184 12.86 -22.55 34.58
C GLN A 184 14.05 -23.49 34.41
N ILE A 185 13.79 -24.75 34.06
CA ILE A 185 14.89 -25.70 33.90
C ILE A 185 15.79 -25.29 32.73
N LYS A 186 15.19 -24.85 31.63
CA LYS A 186 15.98 -24.39 30.49
C LYS A 186 16.80 -23.16 30.86
N THR A 187 16.23 -22.28 31.68
CA THR A 187 16.98 -21.11 32.14
C THR A 187 18.22 -21.52 32.92
N GLU A 188 18.05 -22.47 33.85
CA GLU A 188 19.20 -22.96 34.60
C GLU A 188 20.23 -23.62 33.68
N GLN A 189 19.75 -24.42 32.72
CA GLN A 189 20.65 -25.08 31.78
C GLN A 189 21.44 -24.07 30.96
N ASP A 190 20.78 -23.02 30.48
CA ASP A 190 21.46 -21.97 29.72
C ASP A 190 22.47 -21.22 30.60
N ALA A 191 22.12 -21.00 31.87
CA ALA A 191 23.07 -20.39 32.78
C ALA A 191 24.32 -21.25 32.92
N LEU A 192 24.14 -22.57 32.99
CA LEU A 192 25.29 -23.47 32.98
C LEU A 192 26.08 -23.34 31.69
N LYS A 193 25.36 -23.22 30.56
CA LYS A 193 26.04 -23.17 29.24
C LYS A 193 26.91 -21.91 29.12
N LYS A 194 26.41 -20.77 29.62
CA LYS A 194 27.16 -19.52 29.49
C LYS A 194 28.48 -19.59 30.25
N ALA A 195 28.46 -20.13 31.47
CA ALA A 195 29.67 -20.29 32.26
C ALA A 195 30.46 -21.53 31.88
N MET A 196 29.95 -22.34 30.95
CA MET A 196 30.67 -23.54 30.53
C MET A 196 31.99 -23.19 29.85
N LYS A 197 31.98 -22.16 28.98
CA LYS A 197 33.21 -21.77 28.31
C LYS A 197 34.24 -21.23 29.31
N SER A 198 33.79 -20.46 30.30
CA SER A 198 34.69 -19.95 31.32
C SER A 198 35.13 -21.03 32.31
N ALA A 199 34.50 -22.20 32.27
CA ALA A 199 34.81 -23.25 33.24
C ALA A 199 36.18 -23.86 32.96
N ASP A 200 36.76 -24.40 34.04
CA ASP A 200 38.12 -24.99 33.95
C ASP A 200 38.03 -26.36 33.28
N LYS A 201 39.18 -26.90 32.94
CA LYS A 201 39.21 -28.19 32.21
C LYS A 201 38.62 -29.29 33.13
N ASP A 202 38.99 -29.28 34.41
CA ASP A 202 38.40 -30.25 35.32
C ASP A 202 36.90 -30.07 35.41
N THR A 203 36.44 -28.81 35.46
CA THR A 203 35.02 -28.53 35.56
C THR A 203 34.25 -28.83 34.28
N LYS A 204 34.95 -29.18 33.21
CA LYS A 204 34.27 -29.42 31.91
C LYS A 204 33.37 -30.66 32.02
N ALA A 205 33.63 -31.56 32.99
CA ALA A 205 32.86 -32.79 33.07
C ALA A 205 31.54 -32.59 33.82
N GLU A 206 31.61 -32.14 35.07
CA GLU A 206 30.41 -32.12 35.91
C GLU A 206 29.40 -31.08 35.43
N LEU A 207 29.83 -30.04 34.72
CA LEU A 207 28.86 -29.13 34.13
C LEU A 207 28.03 -29.82 33.06
N GLN A 208 28.68 -30.60 32.20
CA GLN A 208 27.93 -31.44 31.27
C GLN A 208 27.07 -32.45 32.00
N ILE A 209 27.55 -32.95 33.14
CA ILE A 209 26.76 -33.90 33.92
C ILE A 209 25.47 -33.24 34.41
N LYS A 210 25.57 -32.02 34.95
CA LYS A 210 24.36 -31.34 35.40
C LYS A 210 23.46 -30.99 34.23
N VAL A 211 24.03 -30.63 33.07
CA VAL A 211 23.18 -30.38 31.91
C VAL A 211 22.41 -31.63 31.53
N ARG A 212 23.09 -32.78 31.53
CA ARG A 212 22.42 -34.04 31.22
C ARG A 212 21.30 -34.32 32.21
N GLU A 213 21.59 -34.18 33.51
CA GLU A 213 20.59 -34.44 34.53
C GLU A 213 19.42 -33.48 34.44
N LEU A 214 19.69 -32.22 34.09
CA LEU A 214 18.61 -31.28 33.82
C LEU A 214 17.76 -31.75 32.65
N ASP A 215 18.39 -32.32 31.64
CA ASP A 215 17.63 -32.81 30.49
C ASP A 215 16.69 -33.94 30.90
N GLU A 216 17.19 -34.91 31.68
CA GLU A 216 16.24 -35.94 32.10
C GLU A 216 15.24 -35.42 33.13
N LYS A 217 15.54 -34.34 33.85
CA LYS A 217 14.50 -33.74 34.68
C LYS A 217 13.40 -33.13 33.82
N ILE A 218 13.76 -32.52 32.69
CA ILE A 218 12.74 -32.05 31.76
C ILE A 218 11.92 -33.22 31.25
N GLN A 219 12.59 -34.32 30.90
CA GLN A 219 11.85 -35.48 30.40
C GLN A 219 10.91 -36.04 31.46
N ALA A 220 11.38 -36.12 32.71
CA ALA A 220 10.53 -36.61 33.79
C ALA A 220 9.38 -35.66 34.08
N ARG A 221 9.63 -34.35 33.98
CA ARG A 221 8.56 -33.37 34.17
C ARG A 221 7.48 -33.53 33.11
N LYS A 222 7.89 -33.73 31.86
CA LYS A 222 6.90 -33.97 30.81
C LYS A 222 6.21 -35.31 31.01
N ASP A 223 6.90 -36.29 31.59
CA ASP A 223 6.28 -37.57 31.88
C ASP A 223 5.24 -37.44 33.00
N GLN A 224 5.46 -36.53 33.95
CA GLN A 224 4.49 -36.32 35.02
C GLN A 224 3.16 -35.81 34.50
N LYS A 225 3.15 -35.18 33.32
CA LYS A 225 1.90 -34.67 32.76
C LYS A 225 0.94 -35.82 32.45
N GLN A 226 -0.34 -35.58 32.72
CA GLN A 226 -1.35 -36.62 32.60
C GLN A 226 -2.28 -36.40 31.42
N GLU A 227 -2.88 -35.22 31.29
CA GLU A 227 -3.84 -34.98 30.22
C GLU A 227 -3.17 -35.08 28.85
N SER A 228 -1.99 -34.47 28.72
CA SER A 228 -1.24 -34.53 27.47
C SER A 228 0.24 -34.49 27.79
N ARG A 229 1.02 -35.32 27.11
CA ARG A 229 2.46 -35.29 27.30
C ARG A 229 3.11 -34.12 26.59
N GLU A 230 2.45 -33.56 25.57
CA GLU A 230 3.01 -32.50 24.77
C GLU A 230 2.08 -31.30 24.79
N SER A 231 2.67 -30.11 24.85
CA SER A 231 1.89 -28.88 24.83
C SER A 231 1.25 -28.71 23.46
N ILE A 232 -0.08 -28.61 23.44
CA ILE A 232 -0.79 -28.49 22.17
C ILE A 232 -0.41 -27.20 21.46
N ARG A 233 -0.46 -26.09 22.17
CA ARG A 233 -0.08 -24.80 21.59
C ARG A 233 1.43 -24.72 21.50
N ARG A 234 1.94 -24.51 20.29
CA ARG A 234 3.38 -24.45 20.09
C ARG A 234 3.70 -23.74 18.79
N PRO A 235 4.79 -22.97 18.72
CA PRO A 235 5.21 -22.39 17.46
C PRO A 235 5.77 -23.47 16.55
N ILE A 236 5.39 -23.42 15.30
CA ILE A 236 5.92 -24.35 14.31
C ILE A 236 7.17 -23.74 13.70
N ASP A 237 8.23 -24.51 13.64
CA ASP A 237 9.46 -24.00 13.08
C ASP A 237 9.38 -23.96 11.56
N PRO A 238 9.79 -22.86 10.94
CA PRO A 238 9.77 -22.78 9.48
C PRO A 238 10.85 -23.64 8.86
N TYR A 239 10.59 -24.05 7.63
CA TYR A 239 11.57 -24.78 6.83
C TYR A 239 12.01 -23.92 5.67
N GLU A 240 13.30 -23.99 5.34
CA GLU A 240 13.80 -23.25 4.19
C GLU A 240 13.47 -23.99 2.91
N ALA A 241 13.11 -23.23 1.87
CA ALA A 241 12.70 -23.81 0.61
C ALA A 241 12.95 -22.82 -0.50
N PHE A 242 12.98 -23.31 -1.73
CA PHE A 242 13.05 -22.44 -2.89
C PHE A 242 11.69 -21.80 -3.13
N ILE A 243 11.71 -20.51 -3.49
CA ILE A 243 10.47 -19.77 -3.65
C ILE A 243 9.66 -20.33 -4.81
N THR A 244 8.39 -19.94 -4.86
CA THR A 244 7.56 -20.29 -6.01
C THR A 244 8.09 -19.59 -7.24
N GLY A 245 8.10 -20.29 -8.36
CA GLY A 245 8.59 -19.68 -9.58
C GLY A 245 10.08 -19.54 -9.64
N ALA A 246 10.81 -20.35 -8.89
CA ALA A 246 12.26 -20.36 -8.95
C ALA A 246 12.71 -21.21 -10.12
N GLU A 247 13.73 -20.75 -10.83
CA GLU A 247 14.26 -21.44 -11.99
C GLU A 247 15.56 -22.14 -11.60
N LEU A 248 15.59 -23.45 -11.73
CA LEU A 248 16.69 -24.28 -11.30
C LEU A 248 17.24 -25.04 -12.48
N SER A 249 18.53 -24.93 -12.72
CA SER A 249 19.16 -25.62 -13.84
C SER A 249 19.34 -27.09 -13.49
N HIS A 250 18.96 -27.96 -14.41
CA HIS A 250 19.06 -29.40 -14.18
C HIS A 250 19.75 -30.07 -15.35
N ARG A 251 20.64 -31.01 -15.05
CA ARG A 251 21.36 -31.78 -16.05
C ARG A 251 21.18 -33.27 -15.76
N MET A 252 20.83 -34.04 -16.77
CA MET A 252 20.61 -35.48 -16.64
C MET A 252 21.20 -36.16 -17.85
N SER A 253 21.67 -37.40 -17.67
CA SER A 253 22.31 -38.11 -18.77
C SER A 253 22.03 -39.59 -18.67
N ILE A 254 22.10 -40.26 -19.81
CA ILE A 254 22.09 -41.71 -19.89
C ILE A 254 23.30 -42.14 -20.69
N LYS A 255 24.17 -42.94 -20.09
CA LYS A 255 25.43 -43.32 -20.70
C LYS A 255 25.27 -44.64 -21.44
N ASN A 256 25.54 -44.64 -22.74
CA ASN A 256 25.37 -45.83 -23.57
C ASN A 256 23.93 -46.33 -23.51
N ALA A 257 23.01 -45.50 -23.97
CA ALA A 257 21.59 -45.79 -23.85
C ALA A 257 21.12 -46.55 -25.07
N THR A 258 20.65 -47.78 -24.87
CA THR A 258 19.88 -48.44 -25.90
C THR A 258 18.53 -47.76 -26.05
N ASP A 259 17.83 -48.07 -27.13
CA ASP A 259 16.50 -47.49 -27.32
C ASP A 259 15.54 -47.95 -26.24
N GLU A 260 15.72 -49.16 -25.72
CA GLU A 260 14.81 -49.66 -24.70
C GLU A 260 15.04 -48.98 -23.35
N GLU A 261 16.29 -48.83 -22.94
CA GLU A 261 16.57 -48.16 -21.68
C GLU A 261 16.16 -46.70 -21.72
N ALA A 262 16.48 -46.02 -22.82
CA ALA A 262 16.05 -44.64 -22.97
C ALA A 262 14.53 -44.54 -23.03
N GLY A 263 13.88 -45.53 -23.64
CA GLY A 263 12.43 -45.55 -23.64
C GLY A 263 11.85 -45.68 -22.26
N LEU A 264 12.45 -46.55 -21.43
CA LEU A 264 12.00 -46.67 -20.04
C LEU A 264 12.21 -45.37 -19.31
N PHE A 265 13.32 -44.69 -19.56
CA PHE A 265 13.54 -43.41 -18.88
C PHE A 265 12.52 -42.36 -19.32
N ILE A 266 12.23 -42.28 -20.61
CA ILE A 266 11.22 -41.32 -21.07
C ILE A 266 9.86 -41.67 -20.48
N SER A 267 9.55 -42.96 -20.39
CA SER A 267 8.27 -43.38 -19.81
C SER A 267 8.20 -43.01 -18.33
N ALA A 268 9.33 -43.13 -17.62
CA ALA A 268 9.37 -42.71 -16.23
C ALA A 268 9.12 -41.23 -16.11
N LEU A 269 9.72 -40.43 -16.99
CA LEU A 269 9.47 -38.99 -16.96
C LEU A 269 8.02 -38.66 -17.30
N ILE A 270 7.42 -39.42 -18.21
CA ILE A 270 6.01 -39.23 -18.52
C ILE A 270 5.15 -39.55 -17.30
N ARG A 271 5.43 -40.68 -16.64
CA ARG A 271 4.66 -41.03 -15.46
C ARG A 271 4.98 -40.11 -14.29
N PHE A 272 6.21 -39.60 -14.23
CA PHE A 272 6.54 -38.66 -13.17
C PHE A 272 5.71 -37.39 -13.28
N ALA A 273 5.25 -37.04 -14.49
CA ALA A 273 4.54 -35.80 -14.67
C ALA A 273 3.14 -35.82 -14.09
N ALA A 274 2.58 -37.02 -13.84
CA ALA A 274 1.25 -37.07 -13.23
C ALA A 274 1.25 -36.45 -11.85
N GLU A 275 2.28 -36.72 -11.05
CA GLU A 275 2.50 -36.11 -9.74
C GLU A 275 3.93 -35.62 -9.69
N PRO A 276 4.23 -34.50 -10.32
CA PRO A 276 5.63 -34.05 -10.44
C PRO A 276 6.11 -33.23 -9.26
N ARG A 277 6.38 -33.89 -8.14
CA ARG A 277 6.85 -33.19 -6.95
C ARG A 277 8.09 -33.87 -6.40
N PHE A 278 9.05 -33.06 -5.98
CA PHE A 278 10.25 -33.51 -5.30
C PHE A 278 10.19 -33.07 -3.85
N GLY A 279 11.06 -33.65 -3.04
CA GLY A 279 11.15 -33.15 -1.68
C GLY A 279 9.93 -33.48 -0.85
N GLY A 280 9.82 -32.78 0.28
CA GLY A 280 8.83 -33.10 1.28
C GLY A 280 7.97 -31.91 1.64
N HIS A 281 7.39 -31.97 2.83
CA HIS A 281 6.36 -31.02 3.25
C HIS A 281 5.24 -30.94 2.23
N ALA A 282 4.78 -32.10 1.76
CA ALA A 282 3.68 -32.15 0.81
C ALA A 282 2.38 -31.65 1.41
N ASN A 283 2.28 -31.55 2.73
CA ASN A 283 1.05 -31.03 3.32
C ASN A 283 0.79 -29.59 2.89
N HIS A 284 1.85 -28.82 2.66
CA HIS A 284 1.71 -27.50 2.06
C HIS A 284 1.89 -27.54 0.54
N ASN A 285 1.69 -28.70 -0.07
CA ASN A 285 1.78 -28.85 -1.52
C ASN A 285 3.14 -28.44 -2.05
N CYS A 286 4.17 -28.53 -1.19
CA CYS A 286 5.50 -28.18 -1.62
C CYS A 286 6.04 -29.21 -2.60
N GLY A 287 7.04 -28.80 -3.36
CA GLY A 287 7.76 -29.70 -4.25
C GLY A 287 7.23 -29.76 -5.66
N LEU A 288 6.03 -29.25 -5.92
CA LEU A 288 5.45 -29.35 -7.25
C LEU A 288 6.28 -28.53 -8.22
N VAL A 289 6.69 -29.14 -9.34
CA VAL A 289 7.57 -28.48 -10.29
C VAL A 289 7.04 -28.68 -11.70
N GLU A 290 7.56 -27.88 -12.61
CA GLU A 290 7.41 -28.07 -14.04
C GLU A 290 8.78 -27.93 -14.68
N ALA A 291 9.11 -28.84 -15.58
CA ALA A 291 10.45 -28.90 -16.14
C ALA A 291 10.39 -29.11 -17.63
N HIS A 292 11.38 -28.57 -18.33
CA HIS A 292 11.55 -28.83 -19.75
C HIS A 292 13.01 -29.19 -20.00
N TRP A 293 13.23 -30.32 -20.65
CA TRP A 293 14.57 -30.84 -20.88
C TRP A 293 14.82 -30.90 -22.38
N THR A 294 16.00 -30.48 -22.81
CA THR A 294 16.39 -30.55 -24.20
C THR A 294 17.26 -31.79 -24.37
N VAL A 295 16.66 -32.86 -24.91
CA VAL A 295 17.38 -34.11 -25.08
C VAL A 295 18.36 -33.95 -26.23
N THR A 296 19.63 -34.20 -25.96
CA THR A 296 20.65 -34.08 -26.98
C THR A 296 21.65 -35.21 -26.83
N THR A 297 22.39 -35.46 -27.91
CA THR A 297 23.36 -36.55 -27.97
C THR A 297 24.65 -36.03 -28.58
N TRP A 298 25.62 -36.93 -28.75
CA TRP A 298 26.90 -36.58 -29.34
C TRP A 298 26.96 -37.07 -30.78
N LYS A 299 27.40 -36.19 -31.67
CA LYS A 299 27.54 -36.57 -33.07
C LYS A 299 28.61 -37.65 -33.20
N PRO A 300 28.34 -38.75 -33.89
CA PRO A 300 29.30 -39.86 -33.92
C PRO A 300 30.60 -39.45 -34.58
N GLY A 301 31.71 -39.71 -33.89
CA GLY A 301 33.02 -39.47 -34.42
C GLY A 301 33.59 -38.10 -34.14
N GLU A 302 32.82 -37.19 -33.54
CA GLU A 302 33.34 -35.86 -33.25
C GLU A 302 32.62 -35.30 -32.03
N LEU A 303 33.23 -34.26 -31.46
CA LEU A 303 32.73 -33.67 -30.21
C LEU A 303 31.80 -32.50 -30.54
N VAL A 304 30.64 -32.85 -31.09
CA VAL A 304 29.64 -31.88 -31.50
C VAL A 304 28.28 -32.36 -31.01
N PRO A 305 27.59 -31.61 -30.15
CA PRO A 305 26.26 -32.03 -29.71
C PRO A 305 25.26 -32.03 -30.84
N VAL A 306 24.31 -32.96 -30.75
CA VAL A 306 23.21 -33.09 -31.71
C VAL A 306 21.91 -33.09 -30.92
N THR A 307 21.00 -32.18 -31.27
CA THR A 307 19.72 -32.09 -30.57
C THR A 307 18.76 -33.12 -31.14
N LEU A 308 18.26 -34.01 -30.28
CA LEU A 308 17.30 -35.01 -30.72
C LEU A 308 15.86 -34.61 -30.49
N GLY A 309 15.59 -33.70 -29.56
CA GLY A 309 14.21 -33.31 -29.30
C GLY A 309 14.13 -32.52 -28.01
N GLU A 310 12.95 -32.57 -27.39
CA GLU A 310 12.74 -31.82 -26.17
C GLU A 310 11.54 -32.40 -25.43
N ILE A 311 11.66 -32.48 -24.11
CA ILE A 311 10.60 -32.96 -23.23
C ILE A 311 10.18 -31.79 -22.36
N VAL A 312 8.89 -31.46 -22.39
CA VAL A 312 8.35 -30.36 -21.60
C VAL A 312 7.26 -30.92 -20.70
N ILE A 313 7.42 -30.73 -19.40
CA ILE A 313 6.44 -31.16 -18.41
C ILE A 313 5.79 -29.91 -17.84
N THR A 314 4.48 -29.82 -18.00
CA THR A 314 3.68 -28.69 -17.56
C THR A 314 2.44 -29.22 -16.87
N PRO A 315 1.77 -28.41 -16.06
CA PRO A 315 0.51 -28.87 -15.45
C PRO A 315 -0.55 -29.22 -16.47
N ASN A 316 -0.44 -28.72 -17.69
CA ASN A 316 -1.45 -28.97 -18.72
C ASN A 316 -1.16 -30.20 -19.56
N GLY A 317 -0.01 -30.82 -19.41
CA GLY A 317 0.29 -32.04 -20.15
C GLY A 317 1.78 -32.20 -20.34
N VAL A 318 2.13 -33.25 -21.09
CA VAL A 318 3.50 -33.59 -21.41
C VAL A 318 3.67 -33.49 -22.92
N GLU A 319 4.68 -32.76 -23.36
CA GLU A 319 4.96 -32.57 -24.78
C GLU A 319 6.31 -33.20 -25.09
N ILE A 320 6.28 -34.27 -25.88
CA ILE A 320 7.50 -34.92 -26.35
C ILE A 320 7.70 -34.53 -27.80
N THR A 321 8.78 -33.82 -28.08
CA THR A 321 9.09 -33.37 -29.43
C THR A 321 10.34 -34.09 -29.92
N GLY A 322 10.28 -34.58 -31.15
CA GLY A 322 11.43 -35.28 -31.71
C GLY A 322 11.03 -36.72 -32.02
N ASP A 323 11.27 -37.11 -33.27
CA ASP A 323 10.91 -38.46 -33.70
C ASP A 323 11.74 -39.51 -32.99
N GLU A 324 12.99 -39.18 -32.66
CA GLU A 324 13.86 -40.14 -31.98
C GLU A 324 13.29 -40.53 -30.62
N LEU A 325 12.75 -39.56 -29.87
CA LEU A 325 12.22 -39.87 -28.55
C LEU A 325 11.01 -40.79 -28.65
N PHE A 326 10.14 -40.53 -29.63
CA PHE A 326 9.01 -41.43 -29.85
C PHE A 326 9.49 -42.82 -30.25
N ALA A 327 10.57 -42.88 -31.03
CA ALA A 327 11.14 -44.19 -31.38
C ALA A 327 11.61 -44.92 -30.14
N MET A 328 12.26 -44.22 -29.22
CA MET A 328 12.71 -44.85 -27.98
C MET A 328 11.52 -45.36 -27.16
N VAL A 329 10.49 -44.54 -27.02
CA VAL A 329 9.32 -44.94 -26.24
C VAL A 329 8.65 -46.14 -26.87
N LYS A 330 8.50 -46.14 -28.20
CA LYS A 330 7.89 -47.26 -28.89
C LYS A 330 8.74 -48.52 -28.76
N ALA A 331 10.06 -48.37 -28.82
CA ALA A 331 10.94 -49.52 -28.65
C ALA A 331 10.79 -50.13 -27.27
N PHE A 332 10.68 -49.29 -26.24
CA PHE A 332 10.43 -49.83 -24.91
C PHE A 332 9.07 -50.52 -24.84
N ASN A 333 8.05 -49.92 -25.44
CA ASN A 333 6.71 -50.48 -25.31
C ASN A 333 6.56 -51.79 -26.07
N GLU A 334 7.32 -51.98 -27.15
CA GLU A 334 7.17 -53.16 -27.98
C GLU A 334 8.01 -54.34 -27.55
N ASN A 335 9.02 -54.13 -26.71
CA ASN A 335 9.90 -55.22 -26.33
C ASN A 335 9.15 -56.26 -25.50
N GLN A 336 9.42 -57.53 -25.79
CA GLN A 336 8.75 -58.65 -25.14
C GLN A 336 9.70 -59.61 -24.47
N SER A 337 10.93 -59.17 -24.19
CA SER A 337 11.93 -60.06 -23.59
C SER A 337 12.27 -59.70 -22.16
N PHE A 338 11.82 -58.56 -21.66
CA PHE A 338 12.22 -58.10 -20.34
C PHE A 338 11.74 -59.06 -19.26
N ASP A 339 12.63 -59.37 -18.32
CA ASP A 339 12.31 -60.20 -17.16
C ASP A 339 12.89 -59.52 -15.94
N PHE A 340 12.04 -58.88 -15.15
CA PHE A 340 12.47 -58.13 -13.99
C PHE A 340 12.57 -58.98 -12.73
N THR A 341 12.25 -60.26 -12.80
CA THR A 341 12.34 -61.13 -11.65
C THR A 341 13.77 -61.60 -11.43
N MET B 1 -9.14 -44.25 -6.54
CA MET B 1 -7.77 -43.84 -6.32
C MET B 1 -7.26 -42.98 -7.46
N ARG B 2 -7.51 -41.68 -7.36
CA ARG B 2 -7.09 -40.71 -8.37
C ARG B 2 -6.44 -39.52 -7.70
N THR B 3 -5.64 -38.80 -8.47
CA THR B 3 -5.04 -37.56 -8.02
C THR B 3 -5.86 -36.40 -8.56
N LEU B 4 -6.31 -35.53 -7.67
CA LEU B 4 -7.11 -34.37 -8.04
C LEU B 4 -6.29 -33.12 -7.77
N ASN B 5 -6.13 -32.28 -8.78
CA ASN B 5 -5.40 -31.03 -8.63
C ASN B 5 -6.38 -29.88 -8.72
N PHE B 6 -6.43 -29.07 -7.67
CA PHE B 6 -7.33 -27.92 -7.61
C PHE B 6 -6.51 -26.70 -7.98
N ASN B 7 -6.55 -26.32 -9.25
CA ASN B 7 -5.87 -25.11 -9.70
C ASN B 7 -6.90 -24.02 -9.89
N GLY B 8 -6.67 -22.89 -9.24
CA GLY B 8 -7.64 -21.82 -9.30
C GLY B 8 -7.07 -20.55 -8.73
N LYS B 9 -7.98 -19.65 -8.36
CA LYS B 9 -7.61 -18.35 -7.83
C LYS B 9 -8.48 -18.01 -6.62
N ILE B 10 -7.92 -17.19 -5.73
CA ILE B 10 -8.62 -16.69 -4.58
C ILE B 10 -8.75 -15.18 -4.76
N SER B 11 -9.96 -14.71 -4.93
CA SER B 11 -10.23 -13.29 -5.07
C SER B 11 -10.63 -12.71 -3.72
N THR B 12 -10.12 -11.54 -3.42
CA THR B 12 -10.22 -10.96 -2.09
C THR B 12 -11.33 -9.91 -2.06
N LEU B 13 -12.27 -10.08 -1.13
CA LEU B 13 -13.34 -9.11 -0.94
C LEU B 13 -13.05 -8.12 0.17
N GLU B 14 -12.28 -8.51 1.18
CA GLU B 14 -11.81 -7.67 2.26
C GLU B 14 -10.35 -7.97 2.50
N PRO B 15 -9.58 -7.01 3.03
CA PRO B 15 -8.13 -7.21 3.14
C PRO B 15 -7.79 -8.53 3.82
N LEU B 16 -6.76 -9.20 3.31
CA LEU B 16 -6.36 -10.52 3.77
C LEU B 16 -5.06 -10.38 4.54
N THR B 17 -5.08 -10.68 5.83
CA THR B 17 -3.92 -10.51 6.68
C THR B 17 -3.70 -11.75 7.54
N VAL B 18 -2.46 -11.91 8.00
CA VAL B 18 -2.09 -13.05 8.82
C VAL B 18 -0.82 -12.68 9.58
N THR B 19 -0.73 -13.15 10.82
CA THR B 19 0.42 -12.89 11.67
C THR B 19 1.22 -14.17 11.81
N VAL B 20 2.34 -14.25 11.11
CA VAL B 20 3.24 -15.40 11.20
C VAL B 20 4.40 -15.01 12.11
N LYS B 21 4.74 -15.90 13.04
CA LYS B 21 5.70 -15.56 14.08
C LYS B 21 7.04 -15.17 13.49
N ASN B 22 7.51 -15.92 12.49
CA ASN B 22 8.81 -15.64 11.90
C ASN B 22 8.80 -14.50 10.89
N ALA B 23 7.63 -13.99 10.54
CA ALA B 23 7.56 -12.91 9.56
C ALA B 23 7.47 -11.53 10.21
N VAL B 24 6.86 -11.43 11.38
CA VAL B 24 6.69 -10.15 12.04
C VAL B 24 7.94 -9.83 12.85
N SER B 25 8.28 -8.55 12.93
CA SER B 25 9.47 -8.08 13.63
C SER B 25 9.09 -6.93 14.56
N THR B 26 10.09 -6.39 15.24
CA THR B 26 9.86 -5.23 16.08
C THR B 26 9.54 -3.98 15.25
N SER B 27 10.08 -3.91 14.03
CA SER B 27 9.81 -2.76 13.18
C SER B 27 8.33 -2.61 12.90
N GLY B 28 7.65 -3.72 12.58
CA GLY B 28 6.23 -3.67 12.36
C GLY B 28 5.72 -5.00 11.89
N HIS B 29 4.42 -5.04 11.67
CA HIS B 29 3.75 -6.24 11.17
C HIS B 29 3.94 -6.33 9.67
N ARG B 30 4.47 -7.45 9.20
CA ARG B 30 4.65 -7.69 7.77
C ARG B 30 4.07 -9.05 7.41
N LEU B 31 3.58 -9.15 6.18
CA LEU B 31 3.15 -10.42 5.65
C LEU B 31 4.36 -11.30 5.39
N PRO B 32 4.18 -12.62 5.41
CA PRO B 32 5.28 -13.50 5.02
C PRO B 32 5.61 -13.31 3.55
N ARG B 33 6.90 -13.23 3.25
CA ARG B 33 7.38 -12.91 1.93
C ARG B 33 7.77 -14.17 1.18
N ASN B 34 7.66 -14.11 -0.15
CA ASN B 34 8.01 -15.24 -1.01
C ASN B 34 9.52 -15.27 -1.23
N GLY B 35 10.25 -15.25 -0.12
CA GLY B 35 11.68 -15.41 -0.15
C GLY B 35 12.41 -14.09 -0.16
N GLY B 36 13.00 -13.71 0.95
CA GLY B 36 13.69 -12.43 1.06
C GLY B 36 12.84 -11.39 1.74
N PHE B 37 13.47 -10.26 2.03
CA PHE B 37 12.76 -9.17 2.66
C PHE B 37 12.02 -8.29 1.67
N ASN B 38 12.51 -8.20 0.44
CA ASN B 38 11.93 -7.31 -0.56
C ASN B 38 11.06 -8.03 -1.58
N ALA B 39 10.78 -9.31 -1.40
CA ALA B 39 10.00 -10.04 -2.38
C ALA B 39 8.51 -9.82 -2.18
N ALA B 40 7.72 -10.40 -3.05
CA ALA B 40 6.28 -10.28 -2.96
C ALA B 40 5.74 -11.12 -1.82
N PRO B 41 4.76 -10.64 -1.08
CA PRO B 41 4.18 -11.44 -0.01
C PRO B 41 3.38 -12.61 -0.55
N TYR B 42 2.83 -13.41 0.35
CA TYR B 42 1.94 -14.48 -0.04
C TYR B 42 1.05 -14.80 1.16
N PHE B 43 -0.04 -15.44 0.88
CA PHE B 43 -0.80 -15.90 2.04
C PHE B 43 -0.40 -17.33 2.36
N PRO B 44 -0.04 -17.63 3.60
CA PRO B 44 0.50 -18.95 3.91
C PRO B 44 -0.48 -20.05 3.57
N GLY B 45 0.05 -21.15 3.03
CA GLY B 45 -0.77 -22.33 2.85
C GLY B 45 -1.14 -22.99 4.15
N THR B 46 -0.39 -22.70 5.22
CA THR B 46 -0.72 -23.26 6.52
C THR B 46 -2.05 -22.72 7.03
N SER B 47 -2.30 -21.43 6.87
CA SER B 47 -3.58 -20.86 7.33
C SER B 47 -4.74 -21.42 6.54
N ILE B 48 -4.60 -21.51 5.22
CA ILE B 48 -5.66 -22.08 4.41
C ILE B 48 -5.88 -23.54 4.78
N ARG B 49 -4.80 -24.29 4.98
CA ARG B 49 -4.93 -25.69 5.36
C ARG B 49 -5.64 -25.83 6.68
N GLY B 50 -5.30 -25.01 7.66
CA GLY B 50 -5.96 -25.09 8.95
C GLY B 50 -7.43 -24.74 8.88
N THR B 51 -7.76 -23.69 8.12
CA THR B 51 -9.16 -23.32 7.98
C THR B 51 -9.96 -24.42 7.33
N LEU B 52 -9.44 -25.01 6.25
CA LEU B 52 -10.15 -26.08 5.58
C LEU B 52 -10.20 -27.34 6.43
N ARG B 53 -9.17 -27.61 7.22
CA ARG B 53 -9.19 -28.77 8.09
C ARG B 53 -10.25 -28.63 9.17
N HIS B 54 -10.38 -27.44 9.75
CA HIS B 54 -11.43 -27.24 10.72
C HIS B 54 -12.80 -27.27 10.08
N ALA B 55 -12.92 -26.77 8.85
CA ALA B 55 -14.19 -26.89 8.14
C ALA B 55 -14.58 -28.34 7.92
N ALA B 56 -13.61 -29.17 7.52
CA ALA B 56 -13.88 -30.60 7.36
C ALA B 56 -14.22 -31.25 8.69
N HIS B 57 -13.54 -30.83 9.76
CA HIS B 57 -13.88 -31.35 11.09
C HIS B 57 -15.32 -31.04 11.45
N LYS B 58 -15.77 -29.82 11.17
CA LYS B 58 -17.15 -29.49 11.48
C LYS B 58 -18.12 -30.23 10.57
N VAL B 59 -17.71 -30.49 9.32
CA VAL B 59 -18.53 -31.34 8.45
C VAL B 59 -18.73 -32.70 9.10
N ILE B 60 -17.65 -33.28 9.61
CA ILE B 60 -17.74 -34.60 10.25
C ILE B 60 -18.59 -34.53 11.51
N VAL B 61 -18.41 -33.48 12.31
CA VAL B 61 -19.19 -33.35 13.54
C VAL B 61 -20.67 -33.27 13.23
N ASP B 62 -21.05 -32.51 12.20
CA ASP B 62 -22.45 -32.43 11.82
C ASP B 62 -22.95 -33.75 11.24
N ARG B 63 -22.10 -34.45 10.50
CA ARG B 63 -22.55 -35.68 9.83
C ARG B 63 -22.76 -36.80 10.83
N VAL B 64 -21.89 -36.92 11.83
CA VAL B 64 -22.06 -37.96 12.83
C VAL B 64 -23.36 -37.77 13.60
N GLY B 65 -23.66 -36.54 13.98
CA GLY B 65 -24.90 -36.27 14.67
C GLY B 65 -24.68 -35.58 16.00
N LEU B 66 -25.67 -34.83 16.45
CA LEU B 66 -25.65 -34.19 17.74
C LEU B 66 -26.87 -34.63 18.53
N ASN B 67 -26.67 -34.92 19.82
CA ASN B 67 -27.76 -35.41 20.65
C ASN B 67 -28.76 -34.29 20.92
N ALA B 68 -29.78 -34.62 21.72
CA ALA B 68 -30.82 -33.63 22.04
C ALA B 68 -30.23 -32.43 22.77
N ASP B 69 -29.13 -32.63 23.49
CA ASP B 69 -28.45 -31.53 24.17
C ASP B 69 -27.49 -30.78 23.26
N GLY B 70 -27.30 -31.20 22.02
CA GLY B 70 -26.33 -30.58 21.14
C GLY B 70 -24.90 -30.94 21.45
N LYS B 71 -24.65 -32.18 21.84
CA LYS B 71 -23.31 -32.65 22.17
C LYS B 71 -22.87 -33.72 21.17
N SER B 72 -21.59 -33.69 20.84
CA SER B 72 -21.20 -34.71 19.87
C SER B 72 -20.71 -35.96 20.59
N PRO B 73 -20.85 -37.13 19.95
CA PRO B 73 -20.32 -38.35 20.56
C PRO B 73 -18.83 -38.32 20.79
N PHE B 74 -18.09 -37.48 20.09
CA PHE B 74 -16.63 -37.46 20.21
C PHE B 74 -16.22 -36.85 21.54
N ASP B 75 -15.23 -37.46 22.18
CA ASP B 75 -14.67 -36.90 23.39
C ASP B 75 -13.67 -35.80 22.99
N LEU B 76 -12.88 -35.33 23.94
CA LEU B 76 -11.91 -34.28 23.63
C LEU B 76 -10.85 -34.81 22.68
N ALA B 77 -10.41 -36.06 22.88
CA ALA B 77 -9.31 -36.61 22.10
C ALA B 77 -9.66 -36.73 20.63
N GLU B 78 -10.88 -37.20 20.32
CA GLU B 78 -11.29 -37.30 18.93
C GLU B 78 -11.33 -35.93 18.26
N HIS B 79 -11.85 -34.91 18.96
CA HIS B 79 -11.86 -33.57 18.38
C HIS B 79 -10.45 -33.08 18.08
N PHE B 80 -9.53 -33.28 19.04
CA PHE B 80 -8.16 -32.83 18.80
C PHE B 80 -7.53 -33.58 17.64
N MET B 81 -7.78 -34.88 17.54
CA MET B 81 -7.20 -35.65 16.44
C MET B 81 -7.76 -35.23 15.10
N LEU B 82 -9.06 -34.97 15.02
CA LEU B 82 -9.66 -34.65 13.73
C LEU B 82 -9.35 -33.25 13.27
N ALA B 83 -9.23 -32.28 14.20
CA ALA B 83 -8.97 -30.91 13.79
C ALA B 83 -7.50 -30.54 13.89
N GLN B 84 -6.90 -30.67 15.07
CA GLN B 84 -5.49 -30.32 15.24
C GLN B 84 -4.56 -31.41 14.71
N GLY B 85 -5.03 -32.64 14.59
CA GLY B 85 -4.15 -33.72 14.23
C GLY B 85 -3.21 -34.15 15.34
N VAL B 86 -3.52 -33.78 16.58
CA VAL B 86 -2.69 -34.11 17.73
C VAL B 86 -3.46 -35.08 18.62
N ASP B 87 -2.76 -36.08 19.15
CA ASP B 87 -3.34 -37.02 20.10
C ASP B 87 -2.86 -36.67 21.51
N ILE B 88 -3.79 -36.65 22.46
CA ILE B 88 -3.44 -36.27 23.82
C ILE B 88 -3.35 -37.49 24.73
N ASN B 89 -4.24 -38.47 24.55
CA ASN B 89 -4.20 -39.65 25.41
C ASN B 89 -3.05 -40.59 25.07
N GLY B 90 -2.48 -40.46 23.87
CA GLY B 90 -1.42 -41.37 23.47
C GLY B 90 -1.90 -42.70 22.96
N GLU B 91 -3.12 -42.76 22.43
CA GLU B 91 -3.71 -44.00 21.94
C GLU B 91 -3.65 -44.10 20.42
N ALA B 92 -3.09 -43.10 19.75
CA ALA B 92 -2.98 -43.13 18.29
C ALA B 92 -2.22 -44.38 17.83
N GLU B 93 -2.75 -45.04 16.81
CA GLU B 93 -2.21 -46.31 16.33
C GLU B 93 -0.88 -46.06 15.63
N THR B 94 0.17 -45.93 16.44
CA THR B 94 1.50 -45.72 15.90
C THR B 94 1.89 -46.86 14.99
N PHE B 95 2.38 -46.53 13.79
CA PHE B 95 2.81 -47.50 12.80
C PHE B 95 4.33 -47.57 12.82
N ALA B 96 4.86 -48.67 13.33
CA ALA B 96 6.29 -48.88 13.28
C ALA B 96 6.75 -48.86 11.82
N PRO B 97 7.90 -48.25 11.52
CA PRO B 97 8.38 -48.24 10.14
C PRO B 97 8.62 -49.65 9.64
N GLY B 98 8.28 -49.87 8.37
CA GLY B 98 8.34 -51.19 7.80
C GLY B 98 7.00 -51.87 7.67
N GLU B 99 5.96 -51.33 8.29
CA GLU B 99 4.64 -51.93 8.17
C GLU B 99 4.12 -51.78 6.76
N ILE B 100 3.62 -52.87 6.20
CA ILE B 100 3.08 -52.90 4.86
C ILE B 100 1.65 -52.38 4.91
N ASN B 101 1.35 -51.40 4.07
CA ASN B 101 0.03 -50.76 4.05
C ASN B 101 -0.33 -50.25 5.45
N ALA B 102 0.46 -49.28 5.91
CA ALA B 102 0.42 -48.89 7.32
C ALA B 102 -0.94 -48.34 7.71
N GLY B 103 -1.43 -47.36 6.96
CA GLY B 103 -2.67 -46.73 7.34
C GLY B 103 -3.91 -47.27 6.68
N ALA B 104 -3.82 -48.40 5.98
CA ALA B 104 -4.90 -48.91 5.15
C ALA B 104 -6.26 -48.89 5.85
N GLU B 105 -6.37 -49.59 6.99
CA GLU B 105 -7.65 -49.65 7.68
C GLU B 105 -8.07 -48.28 8.21
N LEU B 106 -7.11 -47.55 8.80
CA LEU B 106 -7.44 -46.23 9.33
C LEU B 106 -7.90 -45.29 8.22
N ARG B 107 -7.22 -45.31 7.07
CA ARG B 107 -7.64 -44.47 5.96
C ARG B 107 -9.00 -44.90 5.42
N SER B 108 -9.26 -46.19 5.37
CA SER B 108 -10.56 -46.64 4.85
C SER B 108 -11.69 -46.25 5.76
N LYS B 109 -11.47 -46.24 7.07
CA LYS B 109 -12.54 -45.94 8.00
C LYS B 109 -12.64 -44.48 8.40
N ASN B 110 -11.58 -43.69 8.24
CA ASN B 110 -11.55 -42.31 8.72
C ASN B 110 -11.09 -41.40 7.59
N PRO B 111 -12.01 -40.97 6.72
CA PRO B 111 -11.60 -40.13 5.59
C PRO B 111 -10.98 -38.80 5.99
N LEU B 112 -11.35 -38.24 7.14
CA LEU B 112 -10.74 -36.98 7.56
C LEU B 112 -9.26 -37.18 7.89
N ILE B 113 -8.94 -38.22 8.65
CA ILE B 113 -7.56 -38.47 9.00
C ILE B 113 -6.80 -39.02 7.81
N SER B 114 -7.50 -39.54 6.80
CA SER B 114 -6.84 -39.92 5.56
C SER B 114 -6.50 -38.70 4.73
N LEU B 115 -7.41 -37.74 4.64
CA LEU B 115 -7.14 -36.53 3.87
C LEU B 115 -6.03 -35.72 4.51
N PHE B 116 -6.17 -35.41 5.79
CA PHE B 116 -5.28 -34.42 6.40
C PHE B 116 -4.18 -35.05 7.23
N GLY B 117 -4.36 -36.27 7.71
CA GLY B 117 -3.26 -37.02 8.29
C GLY B 117 -2.86 -36.52 9.66
N ARG B 118 -1.89 -37.20 10.23
CA ARG B 118 -1.36 -36.91 11.55
C ARG B 118 0.12 -37.28 11.55
N TRP B 119 0.70 -37.35 12.74
CA TRP B 119 2.09 -37.77 12.85
C TRP B 119 2.19 -39.28 12.67
N GLY B 120 2.84 -39.71 11.60
CA GLY B 120 2.95 -41.11 11.26
C GLY B 120 2.04 -41.54 10.15
N LEU B 121 1.12 -40.68 9.72
CA LEU B 121 0.17 -40.99 8.65
C LEU B 121 0.15 -39.81 7.69
N SER B 122 0.78 -39.97 6.53
CA SER B 122 0.82 -38.90 5.55
C SER B 122 -0.59 -38.54 5.11
N GLY B 123 -0.89 -37.24 5.12
CA GLY B 123 -2.18 -36.78 4.63
C GLY B 123 -2.14 -36.65 3.12
N LYS B 124 -3.26 -36.97 2.49
CA LYS B 124 -3.35 -36.89 1.04
C LYS B 124 -3.54 -35.48 0.53
N VAL B 125 -3.93 -34.54 1.38
CA VAL B 125 -4.28 -33.20 0.94
C VAL B 125 -3.08 -32.28 1.12
N GLY B 126 -2.69 -31.62 0.04
CA GLY B 126 -1.67 -30.59 0.13
C GLY B 126 -2.21 -29.26 -0.34
N ILE B 127 -2.20 -28.26 0.53
CA ILE B 127 -2.81 -26.97 0.25
C ILE B 127 -1.71 -25.93 0.22
N GLY B 128 -1.42 -25.40 -0.97
CA GLY B 128 -0.28 -24.53 -1.15
C GLY B 128 -0.59 -23.07 -0.84
N ASN B 129 0.45 -22.25 -0.97
CA ASN B 129 0.33 -20.83 -0.70
C ASN B 129 -0.46 -20.13 -1.80
N ALA B 130 -0.88 -18.91 -1.51
CA ALA B 130 -1.57 -18.07 -2.48
C ALA B 130 -0.64 -16.93 -2.87
N ILE B 131 -0.37 -16.80 -4.15
CA ILE B 131 0.59 -15.84 -4.70
C ILE B 131 -0.19 -14.77 -5.45
N PRO B 132 0.06 -13.48 -5.20
CA PRO B 132 -0.63 -12.44 -5.95
C PRO B 132 -0.24 -12.46 -7.42
N ASP B 133 -1.14 -11.96 -8.26
CA ASP B 133 -0.83 -11.90 -9.69
C ASP B 133 -0.03 -10.67 -10.07
N GLY B 134 -0.31 -9.54 -9.45
CA GLY B 134 0.35 -8.32 -9.84
C GLY B 134 1.25 -7.77 -8.75
N ASP B 135 1.68 -6.53 -8.91
CA ASP B 135 2.50 -5.86 -7.92
C ASP B 135 1.66 -4.80 -7.21
N ASN B 136 2.10 -4.44 -6.01
CA ASN B 136 1.42 -3.45 -5.17
C ASN B 136 -0.02 -3.86 -4.89
N GLN B 137 -0.25 -5.16 -4.73
CA GLN B 137 -1.53 -5.67 -4.26
C GLN B 137 -1.54 -5.90 -2.76
N TRP B 138 -0.69 -5.20 -2.02
CA TRP B 138 -0.68 -5.26 -0.57
C TRP B 138 -0.43 -3.87 -0.02
N GLY B 139 -0.83 -3.65 1.22
CA GLY B 139 -0.63 -2.36 1.84
C GLY B 139 -0.91 -2.43 3.31
N MET B 140 -0.63 -1.33 3.99
CA MET B 140 -0.78 -1.26 5.44
C MET B 140 -2.19 -0.78 5.77
N PHE B 141 -2.96 -1.65 6.41
CA PHE B 141 -4.33 -1.37 6.80
C PHE B 141 -4.40 -1.26 8.31
N GLY B 142 -5.62 -1.09 8.82
CA GLY B 142 -5.78 -0.97 10.25
C GLY B 142 -5.58 0.46 10.70
N GLY B 143 -4.41 0.73 11.27
CA GLY B 143 -4.10 2.08 11.70
C GLY B 143 -5.12 2.58 12.71
N GLY B 144 -5.33 3.88 12.70
CA GLY B 144 -6.23 4.48 13.65
C GLY B 144 -5.58 4.74 14.99
N ALA B 145 -6.41 5.06 15.97
CA ALA B 145 -5.91 5.35 17.31
C ALA B 145 -7.05 5.27 18.29
N ARG B 146 -6.83 4.57 19.40
CA ARG B 146 -7.81 4.56 20.48
C ARG B 146 -7.84 5.92 21.15
N SER B 147 -9.02 6.32 21.61
CA SER B 147 -9.22 7.65 22.15
C SER B 147 -10.13 7.61 23.36
N ILE B 148 -9.90 8.55 24.27
CA ILE B 148 -10.81 8.76 25.40
C ILE B 148 -12.20 9.07 24.86
N MET B 149 -13.19 8.25 25.23
CA MET B 149 -14.54 8.51 24.77
C MET B 149 -15.13 9.75 25.41
N PHE B 150 -14.60 10.20 26.54
CA PHE B 150 -15.12 11.38 27.22
C PHE B 150 -14.43 12.66 26.80
N GLN B 151 -13.23 12.58 26.25
CA GLN B 151 -12.62 13.76 25.64
C GLN B 151 -13.18 14.01 24.25
N ARG B 152 -13.55 12.96 23.54
CA ARG B 152 -14.13 13.11 22.20
C ARG B 152 -15.57 13.58 22.29
N ASP B 153 -16.41 12.81 22.96
CA ASP B 153 -17.83 13.11 23.09
C ASP B 153 -18.07 13.61 24.51
N GLU B 154 -18.25 14.92 24.67
CA GLU B 154 -18.46 15.49 25.99
C GLU B 154 -19.83 15.12 26.56
N SER B 155 -20.79 14.81 25.68
CA SER B 155 -22.13 14.47 26.15
C SER B 155 -22.13 13.19 26.97
N LEU B 156 -21.05 12.39 26.90
CA LEU B 156 -20.94 11.21 27.74
C LEU B 156 -20.64 11.57 29.18
N MET B 157 -20.12 12.77 29.44
CA MET B 157 -19.81 13.18 30.81
C MET B 157 -21.07 13.30 31.66
N GLU B 158 -22.20 13.61 31.05
CA GLU B 158 -23.44 13.74 31.81
C GLU B 158 -23.82 12.45 32.53
N PHE B 159 -23.47 11.31 31.95
CA PHE B 159 -23.78 10.03 32.60
C PHE B 159 -22.92 9.83 33.84
N LEU B 160 -21.66 10.25 33.79
CA LEU B 160 -20.74 10.01 34.89
C LEU B 160 -21.14 10.78 36.14
N GLU B 161 -21.01 10.13 37.30
CA GLU B 161 -21.21 10.81 38.56
C GLU B 161 -19.94 11.54 38.98
N THR B 162 -20.07 12.39 40.00
CA THR B 162 -18.96 13.26 40.39
C THR B 162 -17.72 12.46 40.77
N ASP B 163 -17.90 11.40 41.55
CA ASP B 163 -16.76 10.57 41.94
C ASP B 163 -16.07 9.99 40.71
N GLN B 164 -16.85 9.51 39.74
CA GLN B 164 -16.25 8.98 38.54
C GLN B 164 -15.64 10.05 37.66
N VAL B 165 -16.18 11.27 37.68
CA VAL B 165 -15.55 12.36 36.96
C VAL B 165 -14.17 12.65 37.53
N ASP B 166 -14.08 12.70 38.86
CA ASP B 166 -12.78 12.91 39.50
C ASP B 166 -11.84 11.75 39.21
N ARG B 167 -12.36 10.52 39.20
CA ARG B 167 -11.54 9.37 38.84
C ARG B 167 -10.99 9.53 37.42
N LEU B 168 -11.82 10.01 36.50
CA LEU B 168 -11.37 10.27 35.14
C LEU B 168 -10.25 11.30 35.12
N GLU B 169 -10.40 12.38 35.89
CA GLU B 169 -9.37 13.40 35.92
C GLU B 169 -8.04 12.82 36.43
N ARG B 170 -8.10 12.03 37.51
CA ARG B 170 -6.88 11.41 38.03
C ARG B 170 -6.29 10.46 37.00
N LEU B 171 -7.15 9.69 36.31
CA LEU B 171 -6.68 8.77 35.29
C LEU B 171 -5.91 9.51 34.20
N LEU B 172 -6.46 10.62 33.72
CA LEU B 172 -5.80 11.35 32.66
C LEU B 172 -4.49 11.96 33.12
N GLU B 173 -4.47 12.56 34.31
CA GLU B 173 -3.22 13.13 34.83
C GLU B 173 -2.15 12.06 34.99
N GLU B 174 -2.54 10.91 35.53
CA GLU B 174 -1.64 9.78 35.67
C GLU B 174 -1.13 9.31 34.32
N GLN B 175 -2.01 9.25 33.31
CA GLN B 175 -1.58 8.84 31.98
C GLN B 175 -0.52 9.78 31.43
N ALA B 176 -0.74 11.09 31.58
CA ALA B 176 0.24 12.05 31.07
C ALA B 176 1.59 11.88 31.77
N GLU B 177 1.55 11.77 33.11
CA GLU B 177 2.79 11.65 33.87
C GLU B 177 3.56 10.38 33.47
N ALA B 178 2.86 9.25 33.45
CA ALA B 178 3.51 7.99 33.10
C ALA B 178 4.05 8.03 31.68
N SER B 179 3.31 8.65 30.77
CA SER B 179 3.78 8.77 29.40
C SER B 179 5.11 9.53 29.36
N VAL B 180 5.20 10.63 30.11
CA VAL B 180 6.43 11.42 30.10
C VAL B 180 7.60 10.60 30.66
N ASP B 181 7.36 9.90 31.78
CA ASP B 181 8.44 9.13 32.41
C ASP B 181 8.91 7.99 31.49
N ILE B 182 7.96 7.20 31.00
CA ILE B 182 8.30 6.11 30.09
C ILE B 182 8.99 6.67 28.85
N SER B 183 8.59 7.86 28.39
CA SER B 183 9.24 8.46 27.24
C SER B 183 10.72 8.71 27.51
N GLN B 184 11.03 9.28 28.67
CA GLN B 184 12.44 9.50 29.00
C GLN B 184 13.22 8.19 29.06
N ILE B 185 12.62 7.19 29.70
CA ILE B 185 13.29 5.89 29.79
C ILE B 185 13.52 5.30 28.41
N LYS B 186 12.53 5.45 27.53
CA LYS B 186 12.67 4.98 26.15
C LYS B 186 13.77 5.74 25.41
N THR B 187 13.92 7.03 25.67
CA THR B 187 14.99 7.78 25.03
C THR B 187 16.35 7.22 25.41
N GLU B 188 16.56 6.97 26.70
CA GLU B 188 17.82 6.37 27.13
C GLU B 188 17.99 4.96 26.54
N GLN B 189 16.89 4.20 26.49
CA GLN B 189 16.95 2.84 25.96
C GLN B 189 17.35 2.84 24.49
N ASP B 190 16.77 3.73 23.70
CA ASP B 190 17.13 3.79 22.29
C ASP B 190 18.51 4.39 22.09
N ALA B 191 18.99 5.21 23.01
CA ALA B 191 20.40 5.62 22.95
C ALA B 191 21.31 4.41 23.07
N LEU B 192 21.08 3.57 24.06
CA LEU B 192 21.88 2.35 24.17
C LEU B 192 21.67 1.44 22.97
N LYS B 193 20.44 1.42 22.43
CA LYS B 193 20.14 0.56 21.29
C LYS B 193 20.86 1.03 20.02
N LYS B 194 20.97 2.34 19.82
CA LYS B 194 21.76 2.82 18.70
C LYS B 194 23.25 2.65 18.95
N ALA B 195 23.65 2.54 20.22
CA ALA B 195 25.02 2.16 20.53
C ALA B 195 25.26 0.67 20.35
N MET B 196 24.20 -0.13 20.18
CA MET B 196 24.33 -1.57 20.04
C MET B 196 25.13 -1.98 18.81
N LYS B 197 25.27 -1.08 17.84
CA LYS B 197 26.00 -1.40 16.61
C LYS B 197 27.51 -1.34 16.80
N SER B 198 27.99 -1.10 18.01
CA SER B 198 29.42 -1.10 18.29
C SER B 198 30.04 -2.44 17.93
N ALA B 199 31.24 -2.39 17.35
CA ALA B 199 31.89 -3.60 16.87
C ALA B 199 32.17 -4.58 18.01
N ASP B 200 32.60 -4.08 19.17
CA ASP B 200 32.90 -4.94 20.30
C ASP B 200 31.65 -5.70 20.72
N LYS B 201 31.77 -7.04 20.79
CA LYS B 201 30.64 -7.86 21.22
C LYS B 201 30.38 -7.67 22.71
N ASP B 202 31.43 -7.56 23.52
CA ASP B 202 31.27 -7.38 24.95
C ASP B 202 30.42 -6.16 25.26
N THR B 203 30.71 -5.03 24.61
CA THR B 203 29.89 -3.84 24.78
C THR B 203 28.45 -4.13 24.39
N LYS B 204 28.26 -4.85 23.28
CA LYS B 204 26.92 -5.20 22.82
C LYS B 204 26.17 -6.01 23.88
N ALA B 205 26.86 -6.93 24.54
CA ALA B 205 26.24 -7.66 25.64
C ALA B 205 25.88 -6.73 26.80
N GLU B 206 26.80 -5.85 27.17
CA GLU B 206 26.53 -4.89 28.25
C GLU B 206 25.34 -4.01 27.90
N LEU B 207 25.31 -3.52 26.66
CA LEU B 207 24.19 -2.71 26.20
C LEU B 207 22.89 -3.49 26.25
N GLN B 208 22.92 -4.77 25.87
CA GLN B 208 21.70 -5.57 25.93
C GLN B 208 21.22 -5.72 27.36
N ILE B 209 22.14 -5.91 28.31
CA ILE B 209 21.75 -6.02 29.72
C ILE B 209 21.11 -4.71 30.19
N LYS B 210 21.74 -3.58 29.84
CA LYS B 210 21.21 -2.29 30.26
C LYS B 210 19.86 -2.01 29.62
N VAL B 211 19.69 -2.38 28.35
CA VAL B 211 18.39 -2.23 27.69
C VAL B 211 17.34 -3.08 28.41
N ARG B 212 17.71 -4.31 28.79
CA ARG B 212 16.79 -5.15 29.55
C ARG B 212 16.37 -4.48 30.85
N GLU B 213 17.34 -3.89 31.57
CA GLU B 213 16.98 -3.26 32.84
C GLU B 213 16.10 -2.03 32.61
N LEU B 214 16.32 -1.31 31.51
CA LEU B 214 15.46 -0.17 31.21
C LEU B 214 14.05 -0.62 30.87
N ASP B 215 13.91 -1.75 30.19
CA ASP B 215 12.58 -2.31 29.96
C ASP B 215 11.91 -2.69 31.27
N GLU B 216 12.69 -3.25 32.20
CA GLU B 216 12.15 -3.51 33.54
C GLU B 216 11.71 -2.21 34.22
N LYS B 217 12.48 -1.14 34.05
CA LYS B 217 12.08 0.16 34.59
C LYS B 217 10.76 0.63 34.00
N ILE B 218 10.58 0.47 32.69
CA ILE B 218 9.32 0.83 32.06
C ILE B 218 8.17 0.03 32.66
N GLN B 219 8.35 -1.27 32.80
CA GLN B 219 7.29 -2.10 33.39
C GLN B 219 7.01 -1.69 34.82
N ALA B 220 8.06 -1.37 35.59
CA ALA B 220 7.87 -0.91 36.96
C ALA B 220 7.06 0.37 36.99
N ARG B 221 7.42 1.34 36.15
CA ARG B 221 6.69 2.61 36.12
C ARG B 221 5.23 2.38 35.75
N LYS B 222 4.96 1.47 34.80
CA LYS B 222 3.58 1.15 34.47
C LYS B 222 2.85 0.51 35.65
N ASP B 223 3.53 -0.33 36.42
CA ASP B 223 2.88 -0.94 37.59
C ASP B 223 2.57 0.10 38.66
N GLN B 224 3.38 1.15 38.75
CA GLN B 224 3.17 2.16 39.78
C GLN B 224 1.84 2.88 39.60
N LYS B 225 1.39 3.05 38.36
CA LYS B 225 0.10 3.67 38.09
C LYS B 225 -1.02 2.92 38.80
N GLN B 226 -1.95 3.68 39.37
CA GLN B 226 -3.06 3.10 40.11
C GLN B 226 -4.36 3.08 39.33
N GLU B 227 -4.61 4.09 38.50
CA GLU B 227 -5.88 4.16 37.79
C GLU B 227 -5.98 3.09 36.70
N SER B 228 -5.08 3.16 35.72
CA SER B 228 -5.01 2.18 34.65
C SER B 228 -3.54 1.97 34.29
N ARG B 229 -3.12 0.71 34.25
CA ARG B 229 -1.74 0.41 33.91
C ARG B 229 -1.39 0.88 32.50
N GLU B 230 -2.30 0.68 31.56
CA GLU B 230 -2.05 1.01 30.17
C GLU B 230 -2.66 2.35 29.83
N SER B 231 -2.01 3.06 28.92
CA SER B 231 -2.53 4.33 28.44
C SER B 231 -3.71 4.07 27.51
N ILE B 232 -4.82 4.76 27.75
CA ILE B 232 -5.99 4.59 26.90
C ILE B 232 -5.73 5.16 25.52
N ARG B 233 -5.21 6.38 25.44
CA ARG B 233 -5.00 7.05 24.17
C ARG B 233 -3.67 6.62 23.59
N ARG B 234 -3.71 5.96 22.43
CA ARG B 234 -2.50 5.44 21.81
C ARG B 234 -2.78 5.19 20.34
N PRO B 235 -1.87 5.57 19.45
CA PRO B 235 -2.02 5.15 18.05
C PRO B 235 -1.90 3.64 17.92
N ILE B 236 -2.65 3.09 16.99
CA ILE B 236 -2.64 1.66 16.72
C ILE B 236 -1.79 1.40 15.49
N ASP B 237 -0.81 0.52 15.62
CA ASP B 237 0.09 0.26 14.52
C ASP B 237 -0.62 -0.51 13.43
N PRO B 238 -0.34 -0.20 12.17
CA PRO B 238 -1.03 -0.89 11.07
C PRO B 238 -0.57 -2.33 10.94
N TYR B 239 -1.35 -3.10 10.20
CA TYR B 239 -0.96 -4.43 9.78
C TYR B 239 -0.94 -4.49 8.26
N GLU B 240 -0.07 -5.33 7.71
CA GLU B 240 0.01 -5.47 6.28
C GLU B 240 -0.97 -6.52 5.81
N ALA B 241 -1.65 -6.23 4.69
CA ALA B 241 -2.66 -7.13 4.18
C ALA B 241 -2.75 -6.97 2.67
N PHE B 242 -3.34 -7.96 2.02
CA PHE B 242 -3.61 -7.85 0.59
C PHE B 242 -4.83 -6.97 0.36
N ILE B 243 -4.74 -6.09 -0.64
CA ILE B 243 -5.80 -5.15 -0.88
C ILE B 243 -7.08 -5.87 -1.26
N THR B 244 -8.20 -5.16 -1.15
CA THR B 244 -9.46 -5.67 -1.64
C THR B 244 -9.40 -5.82 -3.16
N GLY B 245 -9.89 -6.96 -3.65
CA GLY B 245 -9.83 -7.21 -5.07
C GLY B 245 -8.53 -7.81 -5.55
N ALA B 246 -7.63 -8.17 -4.65
CA ALA B 246 -6.40 -8.82 -5.05
C ALA B 246 -6.69 -10.22 -5.56
N GLU B 247 -6.04 -10.59 -6.66
CA GLU B 247 -6.18 -11.91 -7.25
C GLU B 247 -4.98 -12.75 -6.85
N LEU B 248 -5.23 -13.80 -6.07
CA LEU B 248 -4.17 -14.69 -5.60
C LEU B 248 -4.39 -16.07 -6.21
N SER B 249 -3.35 -16.59 -6.86
CA SER B 249 -3.44 -17.89 -7.50
C SER B 249 -3.13 -18.99 -6.49
N HIS B 250 -3.95 -20.04 -6.50
CA HIS B 250 -3.92 -21.07 -5.47
C HIS B 250 -3.84 -22.44 -6.12
N ARG B 251 -3.17 -23.37 -5.44
CA ARG B 251 -3.08 -24.75 -5.88
C ARG B 251 -3.32 -25.66 -4.69
N MET B 252 -4.22 -26.62 -4.85
CA MET B 252 -4.45 -27.67 -3.87
C MET B 252 -4.50 -29.00 -4.61
N SER B 253 -4.09 -30.06 -3.94
CA SER B 253 -4.11 -31.38 -4.57
C SER B 253 -4.41 -32.45 -3.53
N ILE B 254 -5.04 -33.52 -3.97
CA ILE B 254 -5.27 -34.71 -3.17
C ILE B 254 -4.61 -35.87 -3.89
N LYS B 255 -3.64 -36.50 -3.25
CA LYS B 255 -2.87 -37.58 -3.85
C LYS B 255 -3.58 -38.91 -3.63
N ASN B 256 -3.93 -39.60 -4.71
CA ASN B 256 -4.61 -40.88 -4.65
C ASN B 256 -5.89 -40.78 -3.82
N ALA B 257 -6.80 -39.94 -4.30
CA ALA B 257 -8.04 -39.66 -3.60
C ALA B 257 -9.12 -40.62 -4.05
N THR B 258 -9.71 -41.34 -3.12
CA THR B 258 -10.89 -42.12 -3.44
C THR B 258 -12.08 -41.18 -3.64
N ASP B 259 -13.22 -41.75 -4.03
CA ASP B 259 -14.41 -40.93 -4.16
C ASP B 259 -14.85 -40.35 -2.81
N GLU B 260 -14.73 -41.14 -1.75
CA GLU B 260 -15.22 -40.69 -0.44
C GLU B 260 -14.36 -39.56 0.12
N GLU B 261 -13.04 -39.67 0.02
CA GLU B 261 -12.18 -38.63 0.56
C GLU B 261 -12.28 -37.35 -0.25
N ALA B 262 -12.37 -37.48 -1.57
CA ALA B 262 -12.61 -36.31 -2.40
C ALA B 262 -13.95 -35.67 -2.08
N GLY B 263 -14.97 -36.49 -1.81
CA GLY B 263 -16.26 -35.96 -1.42
C GLY B 263 -16.20 -35.22 -0.11
N LEU B 264 -15.43 -35.74 0.85
CA LEU B 264 -15.27 -35.03 2.12
C LEU B 264 -14.57 -33.70 1.90
N PHE B 265 -13.55 -33.67 1.05
CA PHE B 265 -12.86 -32.41 0.78
C PHE B 265 -13.78 -31.41 0.11
N ILE B 266 -14.58 -31.87 -0.84
CA ILE B 266 -15.50 -30.96 -1.53
C ILE B 266 -16.57 -30.46 -0.56
N SER B 267 -17.03 -31.32 0.35
CA SER B 267 -17.98 -30.87 1.36
C SER B 267 -17.33 -29.88 2.32
N ALA B 268 -16.04 -30.04 2.60
CA ALA B 268 -15.33 -29.05 3.39
C ALA B 268 -15.29 -27.71 2.68
N LEU B 269 -15.05 -27.72 1.37
CA LEU B 269 -15.07 -26.49 0.61
C LEU B 269 -16.47 -25.86 0.60
N ILE B 270 -17.50 -26.69 0.49
CA ILE B 270 -18.88 -26.18 0.51
C ILE B 270 -19.18 -25.53 1.85
N ARG B 271 -18.82 -26.20 2.95
CA ARG B 271 -19.05 -25.61 4.26
C ARG B 271 -18.17 -24.39 4.50
N PHE B 272 -16.98 -24.37 3.90
CA PHE B 272 -16.12 -23.20 4.02
C PHE B 272 -16.76 -21.99 3.40
N ALA B 273 -17.60 -22.17 2.38
CA ALA B 273 -18.18 -21.05 1.67
C ALA B 273 -19.19 -20.28 2.52
N ALA B 274 -19.74 -20.90 3.57
CA ALA B 274 -20.67 -20.20 4.43
C ALA B 274 -19.97 -19.04 5.16
N GLU B 275 -18.75 -19.27 5.61
CA GLU B 275 -17.94 -18.25 6.29
C GLU B 275 -16.56 -18.25 5.64
N PRO B 276 -16.45 -17.72 4.43
CA PRO B 276 -15.18 -17.82 3.70
C PRO B 276 -14.14 -16.82 4.20
N ARG B 277 -13.67 -17.05 5.41
CA ARG B 277 -12.76 -16.13 6.09
C ARG B 277 -11.43 -16.79 6.31
N PHE B 278 -10.36 -16.12 5.88
CA PHE B 278 -9.00 -16.56 6.09
C PHE B 278 -8.27 -15.55 6.95
N GLY B 279 -7.27 -16.00 7.69
CA GLY B 279 -6.46 -15.05 8.41
C GLY B 279 -7.20 -14.44 9.60
N GLY B 280 -6.67 -13.31 10.05
CA GLY B 280 -7.12 -12.68 11.27
C GLY B 280 -7.52 -11.23 11.05
N HIS B 281 -7.53 -10.49 12.15
CA HIS B 281 -8.10 -9.14 12.19
C HIS B 281 -9.52 -9.14 11.64
N ALA B 282 -10.32 -10.10 12.08
CA ALA B 282 -11.70 -10.17 11.65
C ALA B 282 -12.54 -9.03 12.19
N ASN B 283 -12.06 -8.33 13.22
CA ASN B 283 -12.79 -7.19 13.75
C ASN B 283 -13.04 -6.14 12.67
N HIS B 284 -12.11 -6.01 11.72
CA HIS B 284 -12.31 -5.17 10.55
C HIS B 284 -12.83 -5.96 9.36
N ASN B 285 -13.46 -7.11 9.61
CA ASN B 285 -14.01 -7.97 8.58
C ASN B 285 -12.95 -8.43 7.59
N CYS B 286 -11.69 -8.35 7.96
CA CYS B 286 -10.63 -8.84 7.09
C CYS B 286 -10.77 -10.34 6.88
N GLY B 287 -10.48 -10.79 5.68
CA GLY B 287 -10.36 -12.21 5.39
C GLY B 287 -11.41 -12.79 4.48
N LEU B 288 -12.46 -12.05 4.16
CA LEU B 288 -13.46 -12.59 3.24
C LEU B 288 -12.83 -12.81 1.87
N VAL B 289 -13.09 -13.97 1.28
CA VAL B 289 -12.58 -14.30 -0.04
C VAL B 289 -13.69 -14.91 -0.87
N GLU B 290 -13.48 -14.91 -2.17
CA GLU B 290 -14.26 -15.73 -3.09
C GLU B 290 -13.26 -16.42 -4.01
N ALA B 291 -13.45 -17.71 -4.22
CA ALA B 291 -12.46 -18.49 -4.92
C ALA B 291 -13.14 -19.41 -5.93
N HIS B 292 -12.43 -19.73 -7.00
CA HIS B 292 -12.87 -20.72 -7.96
C HIS B 292 -11.71 -21.63 -8.30
N TRP B 293 -11.96 -22.94 -8.25
CA TRP B 293 -10.95 -23.95 -8.49
C TRP B 293 -11.38 -24.82 -9.65
N THR B 294 -10.45 -25.13 -10.55
CA THR B 294 -10.70 -26.05 -11.65
C THR B 294 -10.09 -27.39 -11.28
N VAL B 295 -10.91 -28.41 -11.17
CA VAL B 295 -10.47 -29.73 -10.71
C VAL B 295 -10.05 -30.54 -11.92
N THR B 296 -8.82 -31.05 -11.90
CA THR B 296 -8.31 -31.90 -12.95
C THR B 296 -7.72 -33.16 -12.36
N THR B 297 -7.78 -34.25 -13.11
CA THR B 297 -7.13 -35.49 -12.73
C THR B 297 -6.19 -35.92 -13.82
N TRP B 298 -5.13 -36.63 -13.43
CA TRP B 298 -4.10 -37.07 -14.36
C TRP B 298 -3.80 -38.53 -14.08
N LYS B 299 -4.27 -39.40 -14.97
CA LYS B 299 -3.96 -40.82 -14.84
C LYS B 299 -2.51 -41.05 -15.23
N PRO B 300 -1.68 -41.63 -14.36
CA PRO B 300 -0.28 -41.84 -14.72
C PRO B 300 -0.17 -42.74 -15.94
N GLY B 301 0.79 -42.42 -16.80
CA GLY B 301 0.97 -43.10 -18.05
C GLY B 301 0.39 -42.37 -19.24
N GLU B 302 -0.49 -41.40 -19.01
CA GLU B 302 -1.08 -40.61 -20.08
C GLU B 302 -0.37 -39.26 -20.18
N LEU B 303 -0.58 -38.59 -21.31
CA LEU B 303 0.13 -37.37 -21.61
C LEU B 303 -0.62 -36.10 -21.24
N VAL B 304 -1.95 -36.15 -21.11
CA VAL B 304 -2.70 -34.95 -20.76
C VAL B 304 -3.67 -35.24 -19.62
N PRO B 305 -3.96 -34.28 -18.75
CA PRO B 305 -4.99 -34.47 -17.74
C PRO B 305 -6.38 -34.22 -18.34
N VAL B 306 -7.39 -34.57 -17.56
CA VAL B 306 -8.77 -34.33 -17.95
C VAL B 306 -9.46 -33.53 -16.86
N THR B 307 -10.17 -32.47 -17.25
CA THR B 307 -10.87 -31.63 -16.31
C THR B 307 -12.12 -32.32 -15.83
N LEU B 308 -12.28 -32.44 -14.51
CA LEU B 308 -13.47 -33.06 -13.94
C LEU B 308 -14.60 -32.07 -13.73
N GLY B 309 -14.26 -30.81 -13.44
CA GLY B 309 -15.29 -29.83 -13.16
C GLY B 309 -14.67 -28.59 -12.55
N GLU B 310 -15.51 -27.76 -11.95
CA GLU B 310 -15.06 -26.52 -11.37
C GLU B 310 -15.87 -26.21 -10.12
N ILE B 311 -15.20 -25.71 -9.09
CA ILE B 311 -15.84 -25.30 -7.86
C ILE B 311 -15.71 -23.80 -7.76
N VAL B 312 -16.83 -23.09 -7.70
CA VAL B 312 -16.84 -21.63 -7.63
C VAL B 312 -17.52 -21.22 -6.34
N ILE B 313 -16.79 -20.47 -5.52
CA ILE B 313 -17.30 -19.97 -4.25
C ILE B 313 -17.45 -18.47 -4.38
N THR B 314 -18.68 -17.99 -4.28
CA THR B 314 -19.01 -16.59 -4.42
C THR B 314 -19.94 -16.20 -3.27
N PRO B 315 -20.05 -14.91 -2.97
CA PRO B 315 -21.01 -14.50 -1.94
C PRO B 315 -22.43 -14.84 -2.27
N ASN B 316 -22.76 -15.08 -3.54
CA ASN B 316 -24.11 -15.43 -3.93
C ASN B 316 -24.38 -16.92 -3.93
N GLY B 317 -23.37 -17.74 -3.68
CA GLY B 317 -23.60 -19.17 -3.61
C GLY B 317 -22.34 -19.95 -3.93
N VAL B 318 -22.51 -21.27 -3.94
CA VAL B 318 -21.46 -22.21 -4.33
C VAL B 318 -21.92 -22.91 -5.60
N GLU B 319 -21.09 -22.84 -6.63
CA GLU B 319 -21.36 -23.50 -7.90
C GLU B 319 -20.37 -24.64 -8.09
N ILE B 320 -20.88 -25.84 -8.29
CA ILE B 320 -20.07 -27.01 -8.57
C ILE B 320 -20.53 -27.58 -9.90
N THR B 321 -19.61 -27.74 -10.83
CA THR B 321 -19.91 -28.22 -12.16
C THR B 321 -19.20 -29.54 -12.41
N GLY B 322 -19.71 -30.29 -13.37
CA GLY B 322 -19.11 -31.57 -13.72
C GLY B 322 -19.72 -32.70 -12.92
N ASP B 323 -20.17 -33.75 -13.60
CA ASP B 323 -20.82 -34.85 -12.92
C ASP B 323 -19.89 -35.59 -11.99
N GLU B 324 -18.58 -35.51 -12.20
CA GLU B 324 -17.65 -36.26 -11.36
C GLU B 324 -17.61 -35.69 -9.94
N LEU B 325 -17.64 -34.36 -9.80
CA LEU B 325 -17.63 -33.78 -8.46
C LEU B 325 -18.92 -34.10 -7.72
N PHE B 326 -20.05 -34.06 -8.42
CA PHE B 326 -21.31 -34.47 -7.80
C PHE B 326 -21.25 -35.93 -7.40
N ALA B 327 -20.63 -36.78 -8.22
CA ALA B 327 -20.49 -38.18 -7.89
C ALA B 327 -19.65 -38.36 -6.63
N MET B 328 -18.57 -37.57 -6.51
CA MET B 328 -17.75 -37.63 -5.31
C MET B 328 -18.54 -37.25 -4.07
N VAL B 329 -19.30 -36.16 -4.15
CA VAL B 329 -20.09 -35.71 -3.00
C VAL B 329 -21.12 -36.76 -2.63
N LYS B 330 -21.80 -37.33 -3.64
CA LYS B 330 -22.80 -38.34 -3.36
C LYS B 330 -22.17 -39.60 -2.78
N ALA B 331 -20.97 -39.95 -3.22
CA ALA B 331 -20.28 -41.10 -2.67
C ALA B 331 -19.93 -40.89 -1.21
N PHE B 332 -19.49 -39.69 -0.85
CA PHE B 332 -19.23 -39.41 0.56
C PHE B 332 -20.50 -39.43 1.38
N ASN B 333 -21.54 -38.74 0.90
CA ASN B 333 -22.77 -38.62 1.68
C ASN B 333 -23.55 -39.93 1.76
N GLU B 334 -23.19 -40.94 0.98
CA GLU B 334 -23.94 -42.19 0.97
C GLU B 334 -23.09 -43.38 1.42
N ASN B 335 -21.90 -43.14 1.97
CA ASN B 335 -21.07 -44.19 2.52
C ASN B 335 -21.28 -44.20 4.03
N GLN B 336 -21.74 -45.32 4.57
CA GLN B 336 -22.08 -45.44 5.98
C GLN B 336 -21.13 -46.34 6.74
N SER B 337 -19.91 -46.53 6.23
CA SER B 337 -18.91 -47.36 6.87
C SER B 337 -17.77 -46.53 7.45
N PHE B 338 -18.04 -45.28 7.81
CA PHE B 338 -17.04 -44.37 8.35
C PHE B 338 -17.11 -44.41 9.87
N ASP B 339 -15.97 -44.67 10.51
CA ASP B 339 -15.84 -44.63 11.96
C ASP B 339 -14.76 -43.63 12.29
N PHE B 340 -15.15 -42.49 12.87
CA PHE B 340 -14.23 -41.39 13.12
C PHE B 340 -13.65 -41.39 14.52
N THR B 341 -13.97 -42.38 15.34
CA THR B 341 -13.45 -42.44 16.70
C THR B 341 -12.20 -43.29 16.78
N MET C 1 -28.23 -19.21 16.67
CA MET C 1 -26.93 -18.66 16.31
C MET C 1 -26.66 -18.82 14.83
N ARG C 2 -26.78 -17.74 14.08
CA ARG C 2 -26.56 -17.75 12.64
C ARG C 2 -25.72 -16.55 12.25
N THR C 3 -25.00 -16.69 11.14
CA THR C 3 -24.15 -15.63 10.63
C THR C 3 -24.99 -14.69 9.77
N LEU C 4 -24.84 -13.38 9.99
CA LEU C 4 -25.54 -12.37 9.23
C LEU C 4 -24.52 -11.55 8.47
N ASN C 5 -24.68 -11.47 7.15
CA ASN C 5 -23.81 -10.66 6.32
C ASN C 5 -24.56 -9.41 5.88
N PHE C 6 -24.00 -8.25 6.19
CA PHE C 6 -24.58 -6.97 5.81
C PHE C 6 -23.85 -6.47 4.57
N ASN C 7 -24.45 -6.66 3.41
CA ASN C 7 -23.89 -6.18 2.16
C ASN C 7 -24.68 -4.96 1.70
N GLY C 8 -23.97 -3.88 1.40
CA GLY C 8 -24.67 -2.68 1.00
C GLY C 8 -23.71 -1.61 0.56
N LYS C 9 -24.24 -0.38 0.47
CA LYS C 9 -23.48 0.76 0.03
C LYS C 9 -23.69 1.93 0.99
N ILE C 10 -22.74 2.86 0.96
CA ILE C 10 -22.81 4.09 1.73
C ILE C 10 -22.75 5.26 0.77
N SER C 11 -23.78 6.09 0.77
CA SER C 11 -23.82 7.29 -0.06
C SER C 11 -23.56 8.49 0.84
N THR C 12 -22.63 9.34 0.43
CA THR C 12 -22.25 10.50 1.24
C THR C 12 -23.14 11.67 0.87
N LEU C 13 -23.84 12.22 1.86
CA LEU C 13 -24.56 13.47 1.67
C LEU C 13 -23.65 14.68 1.79
N GLU C 14 -22.48 14.51 2.37
CA GLU C 14 -21.47 15.53 2.55
C GLU C 14 -20.12 14.86 2.38
N PRO C 15 -19.04 15.63 2.19
CA PRO C 15 -17.73 15.01 2.04
C PRO C 15 -17.38 14.16 3.25
N LEU C 16 -16.65 13.09 2.99
CA LEU C 16 -16.30 12.10 4.02
C LEU C 16 -14.79 12.07 4.14
N THR C 17 -14.27 12.40 5.32
CA THR C 17 -12.83 12.49 5.52
C THR C 17 -12.44 11.80 6.81
N VAL C 18 -11.16 11.44 6.90
CA VAL C 18 -10.61 10.79 8.07
C VAL C 18 -9.11 11.02 8.07
N THR C 19 -8.53 11.15 9.26
CA THR C 19 -7.10 11.37 9.42
C THR C 19 -6.49 10.15 10.10
N VAL C 20 -6.04 9.20 9.30
CA VAL C 20 -5.38 8.01 9.81
C VAL C 20 -3.89 8.32 9.92
N LYS C 21 -3.29 7.96 11.05
CA LYS C 21 -1.94 8.42 11.37
C LYS C 21 -0.94 8.01 10.31
N ASN C 22 -0.95 6.73 9.92
CA ASN C 22 -0.03 6.26 8.89
C ASN C 22 -0.38 6.81 7.52
N ALA C 23 -1.68 7.06 7.26
CA ALA C 23 -2.11 7.50 5.93
C ALA C 23 -1.52 8.85 5.57
N VAL C 24 -1.52 9.79 6.51
CA VAL C 24 -1.02 11.13 6.23
C VAL C 24 0.51 11.13 6.23
N SER C 25 1.09 12.18 5.65
CA SER C 25 2.53 12.36 5.63
C SER C 25 2.82 13.84 5.81
N THR C 26 4.09 14.22 5.62
CA THR C 26 4.47 15.62 5.72
C THR C 26 3.95 16.44 4.54
N SER C 27 3.64 15.79 3.41
CA SER C 27 3.14 16.52 2.26
C SER C 27 1.78 17.15 2.56
N GLY C 28 0.92 16.43 3.28
CA GLY C 28 -0.36 16.99 3.65
C GLY C 28 -1.30 15.91 4.15
N HIS C 29 -2.58 16.24 4.16
CA HIS C 29 -3.63 15.34 4.62
C HIS C 29 -4.10 14.45 3.49
N ARG C 30 -4.24 13.16 3.76
CA ARG C 30 -4.66 12.21 2.74
C ARG C 30 -5.52 11.13 3.38
N LEU C 31 -6.41 10.58 2.56
CA LEU C 31 -7.15 9.40 2.96
C LEU C 31 -6.24 8.19 2.88
N PRO C 32 -6.53 7.14 3.63
CA PRO C 32 -5.77 5.90 3.47
C PRO C 32 -6.11 5.26 2.14
N ARG C 33 -5.08 4.79 1.45
CA ARG C 33 -5.24 4.25 0.11
C ARG C 33 -5.31 2.74 0.18
N ASN C 34 -6.09 2.16 -0.74
CA ASN C 34 -6.28 0.71 -0.75
C ASN C 34 -4.97 -0.01 -0.96
N GLY C 35 -4.19 0.42 -1.95
CA GLY C 35 -2.89 -0.19 -2.19
C GLY C 35 -1.72 0.68 -1.76
N GLY C 36 -1.09 1.34 -2.73
CA GLY C 36 0.05 2.18 -2.44
C GLY C 36 -0.26 3.66 -2.63
N PHE C 37 0.78 4.47 -2.87
CA PHE C 37 0.60 5.91 -2.99
C PHE C 37 -0.45 6.26 -4.05
N ASN C 38 -0.33 5.68 -5.23
CA ASN C 38 -1.23 5.96 -6.33
C ASN C 38 -2.33 4.89 -6.42
N ALA C 39 -3.10 4.76 -5.34
CA ALA C 39 -4.15 3.77 -5.28
C ALA C 39 -5.46 4.41 -4.83
N ALA C 40 -6.54 3.70 -5.05
CA ALA C 40 -7.86 4.23 -4.74
C ALA C 40 -8.06 4.30 -3.24
N PRO C 41 -8.42 5.45 -2.68
CA PRO C 41 -8.64 5.55 -1.24
C PRO C 41 -9.91 4.82 -0.82
N TYR C 42 -9.98 4.55 0.47
CA TYR C 42 -11.12 3.89 1.07
C TYR C 42 -11.43 4.55 2.40
N PHE C 43 -12.65 4.39 2.85
CA PHE C 43 -12.92 4.86 4.20
C PHE C 43 -12.70 3.73 5.18
N PRO C 44 -11.89 3.93 6.21
CA PRO C 44 -11.50 2.81 7.08
C PRO C 44 -12.71 2.16 7.73
N GLY C 45 -12.62 0.85 7.90
CA GLY C 45 -13.59 0.17 8.71
C GLY C 45 -13.41 0.35 10.19
N THR C 46 -12.23 0.83 10.60
CA THR C 46 -12.00 1.12 12.01
C THR C 46 -12.87 2.28 12.49
N SER C 47 -12.98 3.34 11.68
CA SER C 47 -13.82 4.47 12.06
C SER C 47 -15.28 4.09 12.09
N ILE C 48 -15.74 3.30 11.11
CA ILE C 48 -17.12 2.85 11.11
C ILE C 48 -17.38 1.97 12.32
N ARG C 49 -16.43 1.09 12.65
CA ARG C 49 -16.59 0.22 13.81
C ARG C 49 -16.66 1.04 15.08
N GLY C 50 -15.83 2.07 15.21
CA GLY C 50 -15.86 2.90 16.39
C GLY C 50 -17.17 3.66 16.53
N THR C 51 -17.65 4.24 15.42
CA THR C 51 -18.91 4.97 15.48
C THR C 51 -20.06 4.05 15.84
N LEU C 52 -20.12 2.87 15.24
CA LEU C 52 -21.19 1.93 15.56
C LEU C 52 -21.07 1.39 16.98
N ARG C 53 -19.85 1.19 17.46
CA ARG C 53 -19.67 0.72 18.83
C ARG C 53 -20.13 1.76 19.84
N HIS C 54 -19.82 3.03 19.58
CA HIS C 54 -20.28 4.06 20.51
C HIS C 54 -21.78 4.26 20.41
N ALA C 55 -22.36 4.07 19.22
CA ALA C 55 -23.81 4.06 19.11
C ALA C 55 -24.42 2.94 19.93
N ALA C 56 -23.82 1.75 19.87
CA ALA C 56 -24.31 0.63 20.67
C ALA C 56 -24.14 0.90 22.16
N HIS C 57 -23.04 1.55 22.54
CA HIS C 57 -22.85 1.92 23.92
C HIS C 57 -23.96 2.86 24.40
N LYS C 58 -24.29 3.86 23.59
CA LYS C 58 -25.39 4.75 23.98
C LYS C 58 -26.72 4.01 24.00
N VAL C 59 -26.91 3.05 23.10
CA VAL C 59 -28.13 2.24 23.13
C VAL C 59 -28.26 1.52 24.46
N ILE C 60 -27.16 0.91 24.90
CA ILE C 60 -27.17 0.18 26.17
C ILE C 60 -27.41 1.13 27.33
N VAL C 61 -26.76 2.31 27.30
CA VAL C 61 -26.94 3.26 28.40
C VAL C 61 -28.39 3.71 28.49
N ASP C 62 -29.02 4.00 27.35
CA ASP C 62 -30.42 4.40 27.38
C ASP C 62 -31.32 3.25 27.81
N ARG C 63 -31.00 2.03 27.38
CA ARG C 63 -31.82 0.88 27.77
C ARG C 63 -31.76 0.63 29.27
N VAL C 64 -30.58 0.76 29.87
CA VAL C 64 -30.44 0.61 31.31
C VAL C 64 -31.26 1.65 32.03
N GLY C 65 -31.21 2.90 31.57
CA GLY C 65 -32.00 3.94 32.16
C GLY C 65 -31.21 4.79 33.13
N LEU C 66 -31.43 6.09 33.09
CA LEU C 66 -30.74 7.01 33.98
C LEU C 66 -31.55 7.20 35.26
N ASN C 67 -30.88 7.68 36.30
CA ASN C 67 -31.57 8.04 37.53
C ASN C 67 -32.16 9.45 37.41
N ALA C 68 -32.73 9.93 38.52
CA ALA C 68 -33.37 11.24 38.51
C ALA C 68 -32.37 12.35 38.18
N ASP C 69 -31.17 12.27 38.75
CA ASP C 69 -30.14 13.26 38.44
C ASP C 69 -29.72 13.21 36.98
N GLY C 70 -29.97 12.09 36.31
CA GLY C 70 -29.49 11.89 34.96
C GLY C 70 -28.19 11.12 34.88
N LYS C 71 -27.79 10.45 35.95
CA LYS C 71 -26.51 9.75 36.00
C LYS C 71 -26.72 8.29 35.66
N SER C 72 -25.64 7.66 35.20
CA SER C 72 -25.78 6.26 34.82
C SER C 72 -25.26 5.34 35.92
N PRO C 73 -25.87 4.17 36.10
CA PRO C 73 -25.37 3.24 37.12
C PRO C 73 -23.98 2.71 36.84
N PHE C 74 -23.50 2.80 35.61
CA PHE C 74 -22.23 2.19 35.27
C PHE C 74 -21.06 2.92 35.91
N ASP C 75 -20.06 2.17 36.34
CA ASP C 75 -18.82 2.76 36.79
C ASP C 75 -18.01 3.25 35.59
N LEU C 76 -16.98 4.04 35.86
CA LEU C 76 -16.12 4.51 34.77
C LEU C 76 -15.48 3.35 34.04
N ALA C 77 -15.07 2.32 34.77
CA ALA C 77 -14.48 1.16 34.14
C ALA C 77 -15.47 0.47 33.22
N GLU C 78 -16.76 0.45 33.60
CA GLU C 78 -17.74 -0.23 32.78
C GLU C 78 -18.04 0.56 31.50
N HIS C 79 -18.10 1.88 31.58
CA HIS C 79 -18.22 2.69 30.38
C HIS C 79 -17.03 2.46 29.45
N PHE C 80 -15.83 2.46 30.02
CA PHE C 80 -14.64 2.24 29.20
C PHE C 80 -14.66 0.86 28.55
N MET C 81 -15.06 -0.16 29.31
CA MET C 81 -15.08 -1.51 28.76
C MET C 81 -16.13 -1.66 27.67
N LEU C 82 -17.33 -1.12 27.87
CA LEU C 82 -18.36 -1.24 26.85
C LEU C 82 -17.98 -0.50 25.59
N ALA C 83 -17.60 0.77 25.70
CA ALA C 83 -17.46 1.56 24.49
C ALA C 83 -16.11 1.37 23.81
N GLN C 84 -15.03 1.18 24.57
CA GLN C 84 -13.72 1.04 23.97
C GLN C 84 -13.03 -0.29 24.23
N GLY C 85 -13.65 -1.20 24.97
CA GLY C 85 -13.01 -2.47 25.22
C GLY C 85 -11.70 -2.33 25.97
N VAL C 86 -11.67 -1.47 26.98
CA VAL C 86 -10.47 -1.21 27.77
C VAL C 86 -10.77 -1.61 29.20
N ASP C 87 -9.93 -2.46 29.78
CA ASP C 87 -10.06 -2.89 31.17
C ASP C 87 -9.07 -2.06 32.00
N ILE C 88 -9.52 -0.90 32.47
CA ILE C 88 -8.66 -0.07 33.29
C ILE C 88 -8.40 -0.71 34.65
N ASN C 89 -9.29 -1.60 35.10
CA ASN C 89 -9.11 -2.25 36.39
C ASN C 89 -7.99 -3.26 36.39
N GLY C 90 -7.42 -3.59 35.23
CA GLY C 90 -6.32 -4.55 35.18
C GLY C 90 -6.70 -5.95 35.58
N GLU C 91 -7.85 -6.45 35.12
CA GLU C 91 -8.30 -7.79 35.44
C GLU C 91 -8.39 -8.71 34.23
N ALA C 92 -8.21 -8.18 33.01
CA ALA C 92 -8.35 -8.99 31.82
C ALA C 92 -7.15 -9.91 31.63
N GLU C 93 -7.41 -11.19 31.39
CA GLU C 93 -6.38 -12.18 31.15
C GLU C 93 -6.68 -12.87 29.82
N THR C 94 -5.65 -13.00 28.98
CA THR C 94 -5.86 -13.47 27.62
C THR C 94 -6.05 -14.98 27.56
N PHE C 95 -5.32 -15.75 28.37
CA PHE C 95 -5.33 -17.20 28.28
C PHE C 95 -5.56 -17.82 29.65
N ALA C 96 -6.56 -17.34 30.36
CA ALA C 96 -6.93 -17.94 31.62
C ALA C 96 -7.50 -19.33 31.38
N PRO C 97 -6.94 -20.38 31.99
CA PRO C 97 -7.51 -21.72 31.80
C PRO C 97 -8.96 -21.83 32.24
N GLY C 98 -9.34 -21.13 33.31
CA GLY C 98 -10.71 -21.21 33.79
C GLY C 98 -11.72 -20.45 32.96
N GLU C 99 -11.27 -19.57 32.07
CA GLU C 99 -12.16 -18.82 31.19
C GLU C 99 -12.50 -19.59 29.92
N ILE C 100 -12.08 -20.85 29.81
CA ILE C 100 -12.25 -21.59 28.57
C ILE C 100 -13.74 -21.77 28.26
N ASN C 101 -14.56 -21.97 29.28
CA ASN C 101 -15.99 -22.12 29.10
C ASN C 101 -16.79 -20.92 29.59
N ALA C 102 -16.17 -19.99 30.31
CA ALA C 102 -16.88 -18.84 30.84
C ALA C 102 -17.18 -17.79 29.79
N GLY C 103 -16.69 -17.94 28.57
CA GLY C 103 -17.00 -16.98 27.53
C GLY C 103 -18.48 -17.00 27.14
N ALA C 104 -19.08 -18.18 27.12
CA ALA C 104 -20.46 -18.30 26.69
C ALA C 104 -21.41 -17.54 27.60
N GLU C 105 -21.24 -17.66 28.92
CA GLU C 105 -22.10 -16.94 29.84
C GLU C 105 -21.88 -15.44 29.75
N LEU C 106 -20.63 -15.01 29.63
CA LEU C 106 -20.35 -13.58 29.51
C LEU C 106 -20.99 -13.01 28.25
N ARG C 107 -20.97 -13.77 27.16
CA ARG C 107 -21.66 -13.32 25.95
C ARG C 107 -23.17 -13.28 26.15
N SER C 108 -23.72 -14.29 26.84
CA SER C 108 -25.16 -14.34 27.03
C SER C 108 -25.66 -13.24 27.96
N LYS C 109 -24.81 -12.72 28.84
CA LYS C 109 -25.22 -11.65 29.74
C LYS C 109 -24.85 -10.26 29.24
N ASN C 110 -23.91 -10.15 28.32
CA ASN C 110 -23.38 -8.86 27.87
C ASN C 110 -23.38 -8.82 26.36
N PRO C 111 -24.50 -8.48 25.73
CA PRO C 111 -24.54 -8.47 24.26
C PRO C 111 -23.53 -7.55 23.62
N LEU C 112 -23.22 -6.42 24.24
CA LEU C 112 -22.30 -5.47 23.60
C LEU C 112 -20.88 -6.01 23.58
N ILE C 113 -20.42 -6.59 24.68
CA ILE C 113 -19.09 -7.16 24.69
C ILE C 113 -19.02 -8.39 23.79
N SER C 114 -20.11 -9.14 23.68
CA SER C 114 -20.13 -10.26 22.75
C SER C 114 -20.00 -9.78 21.31
N LEU C 115 -20.77 -8.76 20.94
CA LEU C 115 -20.68 -8.20 19.60
C LEU C 115 -19.31 -7.60 19.35
N PHE C 116 -18.99 -6.54 20.07
CA PHE C 116 -17.70 -5.87 19.98
C PHE C 116 -16.86 -6.40 21.14
N GLY C 117 -15.85 -7.19 20.84
CA GLY C 117 -15.15 -7.91 21.88
C GLY C 117 -14.20 -7.02 22.65
N ARG C 118 -13.33 -7.68 23.41
CA ARG C 118 -12.28 -7.00 24.15
C ARG C 118 -10.99 -7.79 23.95
N TRP C 119 -9.94 -7.39 24.65
CA TRP C 119 -8.70 -8.16 24.63
C TRP C 119 -8.91 -9.48 25.36
N GLY C 120 -8.99 -10.57 24.61
CA GLY C 120 -9.21 -11.88 25.16
C GLY C 120 -10.55 -12.48 24.82
N LEU C 121 -11.52 -11.67 24.42
CA LEU C 121 -12.83 -12.16 23.96
C LEU C 121 -13.05 -11.66 22.54
N SER C 122 -13.13 -12.58 21.59
CA SER C 122 -13.33 -12.19 20.20
C SER C 122 -14.70 -11.56 20.02
N GLY C 123 -14.75 -10.53 19.18
CA GLY C 123 -16.00 -9.86 18.87
C GLY C 123 -16.65 -10.48 17.65
N LYS C 124 -17.96 -10.73 17.75
CA LYS C 124 -18.67 -11.34 16.65
C LYS C 124 -18.90 -10.39 15.48
N VAL C 125 -18.70 -9.10 15.66
CA VAL C 125 -18.99 -8.10 14.65
C VAL C 125 -17.72 -7.78 13.88
N GLY C 126 -17.76 -7.97 12.57
CA GLY C 126 -16.70 -7.50 11.71
C GLY C 126 -17.23 -6.43 10.78
N ILE C 127 -16.59 -5.27 10.77
CA ILE C 127 -17.04 -4.14 9.97
C ILE C 127 -15.92 -3.77 9.01
N GLY C 128 -16.15 -3.97 7.72
CA GLY C 128 -15.11 -3.79 6.73
C GLY C 128 -14.99 -2.37 6.25
N ASN C 129 -14.06 -2.17 5.32
CA ASN C 129 -13.84 -0.85 4.76
C ASN C 129 -14.96 -0.44 3.83
N ALA C 130 -15.00 0.84 3.52
CA ALA C 130 -15.89 1.38 2.50
C ALA C 130 -15.05 1.80 1.32
N ILE C 131 -15.32 1.23 0.16
CA ILE C 131 -14.49 1.38 -1.03
C ILE C 131 -15.36 1.97 -2.14
N PRO C 132 -14.98 3.09 -2.74
CA PRO C 132 -15.87 3.77 -3.69
C PRO C 132 -16.06 2.95 -4.96
N ASP C 133 -17.25 3.08 -5.54
CA ASP C 133 -17.56 2.33 -6.75
C ASP C 133 -16.79 2.86 -7.95
N GLY C 134 -16.80 4.18 -8.13
CA GLY C 134 -16.24 4.79 -9.32
C GLY C 134 -14.84 5.33 -9.07
N ASP C 135 -14.31 5.98 -10.10
CA ASP C 135 -13.04 6.66 -9.98
C ASP C 135 -13.30 8.16 -9.85
N ASN C 136 -12.29 8.88 -9.37
CA ASN C 136 -12.38 10.31 -9.13
C ASN C 136 -13.61 10.66 -8.29
N GLN C 137 -13.76 9.94 -7.19
CA GLN C 137 -14.79 10.22 -6.20
C GLN C 137 -14.20 10.81 -4.93
N TRP C 138 -12.97 11.31 -4.98
CA TRP C 138 -12.34 11.98 -3.87
C TRP C 138 -11.71 13.27 -4.37
N GLY C 139 -11.43 14.17 -3.44
CA GLY C 139 -10.83 15.43 -3.82
C GLY C 139 -10.31 16.15 -2.59
N MET C 140 -9.75 17.32 -2.82
CA MET C 140 -9.22 18.16 -1.75
C MET C 140 -10.26 19.22 -1.40
N PHE C 141 -10.75 19.19 -0.17
CA PHE C 141 -11.76 20.11 0.31
C PHE C 141 -11.18 20.93 1.47
N GLY C 142 -11.96 21.89 1.93
CA GLY C 142 -11.67 22.57 3.17
C GLY C 142 -10.63 23.66 3.09
N GLY C 143 -9.94 23.80 1.97
CA GLY C 143 -8.97 24.86 1.81
C GLY C 143 -9.57 26.22 2.07
N GLY C 144 -8.89 27.03 2.85
CA GLY C 144 -9.40 28.34 3.19
C GLY C 144 -8.29 29.26 3.61
N ALA C 145 -8.67 30.31 4.33
CA ALA C 145 -7.68 31.27 4.83
C ALA C 145 -8.31 32.05 5.97
N ARG C 146 -7.78 31.86 7.17
CA ARG C 146 -8.17 32.70 8.30
C ARG C 146 -7.76 34.14 8.04
N SER C 147 -8.66 35.06 8.34
CA SER C 147 -8.46 36.46 8.03
C SER C 147 -8.28 37.26 9.31
N ILE C 148 -7.82 38.49 9.17
CA ILE C 148 -7.87 39.44 10.27
C ILE C 148 -9.28 40.00 10.36
N MET C 149 -9.90 39.87 11.52
CA MET C 149 -11.29 40.28 11.67
C MET C 149 -11.48 41.76 11.38
N PHE C 150 -10.53 42.58 11.79
CA PHE C 150 -10.68 44.02 11.73
C PHE C 150 -10.16 44.64 10.44
N GLN C 151 -9.48 43.86 9.60
CA GLN C 151 -9.12 44.35 8.27
C GLN C 151 -10.16 43.99 7.23
N ARG C 152 -10.79 42.82 7.36
CA ARG C 152 -11.90 42.48 6.47
C ARG C 152 -13.09 43.40 6.69
N ASP C 153 -13.44 43.67 7.94
CA ASP C 153 -14.57 44.51 8.30
C ASP C 153 -14.05 45.64 9.18
N GLU C 154 -14.07 46.86 8.68
CA GLU C 154 -13.61 48.01 9.43
C GLU C 154 -14.65 48.54 10.40
N SER C 155 -15.90 48.11 10.28
CA SER C 155 -16.94 48.58 11.19
C SER C 155 -16.74 48.05 12.61
N LEU C 156 -15.93 47.00 12.78
CA LEU C 156 -15.62 46.51 14.12
C LEU C 156 -14.51 47.30 14.79
N MET C 157 -13.84 48.20 14.06
CA MET C 157 -12.82 49.03 14.67
C MET C 157 -13.43 49.97 15.70
N GLU C 158 -14.62 50.51 15.42
CA GLU C 158 -15.24 51.47 16.32
C GLU C 158 -15.73 50.84 17.61
N PHE C 159 -15.72 49.51 17.73
CA PHE C 159 -16.07 48.85 18.98
C PHE C 159 -14.91 48.83 19.96
N LEU C 160 -13.67 48.86 19.47
CA LEU C 160 -12.51 48.72 20.33
C LEU C 160 -12.18 50.03 21.02
N GLU C 161 -11.65 49.92 22.23
CA GLU C 161 -11.15 51.09 22.95
C GLU C 161 -9.87 51.58 22.29
N THR C 162 -9.47 52.80 22.66
CA THR C 162 -8.26 53.38 22.08
C THR C 162 -7.03 52.56 22.43
N ASP C 163 -6.94 52.07 23.67
CA ASP C 163 -5.80 51.27 24.07
C ASP C 163 -5.72 49.96 23.30
N GLN C 164 -6.87 49.38 22.95
CA GLN C 164 -6.85 48.08 22.26
C GLN C 164 -6.50 48.22 20.80
N VAL C 165 -6.81 49.35 20.18
CA VAL C 165 -6.40 49.55 18.78
C VAL C 165 -4.89 49.48 18.67
N ASP C 166 -4.17 50.05 19.64
CA ASP C 166 -2.72 49.88 19.67
C ASP C 166 -2.32 48.44 19.88
N ARG C 167 -3.11 47.68 20.63
CA ARG C 167 -2.84 46.24 20.76
C ARG C 167 -2.89 45.56 19.40
N LEU C 168 -3.89 45.89 18.58
CA LEU C 168 -3.99 45.30 17.26
C LEU C 168 -2.87 45.78 16.35
N GLU C 169 -2.47 47.05 16.48
CA GLU C 169 -1.34 47.54 15.70
C GLU C 169 -0.08 46.76 16.04
N ARG C 170 0.17 46.53 17.32
CA ARG C 170 1.33 45.74 17.72
C ARG C 170 1.20 44.31 17.22
N LEU C 171 -0.01 43.74 17.28
CA LEU C 171 -0.23 42.40 16.75
C LEU C 171 0.17 42.33 15.29
N LEU C 172 -0.31 43.27 14.48
CA LEU C 172 -0.04 43.23 13.05
C LEU C 172 1.44 43.43 12.76
N GLU C 173 2.07 44.39 13.44
CA GLU C 173 3.49 44.63 13.22
C GLU C 173 4.33 43.42 13.62
N GLU C 174 4.02 42.82 14.77
CA GLU C 174 4.78 41.66 15.22
C GLU C 174 4.56 40.49 14.29
N GLN C 175 3.34 40.35 13.76
CA GLN C 175 3.07 39.28 12.80
C GLN C 175 3.91 39.47 11.55
N ALA C 176 3.99 40.70 11.04
CA ALA C 176 4.77 40.96 9.84
C ALA C 176 6.24 40.63 10.06
N GLU C 177 6.83 41.18 11.12
CA GLU C 177 8.27 40.97 11.34
C GLU C 177 8.59 39.51 11.64
N ALA C 178 7.79 38.87 12.50
CA ALA C 178 8.03 37.47 12.81
C ALA C 178 7.85 36.60 11.58
N SER C 179 6.89 36.93 10.72
CA SER C 179 6.67 36.13 9.53
C SER C 179 7.84 36.25 8.57
N VAL C 180 8.37 37.46 8.37
CA VAL C 180 9.51 37.56 7.45
C VAL C 180 10.73 36.83 8.02
N ASP C 181 10.96 36.93 9.34
CA ASP C 181 12.08 36.21 9.94
C ASP C 181 11.92 34.71 9.78
N ILE C 182 10.73 34.19 10.11
CA ILE C 182 10.48 32.76 10.06
C ILE C 182 10.54 32.25 8.63
N SER C 183 10.06 33.05 7.67
CA SER C 183 10.13 32.65 6.27
C SER C 183 11.57 32.57 5.79
N GLN C 184 12.42 33.51 6.24
CA GLN C 184 13.83 33.44 5.88
C GLN C 184 14.46 32.18 6.47
N ILE C 185 14.18 31.92 7.74
CA ILE C 185 14.73 30.73 8.40
C ILE C 185 14.24 29.47 7.69
N LYS C 186 12.97 29.44 7.29
CA LYS C 186 12.42 28.29 6.58
C LYS C 186 13.08 28.09 5.23
N THR C 187 13.22 29.18 4.44
CA THR C 187 13.75 29.03 3.09
C THR C 187 15.20 28.57 3.13
N GLU C 188 15.97 29.00 4.14
CA GLU C 188 17.28 28.39 4.30
C GLU C 188 17.18 26.97 4.88
N GLN C 189 16.17 26.70 5.70
CA GLN C 189 15.97 25.36 6.22
C GLN C 189 15.72 24.36 5.10
N ASP C 190 14.78 24.68 4.21
CA ASP C 190 14.44 23.75 3.14
C ASP C 190 15.60 23.65 2.14
N ALA C 191 16.36 24.72 1.96
CA ALA C 191 17.47 24.72 1.01
C ALA C 191 18.46 23.61 1.32
N LEU C 192 18.80 23.44 2.59
CA LEU C 192 19.67 22.33 3.00
C LEU C 192 18.88 21.05 3.27
N LYS C 193 17.58 21.15 3.52
CA LYS C 193 16.77 19.94 3.68
C LYS C 193 16.63 19.20 2.35
N LYS C 194 16.67 19.92 1.23
CA LYS C 194 16.66 19.29 -0.08
C LYS C 194 17.92 18.48 -0.34
N ALA C 195 19.02 18.78 0.37
CA ALA C 195 20.27 18.06 0.19
C ALA C 195 20.22 16.63 0.74
N MET C 196 19.13 16.25 1.41
CA MET C 196 18.99 14.90 1.94
C MET C 196 19.04 13.84 0.84
N LYS C 197 18.69 14.19 -0.39
CA LYS C 197 18.63 13.19 -1.46
C LYS C 197 20.01 12.65 -1.79
N SER C 198 21.01 13.52 -1.90
CA SER C 198 22.38 13.13 -2.24
C SER C 198 23.31 13.77 -1.21
N ALA C 199 23.58 13.02 -0.14
CA ALA C 199 24.45 13.51 0.92
C ALA C 199 25.20 12.34 1.53
N ASP C 200 26.32 12.67 2.19
CA ASP C 200 27.12 11.64 2.83
C ASP C 200 26.35 11.00 3.97
N LYS C 201 26.56 9.69 4.16
CA LYS C 201 25.88 8.97 5.23
C LYS C 201 26.24 9.54 6.59
N ASP C 202 27.52 9.87 6.80
CA ASP C 202 27.96 10.44 8.06
C ASP C 202 27.32 11.82 8.30
N THR C 203 27.29 12.66 7.26
CA THR C 203 26.69 13.99 7.40
C THR C 203 25.18 13.92 7.56
N LYS C 204 24.56 12.77 7.33
CA LYS C 204 23.11 12.65 7.44
C LYS C 204 22.65 12.95 8.86
N ALA C 205 23.40 12.46 9.85
CA ALA C 205 23.05 12.75 11.25
C ALA C 205 23.14 14.25 11.53
N GLU C 206 24.19 14.90 11.04
CA GLU C 206 24.33 16.34 11.24
C GLU C 206 23.23 17.11 10.53
N LEU C 207 22.85 16.67 9.33
CA LEU C 207 21.75 17.32 8.62
C LEU C 207 20.45 17.20 9.40
N GLN C 208 20.20 16.04 10.00
CA GLN C 208 19.09 15.91 10.93
C GLN C 208 19.26 16.83 12.13
N ILE C 209 20.48 16.90 12.67
CA ILE C 209 20.76 17.80 13.79
C ILE C 209 20.66 19.25 13.34
N LYS C 210 21.13 19.55 12.13
CA LYS C 210 21.06 20.91 11.62
C LYS C 210 19.61 21.38 11.49
N VAL C 211 18.76 20.54 10.89
CA VAL C 211 17.35 20.89 10.74
C VAL C 211 16.68 20.99 12.09
N ARG C 212 17.03 20.11 13.03
CA ARG C 212 16.44 20.17 14.36
C ARG C 212 16.82 21.47 15.07
N GLU C 213 18.07 21.90 14.93
CA GLU C 213 18.50 23.17 15.52
C GLU C 213 17.77 24.34 14.87
N LEU C 214 17.56 24.26 13.55
CA LEU C 214 16.79 25.31 12.88
C LEU C 214 15.35 25.35 13.42
N ASP C 215 14.78 24.18 13.69
CA ASP C 215 13.45 24.13 14.30
C ASP C 215 13.47 24.76 15.70
N GLU C 216 14.52 24.50 16.47
CA GLU C 216 14.64 25.13 17.78
C GLU C 216 14.70 26.65 17.65
N LYS C 217 15.44 27.14 16.66
CA LYS C 217 15.54 28.59 16.49
C LYS C 217 14.20 29.18 16.04
N ILE C 218 13.44 28.44 15.22
CA ILE C 218 12.10 28.90 14.85
C ILE C 218 11.22 29.00 16.08
N GLN C 219 11.26 27.97 16.94
CA GLN C 219 10.47 27.99 18.16
C GLN C 219 10.88 29.13 19.08
N ALA C 220 12.18 29.41 19.15
CA ALA C 220 12.66 30.53 19.96
C ALA C 220 12.19 31.86 19.39
N ARG C 221 12.19 31.99 18.07
CA ARG C 221 11.70 33.21 17.44
C ARG C 221 10.22 33.41 17.73
N LYS C 222 9.44 32.33 17.68
CA LYS C 222 8.02 32.44 18.04
C LYS C 222 7.84 32.75 19.51
N ASP C 223 8.73 32.25 20.37
CA ASP C 223 8.56 32.43 21.81
C ASP C 223 8.70 33.90 22.21
N GLN C 224 9.65 34.62 21.61
CA GLN C 224 9.82 36.02 21.96
C GLN C 224 8.70 36.90 21.40
N LYS C 225 7.83 36.37 20.56
CA LYS C 225 6.69 37.13 20.08
C LYS C 225 5.73 37.37 21.25
N GLN C 226 5.35 38.63 21.46
CA GLN C 226 4.68 39.01 22.69
C GLN C 226 3.15 38.95 22.60
N GLU C 227 2.57 39.72 21.68
CA GLU C 227 1.11 39.86 21.67
C GLU C 227 0.42 38.55 21.31
N SER C 228 0.92 37.85 20.28
CA SER C 228 0.41 36.54 19.91
C SER C 228 1.56 35.58 19.66
N ARG C 229 1.29 34.29 19.86
CA ARG C 229 2.28 33.27 19.56
C ARG C 229 2.28 32.87 18.10
N GLU C 230 1.09 32.70 17.53
CA GLU C 230 0.92 32.23 16.16
C GLU C 230 0.15 33.26 15.36
N SER C 231 0.57 33.47 14.12
CA SER C 231 0.00 34.52 13.29
C SER C 231 -1.47 34.25 13.00
N ILE C 232 -2.28 35.30 13.10
CA ILE C 232 -3.72 35.15 12.88
C ILE C 232 -4.00 34.87 11.41
N ARG C 233 -3.42 35.67 10.52
CA ARG C 233 -3.65 35.50 9.09
C ARG C 233 -2.80 34.36 8.56
N ARG C 234 -3.45 33.35 7.98
CA ARG C 234 -2.74 32.20 7.46
C ARG C 234 -3.66 31.44 6.53
N PRO C 235 -3.13 30.81 5.50
CA PRO C 235 -3.94 29.89 4.70
C PRO C 235 -4.11 28.57 5.41
N ILE C 236 -5.28 27.98 5.25
CA ILE C 236 -5.60 26.70 5.87
C ILE C 236 -5.40 25.61 4.82
N ASP C 237 -4.60 24.61 5.15
CA ASP C 237 -4.31 23.56 4.19
C ASP C 237 -5.55 22.68 3.99
N PRO C 238 -5.86 22.31 2.76
CA PRO C 238 -7.04 21.49 2.51
C PRO C 238 -6.84 20.07 3.02
N TYR C 239 -7.95 19.37 3.19
CA TYR C 239 -7.95 17.96 3.53
C TYR C 239 -8.56 17.18 2.39
N GLU C 240 -8.17 15.91 2.27
CA GLU C 240 -8.71 15.04 1.23
C GLU C 240 -9.94 14.33 1.76
N ALA C 241 -11.00 14.32 0.96
CA ALA C 241 -12.26 13.72 1.37
C ALA C 241 -12.98 13.16 0.16
N PHE C 242 -13.87 12.22 0.40
CA PHE C 242 -14.74 11.74 -0.65
C PHE C 242 -15.73 12.83 -1.05
N ILE C 243 -16.10 12.85 -2.33
CA ILE C 243 -16.98 13.91 -2.80
C ILE C 243 -18.40 13.68 -2.30
N THR C 244 -19.19 14.74 -2.35
CA THR C 244 -20.61 14.61 -2.05
C THR C 244 -21.27 13.71 -3.08
N GLY C 245 -22.10 12.79 -2.62
CA GLY C 245 -22.74 11.87 -3.53
C GLY C 245 -21.90 10.70 -3.97
N ALA C 246 -20.78 10.44 -3.30
CA ALA C 246 -19.98 9.28 -3.61
C ALA C 246 -20.67 8.01 -3.12
N GLU C 247 -20.51 6.94 -3.87
CA GLU C 247 -21.11 5.64 -3.55
C GLU C 247 -19.99 4.71 -3.12
N LEU C 248 -19.98 4.34 -1.85
CA LEU C 248 -18.95 3.48 -1.29
C LEU C 248 -19.55 2.13 -0.95
N SER C 249 -18.98 1.07 -1.49
CA SER C 249 -19.46 -0.28 -1.19
C SER C 249 -18.91 -0.74 0.15
N HIS C 250 -19.81 -1.15 1.04
CA HIS C 250 -19.44 -1.51 2.40
C HIS C 250 -20.01 -2.88 2.73
N ARG C 251 -19.28 -3.65 3.53
CA ARG C 251 -19.69 -5.00 3.89
C ARG C 251 -19.42 -5.22 5.37
N MET C 252 -20.47 -5.54 6.12
CA MET C 252 -20.43 -5.85 7.54
C MET C 252 -20.92 -7.28 7.77
N SER C 253 -20.60 -7.82 8.94
CA SER C 253 -21.03 -9.17 9.25
C SER C 253 -21.03 -9.40 10.75
N ILE C 254 -21.88 -10.30 11.20
CA ILE C 254 -21.89 -10.80 12.57
C ILE C 254 -21.77 -12.31 12.51
N LYS C 255 -20.78 -12.87 13.18
CA LYS C 255 -20.52 -14.30 13.14
C LYS C 255 -21.27 -14.99 14.28
N ASN C 256 -22.13 -15.93 13.93
CA ASN C 256 -22.92 -16.69 14.90
C ASN C 256 -23.66 -15.75 15.84
N ALA C 257 -24.51 -14.93 15.25
CA ALA C 257 -25.22 -13.90 16.00
C ALA C 257 -26.45 -14.49 16.66
N THR C 258 -26.53 -14.36 17.99
CA THR C 258 -27.79 -14.62 18.66
C THR C 258 -28.81 -13.57 18.26
N ASP C 259 -30.09 -13.90 18.44
CA ASP C 259 -31.13 -12.92 18.13
C ASP C 259 -30.96 -11.64 18.95
N GLU C 260 -30.59 -11.78 20.22
CA GLU C 260 -30.39 -10.60 21.06
C GLU C 260 -29.22 -9.75 20.57
N GLU C 261 -28.11 -10.40 20.20
CA GLU C 261 -26.96 -9.64 19.71
C GLU C 261 -27.27 -8.94 18.40
N ALA C 262 -27.95 -9.64 17.49
CA ALA C 262 -28.32 -9.00 16.23
C ALA C 262 -29.30 -7.85 16.46
N GLY C 263 -30.20 -8.01 17.42
CA GLY C 263 -31.10 -6.92 17.77
C GLY C 263 -30.36 -5.73 18.32
N LEU C 264 -29.37 -5.96 19.18
CA LEU C 264 -28.55 -4.87 19.68
C LEU C 264 -27.82 -4.16 18.54
N PHE C 265 -27.29 -4.94 17.61
CA PHE C 265 -26.57 -4.32 16.49
C PHE C 265 -27.51 -3.50 15.60
N ILE C 266 -28.69 -4.02 15.31
CA ILE C 266 -29.63 -3.26 14.49
C ILE C 266 -30.11 -2.04 15.24
N SER C 267 -30.28 -2.12 16.56
CA SER C 267 -30.63 -0.95 17.34
C SER C 267 -29.50 0.08 17.35
N ALA C 268 -28.26 -0.38 17.32
CA ALA C 268 -27.14 0.54 17.16
C ALA C 268 -27.19 1.23 15.81
N LEU C 269 -27.53 0.49 14.76
CA LEU C 269 -27.69 1.11 13.45
C LEU C 269 -28.81 2.13 13.47
N ILE C 270 -29.93 1.81 14.13
CA ILE C 270 -31.06 2.73 14.20
C ILE C 270 -30.69 3.99 14.97
N ARG C 271 -29.95 3.84 16.07
CA ARG C 271 -29.52 5.01 16.81
C ARG C 271 -28.46 5.80 16.05
N PHE C 272 -27.60 5.11 15.30
CA PHE C 272 -26.62 5.82 14.47
C PHE C 272 -27.31 6.68 13.43
N ALA C 273 -28.50 6.29 12.99
CA ALA C 273 -29.19 7.04 11.94
C ALA C 273 -29.67 8.39 12.42
N ALA C 274 -29.72 8.64 13.72
CA ALA C 274 -30.08 9.96 14.21
C ALA C 274 -29.03 10.99 13.82
N GLU C 275 -27.75 10.62 13.92
CA GLU C 275 -26.64 11.46 13.51
C GLU C 275 -25.72 10.61 12.66
N PRO C 276 -26.05 10.41 11.39
CA PRO C 276 -25.26 9.50 10.54
C PRO C 276 -23.95 10.13 10.09
N ARG C 277 -23.06 10.38 11.04
CA ARG C 277 -21.83 11.11 10.76
C ARG C 277 -20.64 10.21 11.03
N PHE C 278 -19.86 9.93 9.99
CA PHE C 278 -18.64 9.16 10.08
C PHE C 278 -17.46 10.10 9.98
N GLY C 279 -16.30 9.63 10.43
CA GLY C 279 -15.11 10.40 10.16
C GLY C 279 -15.07 11.70 10.94
N GLY C 280 -14.23 12.61 10.45
CA GLY C 280 -13.99 13.84 11.18
C GLY C 280 -14.40 15.08 10.44
N HIS C 281 -13.89 16.23 10.87
CA HIS C 281 -14.31 17.54 10.37
C HIS C 281 -15.81 17.72 10.52
N ALA C 282 -16.25 17.74 11.78
CA ALA C 282 -17.65 17.98 12.07
C ALA C 282 -18.08 19.36 11.58
N ASN C 283 -17.26 20.37 11.83
CA ASN C 283 -17.45 21.63 11.12
C ASN C 283 -17.26 21.38 9.64
N HIS C 284 -17.98 22.12 8.81
CA HIS C 284 -18.15 21.91 7.38
C HIS C 284 -19.08 20.74 7.17
N ASN C 285 -19.66 20.19 8.24
CA ASN C 285 -20.66 19.13 8.17
C ASN C 285 -20.15 17.90 7.42
N CYS C 286 -18.84 17.71 7.38
CA CYS C 286 -18.28 16.56 6.71
C CYS C 286 -18.67 15.29 7.45
N GLY C 287 -18.89 14.22 6.70
CA GLY C 287 -19.11 12.90 7.26
C GLY C 287 -20.52 12.40 7.20
N LEU C 288 -21.49 13.24 6.88
CA LEU C 288 -22.88 12.80 6.85
C LEU C 288 -23.04 11.77 5.72
N VAL C 289 -23.68 10.64 6.04
CA VAL C 289 -23.79 9.55 5.08
C VAL C 289 -25.23 9.05 5.03
N GLU C 290 -25.50 8.24 4.01
CA GLU C 290 -26.80 7.63 3.79
C GLU C 290 -26.55 6.24 3.23
N ALA C 291 -26.93 5.21 3.98
CA ALA C 291 -26.49 3.86 3.68
C ALA C 291 -27.68 2.90 3.67
N HIS C 292 -27.59 1.89 2.82
CA HIS C 292 -28.55 0.80 2.81
C HIS C 292 -27.79 -0.51 2.77
N TRP C 293 -28.17 -1.44 3.65
CA TRP C 293 -27.51 -2.73 3.76
C TRP C 293 -28.53 -3.84 3.53
N THR C 294 -28.13 -4.88 2.80
CA THR C 294 -28.97 -6.05 2.60
C THR C 294 -28.44 -7.18 3.48
N VAL C 295 -29.29 -7.67 4.37
CA VAL C 295 -28.89 -8.67 5.35
C VAL C 295 -29.18 -10.05 4.76
N THR C 296 -28.14 -10.88 4.68
CA THR C 296 -28.27 -12.24 4.19
C THR C 296 -27.63 -13.19 5.18
N THR C 297 -28.17 -14.40 5.25
CA THR C 297 -27.64 -15.44 6.12
C THR C 297 -27.33 -16.69 5.31
N TRP C 298 -26.44 -17.51 5.84
CA TRP C 298 -25.94 -18.69 5.14
C TRP C 298 -25.75 -19.81 6.14
N LYS C 299 -26.63 -20.80 6.10
CA LYS C 299 -26.46 -21.95 6.97
C LYS C 299 -25.37 -22.86 6.42
N PRO C 300 -24.35 -23.18 7.20
CA PRO C 300 -23.27 -24.01 6.69
C PRO C 300 -23.77 -25.36 6.21
N GLY C 301 -23.23 -25.82 5.09
CA GLY C 301 -23.72 -26.99 4.42
C GLY C 301 -24.70 -26.73 3.31
N GLU C 302 -25.33 -25.56 3.31
CA GLU C 302 -26.20 -25.16 2.22
C GLU C 302 -25.36 -24.63 1.07
N LEU C 303 -26.01 -24.40 -0.07
CA LEU C 303 -25.31 -23.94 -1.26
C LEU C 303 -25.60 -22.50 -1.62
N VAL C 304 -26.70 -21.93 -1.14
CA VAL C 304 -27.09 -20.58 -1.53
C VAL C 304 -27.55 -19.82 -0.29
N PRO C 305 -27.24 -18.52 -0.16
CA PRO C 305 -27.67 -17.77 1.02
C PRO C 305 -29.15 -17.48 1.00
N VAL C 306 -29.62 -16.93 2.12
CA VAL C 306 -31.01 -16.53 2.31
C VAL C 306 -31.03 -15.06 2.70
N THR C 307 -31.89 -14.29 2.05
CA THR C 307 -31.98 -12.86 2.30
C THR C 307 -33.03 -12.61 3.38
N LEU C 308 -32.62 -11.96 4.47
CA LEU C 308 -33.52 -11.68 5.57
C LEU C 308 -34.25 -10.36 5.41
N GLY C 309 -33.58 -9.35 4.87
CA GLY C 309 -34.21 -8.06 4.71
C GLY C 309 -33.16 -7.01 4.42
N GLU C 310 -33.63 -5.77 4.34
CA GLU C 310 -32.78 -4.65 4.00
C GLU C 310 -32.92 -3.57 5.06
N ILE C 311 -31.81 -2.95 5.42
CA ILE C 311 -31.77 -1.84 6.36
C ILE C 311 -31.42 -0.59 5.57
N VAL C 312 -32.32 0.37 5.52
CA VAL C 312 -32.12 1.59 4.73
C VAL C 312 -32.07 2.76 5.70
N ILE C 313 -30.98 3.51 5.64
CA ILE C 313 -30.80 4.72 6.44
C ILE C 313 -30.78 5.90 5.50
N THR C 314 -31.76 6.77 5.64
CA THR C 314 -31.89 7.97 4.82
C THR C 314 -32.15 9.16 5.73
N PRO C 315 -31.88 10.37 5.25
CA PRO C 315 -32.19 11.56 6.06
C PRO C 315 -33.66 11.69 6.39
N ASN C 316 -34.54 11.05 5.63
CA ASN C 316 -35.98 11.11 5.89
C ASN C 316 -36.46 10.06 6.87
N GLY C 317 -35.65 9.07 7.19
CA GLY C 317 -36.06 8.04 8.14
C GLY C 317 -35.23 6.80 7.98
N VAL C 318 -35.59 5.79 8.77
CA VAL C 318 -34.97 4.48 8.75
C VAL C 318 -36.02 3.46 8.34
N GLU C 319 -35.66 2.59 7.40
CA GLU C 319 -36.56 1.52 6.97
C GLU C 319 -35.91 0.18 7.28
N ILE C 320 -36.62 -0.65 8.02
CA ILE C 320 -36.23 -2.04 8.26
C ILE C 320 -37.28 -2.90 7.57
N THR C 321 -36.83 -3.84 6.76
CA THR C 321 -37.72 -4.73 6.03
C THR C 321 -37.40 -6.18 6.34
N GLY C 322 -38.43 -7.02 6.30
CA GLY C 322 -38.25 -8.42 6.60
C GLY C 322 -38.68 -8.76 8.02
N ASP C 323 -39.46 -9.83 8.18
CA ASP C 323 -39.91 -10.21 9.51
C ASP C 323 -38.75 -10.60 10.40
N GLU C 324 -37.66 -11.12 9.82
CA GLU C 324 -36.55 -11.59 10.63
C GLU C 324 -35.88 -10.45 11.38
N LEU C 325 -35.67 -9.32 10.71
CA LEU C 325 -34.99 -8.21 11.37
C LEU C 325 -35.85 -7.63 12.49
N PHE C 326 -37.16 -7.51 12.24
CA PHE C 326 -38.06 -7.04 13.29
C PHE C 326 -38.06 -8.00 14.46
N ALA C 327 -38.03 -9.30 14.18
CA ALA C 327 -37.96 -10.29 15.24
C ALA C 327 -36.68 -10.15 16.04
N MET C 328 -35.57 -9.86 15.36
CA MET C 328 -34.30 -9.67 16.06
C MET C 328 -34.35 -8.47 16.99
N VAL C 329 -34.85 -7.34 16.47
CA VAL C 329 -34.93 -6.13 17.30
C VAL C 329 -35.85 -6.37 18.50
N LYS C 330 -36.99 -7.01 18.26
CA LYS C 330 -37.91 -7.33 19.34
C LYS C 330 -37.24 -8.23 20.38
N ALA C 331 -36.55 -9.26 19.92
CA ALA C 331 -35.85 -10.17 20.83
C ALA C 331 -34.85 -9.41 21.69
N PHE C 332 -34.14 -8.46 21.11
CA PHE C 332 -33.23 -7.66 21.93
C PHE C 332 -34.00 -6.83 22.94
N ASN C 333 -35.08 -6.19 22.51
CA ASN C 333 -35.78 -5.26 23.41
C ASN C 333 -36.44 -5.98 24.58
N GLU C 334 -36.94 -7.20 24.35
CA GLU C 334 -37.75 -7.88 25.34
C GLU C 334 -36.96 -8.76 26.28
N ASN C 335 -35.62 -8.73 26.21
CA ASN C 335 -34.80 -9.55 27.09
C ASN C 335 -34.36 -8.71 28.28
N GLN C 336 -34.70 -9.17 29.49
CA GLN C 336 -34.39 -8.45 30.72
C GLN C 336 -33.28 -9.11 31.53
N SER C 337 -32.60 -10.10 30.97
CA SER C 337 -31.57 -10.84 31.69
C SER C 337 -30.17 -10.31 31.44
N PHE C 338 -30.04 -9.18 30.76
CA PHE C 338 -28.74 -8.63 30.43
C PHE C 338 -28.10 -7.98 31.65
N ASP C 339 -26.81 -8.24 31.82
CA ASP C 339 -26.03 -7.63 32.89
C ASP C 339 -24.78 -7.02 32.25
N PHE C 340 -24.76 -5.70 32.12
CA PHE C 340 -23.65 -5.01 31.48
C PHE C 340 -22.63 -4.52 32.49
N THR C 341 -22.80 -4.84 33.76
CA THR C 341 -21.90 -4.37 34.79
C THR C 341 -20.87 -5.44 35.12
N MET D 1 -31.33 19.77 24.79
CA MET D 1 -30.38 18.98 24.01
C MET D 1 -31.07 18.25 22.87
N ARG D 2 -31.08 18.88 21.70
CA ARG D 2 -31.59 18.28 20.48
C ARG D 2 -30.59 18.51 19.37
N THR D 3 -30.59 17.60 18.40
CA THR D 3 -29.78 17.76 17.19
C THR D 3 -30.67 18.35 16.11
N LEU D 4 -30.31 19.53 15.63
CA LEU D 4 -31.10 20.25 14.65
C LEU D 4 -30.43 20.11 13.28
N ASN D 5 -31.19 19.64 12.30
CA ASN D 5 -30.71 19.52 10.93
C ASN D 5 -31.37 20.58 10.08
N PHE D 6 -30.57 21.47 9.50
CA PHE D 6 -31.06 22.51 8.62
C PHE D 6 -30.86 22.01 7.18
N ASN D 7 -31.95 21.71 6.50
CA ASN D 7 -31.90 21.24 5.13
C ASN D 7 -32.65 22.22 4.25
N GLY D 8 -32.01 22.70 3.20
CA GLY D 8 -32.64 23.69 2.35
C GLY D 8 -31.74 24.06 1.20
N LYS D 9 -32.10 25.16 0.54
CA LYS D 9 -31.40 25.60 -0.65
C LYS D 9 -30.99 27.06 -0.50
N ILE D 10 -29.87 27.40 -1.13
CA ILE D 10 -29.42 28.78 -1.24
C ILE D 10 -29.66 29.22 -2.69
N SER D 11 -30.58 30.14 -2.87
CA SER D 11 -30.90 30.65 -4.20
C SER D 11 -30.15 31.95 -4.43
N THR D 12 -29.50 32.05 -5.57
CA THR D 12 -28.60 33.15 -5.87
C THR D 12 -29.35 34.29 -6.54
N LEU D 13 -29.14 35.51 -6.05
CA LEU D 13 -29.68 36.71 -6.68
C LEU D 13 -28.66 37.47 -7.50
N GLU D 14 -27.38 37.34 -7.18
CA GLU D 14 -26.27 37.87 -7.94
C GLU D 14 -25.16 36.83 -7.93
N PRO D 15 -24.33 36.79 -8.99
CA PRO D 15 -23.38 35.69 -9.13
C PRO D 15 -22.57 35.44 -7.86
N LEU D 16 -22.41 34.16 -7.52
CA LEU D 16 -21.75 33.75 -6.30
C LEU D 16 -20.35 33.27 -6.64
N THR D 17 -19.34 33.96 -6.12
CA THR D 17 -17.96 33.64 -6.42
C THR D 17 -17.14 33.54 -5.15
N VAL D 18 -16.04 32.80 -5.23
CA VAL D 18 -15.15 32.60 -4.10
C VAL D 18 -13.77 32.25 -4.65
N THR D 19 -12.73 32.70 -3.96
CA THR D 19 -11.35 32.48 -4.36
C THR D 19 -10.70 31.56 -3.34
N VAL D 20 -10.77 30.26 -3.59
CA VAL D 20 -10.08 29.29 -2.75
C VAL D 20 -8.67 29.12 -3.28
N LYS D 21 -7.68 29.17 -2.38
CA LYS D 21 -6.29 29.23 -2.80
C LYS D 21 -5.89 28.02 -3.63
N ASN D 22 -6.19 26.82 -3.13
CA ASN D 22 -5.73 25.61 -3.81
C ASN D 22 -6.52 25.34 -5.09
N ALA D 23 -7.77 25.79 -5.15
CA ALA D 23 -8.59 25.54 -6.33
C ALA D 23 -8.06 26.29 -7.54
N VAL D 24 -7.72 27.56 -7.37
CA VAL D 24 -7.28 28.37 -8.50
C VAL D 24 -5.86 27.99 -8.90
N SER D 25 -5.54 28.24 -10.17
CA SER D 25 -4.22 27.97 -10.72
C SER D 25 -3.82 29.13 -11.63
N THR D 26 -2.67 28.99 -12.26
CA THR D 26 -2.24 29.99 -13.25
C THR D 26 -3.15 29.99 -14.47
N SER D 27 -3.91 28.92 -14.69
CA SER D 27 -4.87 28.89 -15.79
C SER D 27 -5.91 29.99 -15.63
N GLY D 28 -6.47 30.12 -14.44
CA GLY D 28 -7.44 31.15 -14.18
C GLY D 28 -8.15 30.89 -12.87
N HIS D 29 -9.08 31.78 -12.56
CA HIS D 29 -9.87 31.66 -11.33
C HIS D 29 -10.97 30.65 -11.56
N ARG D 30 -10.82 29.47 -10.97
CA ARG D 30 -11.85 28.44 -11.01
C ARG D 30 -12.45 28.26 -9.62
N LEU D 31 -13.76 28.02 -9.59
CA LEU D 31 -14.41 27.68 -8.35
C LEU D 31 -13.89 26.33 -7.85
N PRO D 32 -13.94 26.10 -6.54
CA PRO D 32 -13.55 24.78 -6.04
C PRO D 32 -14.47 23.72 -6.59
N ARG D 33 -13.88 22.61 -7.02
CA ARG D 33 -14.62 21.54 -7.69
C ARG D 33 -14.94 20.41 -6.72
N ASN D 34 -16.09 19.79 -6.92
CA ASN D 34 -16.54 18.66 -6.11
C ASN D 34 -15.92 17.36 -6.64
N GLY D 35 -14.60 17.33 -6.68
CA GLY D 35 -13.90 16.18 -7.17
C GLY D 35 -12.77 16.54 -8.12
N GLY D 36 -12.80 15.98 -9.33
CA GLY D 36 -11.76 16.22 -10.29
C GLY D 36 -11.92 17.55 -10.99
N PHE D 37 -11.05 17.79 -11.97
CA PHE D 37 -11.07 19.05 -12.70
C PHE D 37 -12.41 19.26 -13.42
N ASN D 38 -13.08 18.18 -13.81
CA ASN D 38 -14.31 18.27 -14.56
C ASN D 38 -15.56 18.05 -13.70
N ALA D 39 -15.42 18.14 -12.39
CA ALA D 39 -16.56 17.95 -11.52
C ALA D 39 -17.34 19.26 -11.37
N ALA D 40 -18.52 19.16 -10.78
CA ALA D 40 -19.38 20.32 -10.61
C ALA D 40 -18.87 21.18 -9.44
N PRO D 41 -18.68 22.47 -9.64
CA PRO D 41 -18.18 23.31 -8.56
C PRO D 41 -19.19 23.45 -7.43
N TYR D 42 -18.68 23.75 -6.25
CA TYR D 42 -19.50 23.95 -5.07
C TYR D 42 -19.09 25.26 -4.40
N PHE D 43 -20.01 25.81 -3.64
CA PHE D 43 -19.59 26.94 -2.81
C PHE D 43 -19.11 26.43 -1.46
N PRO D 44 -17.93 26.85 -1.02
CA PRO D 44 -17.32 26.23 0.17
C PRO D 44 -18.21 26.38 1.39
N GLY D 45 -18.21 25.34 2.23
CA GLY D 45 -18.83 25.48 3.52
C GLY D 45 -18.04 26.35 4.46
N THR D 46 -16.75 26.51 4.20
CA THR D 46 -15.92 27.35 5.06
C THR D 46 -16.34 28.81 4.99
N SER D 47 -16.63 29.32 3.80
CA SER D 47 -17.06 30.71 3.66
C SER D 47 -18.40 30.95 4.35
N ILE D 48 -19.34 30.02 4.19
CA ILE D 48 -20.62 30.16 4.86
C ILE D 48 -20.44 30.12 6.36
N ARG D 49 -19.58 29.23 6.85
CA ARG D 49 -19.33 29.16 8.28
C ARG D 49 -18.72 30.44 8.80
N GLY D 50 -17.76 31.00 8.08
CA GLY D 50 -17.16 32.25 8.51
C GLY D 50 -18.15 33.39 8.55
N THR D 51 -18.98 33.50 7.51
CA THR D 51 -19.96 34.58 7.46
C THR D 51 -20.95 34.45 8.62
N LEU D 52 -21.45 33.23 8.86
CA LEU D 52 -22.40 33.06 9.95
C LEU D 52 -21.74 33.25 11.31
N ARG D 53 -20.48 32.87 11.45
CA ARG D 53 -19.79 33.09 12.72
C ARG D 53 -19.64 34.57 13.01
N HIS D 54 -19.27 35.35 11.99
CA HIS D 54 -19.16 36.79 12.22
C HIS D 54 -20.52 37.42 12.46
N ALA D 55 -21.57 36.92 11.82
CA ALA D 55 -22.91 37.41 12.10
C ALA D 55 -23.28 37.14 13.56
N ALA D 56 -23.00 35.93 14.04
CA ALA D 56 -23.30 35.60 15.44
C ALA D 56 -22.47 36.46 16.38
N HIS D 57 -21.21 36.69 16.03
CA HIS D 57 -20.36 37.57 16.84
C HIS D 57 -20.99 38.95 16.98
N LYS D 58 -21.45 39.52 15.87
CA LYS D 58 -22.08 40.84 15.97
C LYS D 58 -23.38 40.77 16.76
N VAL D 59 -24.12 39.66 16.66
CA VAL D 59 -25.29 39.49 17.50
C VAL D 59 -24.92 39.61 18.96
N ILE D 60 -23.84 38.93 19.36
CA ILE D 60 -23.41 38.99 20.75
C ILE D 60 -22.98 40.40 21.12
N VAL D 61 -22.26 41.08 20.23
CA VAL D 61 -21.79 42.43 20.54
C VAL D 61 -22.97 43.38 20.75
N ASP D 62 -23.98 43.28 19.89
CA ASP D 62 -25.17 44.12 20.06
C ASP D 62 -25.93 43.76 21.33
N ARG D 63 -26.03 42.46 21.64
CA ARG D 63 -26.76 42.04 22.83
C ARG D 63 -26.10 42.57 24.10
N VAL D 64 -24.77 42.47 24.18
CA VAL D 64 -24.06 42.96 25.36
C VAL D 64 -24.27 44.45 25.54
N GLY D 65 -24.21 45.21 24.45
CA GLY D 65 -24.40 46.63 24.49
C GLY D 65 -23.08 47.39 24.42
N LEU D 66 -23.21 48.69 24.19
CA LEU D 66 -22.07 49.57 24.06
C LEU D 66 -22.13 50.66 25.12
N ASN D 67 -20.97 51.28 25.37
CA ASN D 67 -20.87 52.39 26.31
C ASN D 67 -21.42 53.65 25.64
N ALA D 68 -21.28 54.79 26.32
CA ALA D 68 -21.76 56.05 25.75
C ALA D 68 -21.04 56.37 24.45
N ASP D 69 -19.73 56.17 24.41
CA ASP D 69 -18.98 56.38 23.19
C ASP D 69 -19.24 55.29 22.15
N GLY D 70 -19.74 54.14 22.58
CA GLY D 70 -20.00 53.05 21.66
C GLY D 70 -18.85 52.06 21.59
N LYS D 71 -18.32 51.68 22.74
CA LYS D 71 -17.21 50.74 22.84
C LYS D 71 -17.68 49.47 23.52
N SER D 72 -17.29 48.33 22.97
CA SER D 72 -17.69 47.05 23.53
C SER D 72 -16.91 46.74 24.80
N PRO D 73 -17.55 46.10 25.78
CA PRO D 73 -16.82 45.70 26.99
C PRO D 73 -15.72 44.70 26.72
N PHE D 74 -15.81 43.92 25.66
CA PHE D 74 -14.83 42.88 25.38
C PHE D 74 -13.49 43.49 25.02
N ASP D 75 -12.41 42.81 25.43
CA ASP D 75 -11.09 43.18 24.96
C ASP D 75 -10.79 42.46 23.65
N LEU D 76 -9.57 42.64 23.13
CA LEU D 76 -9.24 42.07 21.83
C LEU D 76 -9.29 40.54 21.87
N ALA D 77 -8.88 39.95 22.98
CA ALA D 77 -8.89 38.49 23.07
C ALA D 77 -10.30 37.95 22.94
N GLU D 78 -11.28 38.57 23.60
CA GLU D 78 -12.66 38.10 23.49
C GLU D 78 -13.17 38.25 22.06
N HIS D 79 -12.86 39.36 21.40
CA HIS D 79 -13.31 39.55 20.02
C HIS D 79 -12.75 38.46 19.12
N PHE D 80 -11.44 38.21 19.21
CA PHE D 80 -10.84 37.20 18.36
C PHE D 80 -11.37 35.82 18.68
N MET D 81 -11.56 35.51 19.97
CA MET D 81 -12.09 34.19 20.33
C MET D 81 -13.52 34.02 19.83
N LEU D 82 -14.33 35.07 19.91
CA LEU D 82 -15.73 34.94 19.52
C LEU D 82 -15.87 34.80 18.01
N ALA D 83 -15.16 35.62 17.25
CA ALA D 83 -15.39 35.63 15.80
C ALA D 83 -14.43 34.76 15.01
N GLN D 84 -13.14 34.77 15.34
CA GLN D 84 -12.14 34.04 14.58
C GLN D 84 -11.74 32.73 15.22
N GLY D 85 -12.16 32.48 16.45
CA GLY D 85 -11.73 31.27 17.16
C GLY D 85 -10.23 31.17 17.32
N VAL D 86 -9.56 32.29 17.59
CA VAL D 86 -8.12 32.33 17.79
C VAL D 86 -7.83 32.99 19.13
N ASP D 87 -6.96 32.37 19.91
CA ASP D 87 -6.60 32.86 21.25
C ASP D 87 -5.27 33.59 21.13
N ILE D 88 -5.32 34.92 21.12
CA ILE D 88 -4.10 35.71 21.09
C ILE D 88 -3.33 35.65 22.40
N ASN D 89 -3.96 35.16 23.46
CA ASN D 89 -3.28 34.98 24.74
C ASN D 89 -2.68 33.59 24.92
N GLY D 90 -2.75 32.74 23.90
CA GLY D 90 -2.14 31.43 23.94
C GLY D 90 -2.61 30.55 25.08
N GLU D 91 -3.94 30.44 25.25
CA GLU D 91 -4.51 29.68 26.36
C GLU D 91 -5.21 28.40 25.94
N ALA D 92 -5.81 28.36 24.76
CA ALA D 92 -6.55 27.18 24.33
C ALA D 92 -5.62 25.97 24.21
N GLU D 93 -6.01 24.87 24.83
CA GLU D 93 -5.21 23.65 24.83
C GLU D 93 -6.14 22.46 24.59
N THR D 94 -5.55 21.36 24.15
CA THR D 94 -6.29 20.17 23.76
C THR D 94 -5.92 19.00 24.67
N PHE D 95 -6.95 18.26 25.09
CA PHE D 95 -6.77 17.04 25.88
C PHE D 95 -5.99 17.31 27.16
N ALA D 96 -6.24 18.45 27.79
CA ALA D 96 -5.60 18.78 29.04
C ALA D 96 -6.50 18.35 30.20
N PRO D 97 -6.10 17.39 31.02
CA PRO D 97 -6.92 17.04 32.18
C PRO D 97 -7.10 18.24 33.10
N GLY D 98 -8.32 18.38 33.62
CA GLY D 98 -8.74 19.58 34.30
C GLY D 98 -9.71 20.40 33.48
N GLU D 99 -9.57 20.40 32.17
CA GLU D 99 -10.56 20.95 31.27
C GLU D 99 -11.69 19.96 31.04
N ILE D 100 -11.56 18.74 31.55
CA ILE D 100 -12.64 17.76 31.50
C ILE D 100 -13.74 18.22 32.42
N ASN D 101 -14.99 18.00 32.00
CA ASN D 101 -16.19 18.40 32.73
C ASN D 101 -16.31 19.92 32.84
N ALA D 102 -15.44 20.66 32.16
CA ALA D 102 -15.54 22.11 32.10
C ALA D 102 -16.23 22.59 30.85
N GLY D 103 -16.38 21.73 29.84
CA GLY D 103 -17.09 22.14 28.64
C GLY D 103 -18.52 22.54 28.91
N ALA D 104 -19.25 21.72 29.66
CA ALA D 104 -20.67 21.95 29.91
C ALA D 104 -20.90 23.34 30.51
N GLU D 105 -20.17 23.66 31.57
CA GLU D 105 -20.29 24.98 32.19
C GLU D 105 -19.89 26.07 31.21
N LEU D 106 -18.76 25.87 30.52
CA LEU D 106 -18.29 26.88 29.57
C LEU D 106 -19.29 27.08 28.44
N ARG D 107 -19.86 25.99 27.93
CA ARG D 107 -20.84 26.10 26.86
C ARG D 107 -22.11 26.80 27.34
N SER D 108 -22.50 26.57 28.59
CA SER D 108 -23.67 27.25 29.11
C SER D 108 -23.41 28.75 29.29
N LYS D 109 -22.18 29.11 29.67
CA LYS D 109 -21.88 30.53 29.83
C LYS D 109 -21.69 31.24 28.51
N ASN D 110 -21.08 30.57 27.52
CA ASN D 110 -20.68 31.19 26.26
C ASN D 110 -21.32 30.42 25.12
N PRO D 111 -22.54 30.77 24.70
CA PRO D 111 -23.18 30.05 23.60
C PRO D 111 -22.43 30.18 22.28
N LEU D 112 -21.76 31.30 22.03
CA LEU D 112 -21.08 31.47 20.74
C LEU D 112 -19.91 30.50 20.61
N ILE D 113 -19.08 30.42 21.64
CA ILE D 113 -17.95 29.49 21.59
C ILE D 113 -18.42 28.06 21.72
N SER D 114 -19.64 27.85 22.23
CA SER D 114 -20.23 26.51 22.20
C SER D 114 -20.63 26.13 20.78
N LEU D 115 -21.30 27.03 20.09
CA LEU D 115 -21.74 26.78 18.72
C LEU D 115 -20.56 26.57 17.80
N PHE D 116 -19.71 27.58 17.65
CA PHE D 116 -18.72 27.54 16.59
C PHE D 116 -17.42 26.92 17.06
N GLY D 117 -16.98 27.23 18.26
CA GLY D 117 -15.90 26.48 18.88
C GLY D 117 -14.56 27.15 18.73
N ARG D 118 -13.56 26.51 19.30
CA ARG D 118 -12.19 26.98 19.29
C ARG D 118 -11.27 25.77 19.28
N TRP D 119 -9.97 26.03 19.26
CA TRP D 119 -8.98 24.97 19.39
C TRP D 119 -9.21 24.18 20.66
N GLY D 120 -9.54 22.91 20.52
CA GLY D 120 -9.74 22.03 21.65
C GLY D 120 -11.16 21.97 22.16
N LEU D 121 -12.00 22.92 21.80
CA LEU D 121 -13.41 22.90 22.15
C LEU D 121 -14.21 22.70 20.86
N SER D 122 -14.79 21.52 20.70
CA SER D 122 -15.54 21.23 19.50
C SER D 122 -16.73 22.16 19.36
N GLY D 123 -17.02 22.54 18.12
CA GLY D 123 -18.18 23.37 17.85
C GLY D 123 -19.37 22.54 17.45
N LYS D 124 -20.54 22.91 17.96
CA LYS D 124 -21.74 22.16 17.66
C LYS D 124 -22.26 22.43 16.26
N VAL D 125 -21.84 23.51 15.61
CA VAL D 125 -22.40 23.91 14.34
C VAL D 125 -21.55 23.35 13.21
N GLY D 126 -22.19 22.60 12.31
CA GLY D 126 -21.56 22.18 11.08
C GLY D 126 -22.29 22.76 9.89
N ILE D 127 -21.56 23.41 8.98
CA ILE D 127 -22.16 24.14 7.87
C ILE D 127 -21.50 23.64 6.59
N GLY D 128 -22.23 22.81 5.84
CA GLY D 128 -21.66 22.12 4.70
C GLY D 128 -21.59 22.96 3.46
N ASN D 129 -21.06 22.34 2.40
CA ASN D 129 -20.92 23.00 1.11
C ASN D 129 -22.28 23.12 0.43
N ALA D 130 -22.36 24.02 -0.54
CA ALA D 130 -23.57 24.23 -1.32
C ALA D 130 -23.35 23.67 -2.72
N ILE D 131 -24.13 22.67 -3.09
CA ILE D 131 -23.97 21.92 -4.33
C ILE D 131 -25.08 22.33 -5.29
N PRO D 132 -24.77 22.72 -6.53
CA PRO D 132 -25.82 23.10 -7.47
C PRO D 132 -26.77 21.94 -7.75
N ASP D 133 -28.05 22.27 -7.95
CA ASP D 133 -29.03 21.25 -8.29
C ASP D 133 -28.80 20.70 -9.69
N GLY D 134 -28.69 21.57 -10.68
CA GLY D 134 -28.59 21.16 -12.07
C GLY D 134 -27.19 21.23 -12.62
N ASP D 135 -27.10 21.48 -13.92
CA ASP D 135 -25.84 21.65 -14.61
C ASP D 135 -25.82 22.99 -15.32
N ASN D 136 -24.62 23.39 -15.72
CA ASN D 136 -24.41 24.64 -16.45
C ASN D 136 -24.94 25.83 -15.67
N GLN D 137 -24.77 25.78 -14.34
CA GLN D 137 -25.16 26.86 -13.47
C GLN D 137 -23.97 27.70 -13.02
N TRP D 138 -22.82 27.54 -13.66
CA TRP D 138 -21.64 28.32 -13.34
C TRP D 138 -21.05 28.84 -14.63
N GLY D 139 -20.46 30.03 -14.56
CA GLY D 139 -19.86 30.60 -15.76
C GLY D 139 -18.86 31.67 -15.40
N MET D 140 -18.16 32.13 -16.42
CA MET D 140 -17.23 33.23 -16.25
C MET D 140 -17.99 34.54 -16.26
N PHE D 141 -17.66 35.41 -15.31
CA PHE D 141 -18.34 36.68 -15.12
C PHE D 141 -17.32 37.78 -14.94
N GLY D 142 -17.81 38.98 -14.70
CA GLY D 142 -16.91 40.10 -14.49
C GLY D 142 -16.12 40.37 -15.74
N GLY D 143 -14.82 40.17 -15.65
CA GLY D 143 -13.96 40.49 -16.77
C GLY D 143 -14.00 41.97 -17.06
N GLY D 144 -14.05 42.32 -18.34
CA GLY D 144 -13.99 43.72 -18.72
C GLY D 144 -12.56 44.20 -18.86
N ALA D 145 -12.35 45.51 -18.87
CA ALA D 145 -11.01 46.04 -19.10
C ALA D 145 -10.93 47.46 -18.58
N ARG D 146 -9.83 47.79 -17.88
CA ARG D 146 -9.57 49.16 -17.51
C ARG D 146 -9.17 49.95 -18.75
N SER D 147 -9.61 51.21 -18.81
CA SER D 147 -9.37 52.04 -19.99
C SER D 147 -8.92 53.41 -19.57
N ILE D 148 -8.08 54.03 -20.41
CA ILE D 148 -7.70 55.43 -20.19
C ILE D 148 -8.97 56.26 -20.11
N MET D 149 -9.17 56.94 -18.98
CA MET D 149 -10.33 57.81 -18.83
C MET D 149 -10.29 58.92 -19.86
N PHE D 150 -9.12 59.51 -20.10
CA PHE D 150 -9.02 60.66 -20.98
C PHE D 150 -9.12 60.29 -22.46
N GLN D 151 -8.65 59.10 -22.83
CA GLN D 151 -8.75 58.70 -24.23
C GLN D 151 -10.19 58.38 -24.63
N ARG D 152 -10.98 57.84 -23.70
CA ARG D 152 -12.39 57.61 -23.97
C ARG D 152 -13.18 58.90 -23.89
N ASP D 153 -13.11 59.57 -22.75
CA ASP D 153 -13.87 60.81 -22.52
C ASP D 153 -12.96 61.99 -22.86
N GLU D 154 -13.30 62.71 -23.94
CA GLU D 154 -12.47 63.84 -24.36
C GLU D 154 -12.68 65.06 -23.47
N SER D 155 -13.87 65.20 -22.88
CA SER D 155 -14.16 66.39 -22.07
C SER D 155 -13.29 66.47 -20.82
N LEU D 156 -12.64 65.38 -20.42
CA LEU D 156 -11.79 65.41 -19.25
C LEU D 156 -10.48 66.15 -19.50
N MET D 157 -10.09 66.32 -20.76
CA MET D 157 -8.80 66.92 -21.06
C MET D 157 -8.75 68.38 -20.60
N GLU D 158 -9.85 69.10 -20.73
CA GLU D 158 -9.88 70.51 -20.34
C GLU D 158 -9.79 70.72 -18.84
N PHE D 159 -9.90 69.67 -18.04
CA PHE D 159 -9.79 69.77 -16.60
C PHE D 159 -8.36 69.59 -16.11
N LEU D 160 -7.40 69.45 -17.01
CA LEU D 160 -6.01 69.22 -16.66
C LEU D 160 -5.17 70.45 -16.99
N GLU D 161 -4.22 70.75 -16.11
CA GLU D 161 -3.23 71.76 -16.42
C GLU D 161 -2.28 71.24 -17.50
N THR D 162 -1.52 72.15 -18.10
CA THR D 162 -0.64 71.78 -19.20
C THR D 162 0.37 70.73 -18.76
N ASP D 163 1.09 71.00 -17.67
CA ASP D 163 2.10 70.05 -17.18
C ASP D 163 1.50 68.67 -16.97
N GLN D 164 0.25 68.61 -16.51
CA GLN D 164 -0.42 67.32 -16.39
C GLN D 164 -0.70 66.72 -17.76
N VAL D 165 -0.92 67.54 -18.78
CA VAL D 165 -1.12 66.99 -20.12
C VAL D 165 0.17 66.35 -20.64
N ASP D 166 1.31 67.03 -20.46
CA ASP D 166 2.57 66.39 -20.84
C ASP D 166 2.86 65.15 -19.98
N ARG D 167 2.45 65.18 -18.71
CA ARG D 167 2.58 64.00 -17.88
C ARG D 167 1.78 62.84 -18.44
N LEU D 168 0.55 63.12 -18.89
CA LEU D 168 -0.28 62.09 -19.50
C LEU D 168 0.34 61.56 -20.78
N GLU D 169 0.90 62.45 -21.59
CA GLU D 169 1.53 62.02 -22.83
C GLU D 169 2.74 61.12 -22.54
N ARG D 170 3.58 61.52 -21.58
CA ARG D 170 4.69 60.69 -21.19
C ARG D 170 4.20 59.34 -20.66
N LEU D 171 3.08 59.36 -19.92
CA LEU D 171 2.49 58.14 -19.42
C LEU D 171 2.13 57.19 -20.56
N LEU D 172 1.47 57.74 -21.58
CA LEU D 172 1.06 56.91 -22.71
C LEU D 172 2.27 56.31 -23.42
N GLU D 173 3.28 57.14 -23.71
CA GLU D 173 4.43 56.64 -24.46
C GLU D 173 5.24 55.63 -23.65
N GLU D 174 5.45 55.90 -22.36
CA GLU D 174 6.19 54.94 -21.55
C GLU D 174 5.42 53.65 -21.36
N GLN D 175 4.08 53.73 -21.26
CA GLN D 175 3.29 52.51 -21.20
C GLN D 175 3.42 51.70 -22.48
N ALA D 176 3.40 52.38 -23.64
CA ALA D 176 3.56 51.67 -24.90
C ALA D 176 4.92 51.01 -24.99
N GLU D 177 5.98 51.71 -24.60
CA GLU D 177 7.32 51.13 -24.69
C GLU D 177 7.46 49.95 -23.72
N ALA D 178 6.92 50.07 -22.51
CA ALA D 178 6.99 48.97 -21.56
C ALA D 178 6.17 47.79 -22.05
N SER D 179 5.02 48.04 -22.67
CA SER D 179 4.22 46.96 -23.22
C SER D 179 4.96 46.23 -24.34
N VAL D 180 5.66 46.98 -25.19
CA VAL D 180 6.45 46.34 -26.25
C VAL D 180 7.54 45.47 -25.65
N ASP D 181 8.28 46.01 -24.68
CA ASP D 181 9.36 45.26 -24.06
C ASP D 181 8.84 43.99 -23.40
N ILE D 182 7.75 44.12 -22.63
CA ILE D 182 7.16 42.98 -21.96
C ILE D 182 6.61 41.98 -22.97
N SER D 183 6.08 42.44 -24.10
CA SER D 183 5.61 41.51 -25.12
C SER D 183 6.76 40.69 -25.69
N GLN D 184 7.90 41.34 -25.98
CA GLN D 184 9.05 40.58 -26.46
C GLN D 184 9.52 39.57 -25.40
N ILE D 185 9.61 40.01 -24.14
CA ILE D 185 10.12 39.11 -23.11
C ILE D 185 9.13 37.98 -22.84
N LYS D 186 7.83 38.22 -23.00
CA LYS D 186 6.85 37.17 -22.82
C LYS D 186 6.81 36.21 -24.00
N THR D 187 7.09 36.68 -25.21
CA THR D 187 7.29 35.76 -26.32
C THR D 187 8.49 34.87 -26.07
N GLU D 188 9.57 35.44 -25.53
CA GLU D 188 10.72 34.61 -25.14
C GLU D 188 10.34 33.60 -24.06
N GLN D 189 9.55 34.03 -23.07
CA GLN D 189 9.10 33.13 -22.01
C GLN D 189 8.24 32.01 -22.58
N ASP D 190 7.36 32.33 -23.52
CA ASP D 190 6.52 31.31 -24.16
C ASP D 190 7.38 30.32 -24.95
N ALA D 191 8.40 30.82 -25.65
CA ALA D 191 9.31 29.94 -26.36
C ALA D 191 10.04 29.00 -25.39
N LEU D 192 10.49 29.54 -24.26
CA LEU D 192 11.15 28.70 -23.26
C LEU D 192 10.20 27.66 -22.69
N LYS D 193 8.95 28.04 -22.45
CA LYS D 193 7.96 27.09 -21.94
C LYS D 193 7.69 25.99 -22.95
N LYS D 194 7.57 26.35 -24.23
CA LYS D 194 7.38 25.35 -25.28
C LYS D 194 8.62 24.49 -25.49
N ALA D 195 9.79 24.98 -25.08
CA ALA D 195 11.03 24.21 -25.23
C ALA D 195 11.07 22.99 -24.31
N MET D 196 10.27 22.98 -23.25
CA MET D 196 10.22 21.84 -22.34
C MET D 196 9.40 20.71 -22.94
N LYS D 204 16.01 20.28 -16.21
CA LYS D 204 14.76 21.02 -16.03
C LYS D 204 14.91 22.07 -14.94
N ALA D 205 15.70 21.75 -13.92
CA ALA D 205 15.90 22.69 -12.82
C ALA D 205 16.55 23.98 -13.29
N GLU D 206 17.54 23.87 -14.18
CA GLU D 206 18.16 25.06 -14.74
C GLU D 206 17.17 25.86 -15.58
N LEU D 207 16.24 25.19 -16.26
CA LEU D 207 15.20 25.90 -17.00
C LEU D 207 14.32 26.71 -16.07
N GLN D 208 13.93 26.12 -14.94
CA GLN D 208 13.13 26.87 -13.96
C GLN D 208 13.92 28.02 -13.36
N ILE D 209 15.22 27.83 -13.13
CA ILE D 209 16.06 28.90 -12.62
C ILE D 209 16.12 30.05 -13.62
N LYS D 210 16.28 29.73 -14.91
CA LYS D 210 16.31 30.77 -15.93
C LYS D 210 14.96 31.48 -16.03
N VAL D 211 13.86 30.73 -15.88
CA VAL D 211 12.54 31.35 -15.89
C VAL D 211 12.40 32.33 -14.73
N ARG D 212 12.82 31.93 -13.54
CA ARG D 212 12.77 32.82 -12.39
C ARG D 212 13.63 34.06 -12.59
N GLU D 213 14.84 33.88 -13.14
CA GLU D 213 15.71 35.02 -13.37
C GLU D 213 15.12 35.98 -14.39
N LEU D 214 14.53 35.45 -15.46
CA LEU D 214 13.94 36.35 -16.45
C LEU D 214 12.69 37.03 -15.91
N ASP D 215 11.94 36.37 -15.02
CA ASP D 215 10.83 37.04 -14.36
C ASP D 215 11.32 38.15 -13.45
N GLU D 216 12.43 37.92 -12.74
CA GLU D 216 13.01 38.98 -11.92
C GLU D 216 13.48 40.14 -12.79
N LYS D 217 13.99 39.84 -13.98
CA LYS D 217 14.37 40.90 -14.91
C LYS D 217 13.15 41.64 -15.43
N ILE D 218 12.03 40.94 -15.61
CA ILE D 218 10.77 41.61 -15.95
C ILE D 218 10.37 42.57 -14.85
N GLN D 219 10.49 42.13 -13.59
CA GLN D 219 10.16 43.01 -12.47
C GLN D 219 11.08 44.22 -12.42
N ALA D 220 12.38 44.02 -12.69
CA ALA D 220 13.31 45.14 -12.73
C ALA D 220 12.95 46.11 -13.84
N ARG D 221 12.58 45.58 -15.02
CA ARG D 221 12.17 46.45 -16.12
C ARG D 221 10.93 47.25 -15.76
N LYS D 222 9.96 46.61 -15.11
CA LYS D 222 8.78 47.32 -14.64
C LYS D 222 9.13 48.34 -13.57
N ASP D 223 10.23 48.13 -12.85
CA ASP D 223 10.70 49.16 -11.93
C ASP D 223 11.32 50.34 -12.66
N GLN D 224 11.67 50.17 -13.94
CA GLN D 224 12.21 51.25 -14.75
C GLN D 224 11.07 51.99 -15.46
N LYS D 225 10.13 52.47 -14.66
CA LYS D 225 9.02 53.27 -15.14
C LYS D 225 9.01 54.57 -14.37
N GLN D 226 9.07 55.69 -15.11
CA GLN D 226 9.22 56.99 -14.47
C GLN D 226 7.99 57.37 -13.68
N GLU D 227 6.80 57.17 -14.26
CA GLU D 227 5.56 57.67 -13.68
C GLU D 227 4.75 56.58 -12.97
N SER D 228 4.39 55.50 -13.68
CA SER D 228 3.56 54.46 -13.11
C SER D 228 4.14 53.09 -13.43
N ARG D 229 4.20 52.22 -12.42
CA ARG D 229 4.76 50.89 -12.62
C ARG D 229 3.85 49.98 -13.42
N GLU D 230 2.55 50.25 -13.44
CA GLU D 230 1.59 49.35 -14.07
C GLU D 230 0.90 50.03 -15.26
N SER D 231 0.45 49.19 -16.18
CA SER D 231 -0.21 49.66 -17.39
C SER D 231 -1.68 49.96 -17.09
N ILE D 232 -2.11 51.19 -17.41
CA ILE D 232 -3.50 51.56 -17.15
C ILE D 232 -4.44 50.71 -17.99
N ARG D 233 -4.20 50.65 -19.29
CA ARG D 233 -5.06 49.91 -20.20
C ARG D 233 -4.75 48.43 -20.07
N ARG D 234 -5.65 47.67 -19.44
CA ARG D 234 -5.41 46.26 -19.25
C ARG D 234 -6.71 45.49 -19.23
N PRO D 235 -6.77 44.34 -19.91
CA PRO D 235 -7.96 43.48 -19.82
C PRO D 235 -8.04 42.84 -18.45
N ILE D 236 -9.23 42.83 -17.87
CA ILE D 236 -9.46 42.22 -16.57
C ILE D 236 -9.82 40.75 -16.81
N ASP D 237 -9.08 39.86 -16.17
CA ASP D 237 -9.36 38.44 -16.32
C ASP D 237 -10.65 38.08 -15.59
N PRO D 238 -11.51 37.28 -16.21
CA PRO D 238 -12.80 36.95 -15.57
C PRO D 238 -12.57 36.10 -14.33
N TYR D 239 -13.66 35.90 -13.59
CA TYR D 239 -13.69 35.00 -12.46
C TYR D 239 -14.90 34.10 -12.60
N GLU D 240 -14.76 32.84 -12.21
CA GLU D 240 -15.88 31.92 -12.31
C GLU D 240 -16.82 32.11 -11.14
N ALA D 241 -18.12 32.04 -11.41
CA ALA D 241 -19.11 32.27 -10.38
C ALA D 241 -20.40 31.57 -10.75
N PHE D 242 -21.13 31.12 -9.75
CA PHE D 242 -22.45 30.56 -10.00
C PHE D 242 -23.37 31.64 -10.57
N ILE D 243 -24.19 31.24 -11.53
CA ILE D 243 -25.02 32.19 -12.24
C ILE D 243 -26.11 32.73 -11.32
N THR D 244 -26.71 33.83 -11.73
CA THR D 244 -27.86 34.36 -11.02
C THR D 244 -29.05 33.43 -11.16
N GLY D 245 -29.66 33.08 -10.03
CA GLY D 245 -30.78 32.17 -10.03
C GLY D 245 -30.40 30.73 -9.80
N ALA D 246 -29.10 30.42 -9.75
CA ALA D 246 -28.68 29.06 -9.47
C ALA D 246 -29.18 28.62 -8.12
N GLU D 247 -29.76 27.43 -8.05
CA GLU D 247 -30.24 26.86 -6.81
C GLU D 247 -29.20 25.92 -6.27
N LEU D 248 -28.77 26.15 -5.02
CA LEU D 248 -27.69 25.41 -4.41
C LEU D 248 -28.21 24.73 -3.16
N SER D 249 -28.09 23.40 -3.11
CA SER D 249 -28.58 22.66 -1.96
C SER D 249 -27.59 22.79 -0.80
N HIS D 250 -28.11 23.05 0.39
CA HIS D 250 -27.28 23.32 1.57
C HIS D 250 -27.76 22.50 2.74
N ARG D 251 -26.82 22.10 3.59
CA ARG D 251 -27.10 21.36 4.81
C ARG D 251 -26.31 21.95 5.96
N MET D 252 -26.99 22.24 7.06
CA MET D 252 -26.36 22.71 8.29
C MET D 252 -26.91 21.87 9.44
N SER D 253 -26.12 21.78 10.51
CA SER D 253 -26.55 20.97 11.65
C SER D 253 -25.95 21.53 12.93
N ILE D 254 -26.70 21.41 14.02
CA ILE D 254 -26.25 21.76 15.35
C ILE D 254 -26.41 20.51 16.21
N LYS D 255 -25.30 19.98 16.69
CA LYS D 255 -25.34 18.74 17.45
C LYS D 255 -25.56 19.02 18.92
N ASN D 256 -26.54 18.34 19.50
CA ASN D 256 -26.92 18.50 20.90
C ASN D 256 -27.08 19.98 21.26
N ALA D 257 -27.98 20.65 20.58
CA ALA D 257 -28.16 22.09 20.76
C ALA D 257 -29.16 22.36 21.88
N THR D 258 -28.76 23.23 22.80
CA THR D 258 -29.71 23.76 23.77
C THR D 258 -30.56 24.84 23.10
N ASP D 259 -31.64 25.21 23.77
CA ASP D 259 -32.49 26.26 23.23
C ASP D 259 -31.73 27.58 23.12
N GLU D 260 -30.81 27.85 24.04
CA GLU D 260 -30.03 29.08 23.95
C GLU D 260 -29.09 29.07 22.75
N GLU D 261 -28.38 27.97 22.54
CA GLU D 261 -27.45 27.89 21.42
C GLU D 261 -28.19 27.97 20.08
N ALA D 262 -29.28 27.22 19.96
CA ALA D 262 -30.05 27.27 18.73
C ALA D 262 -30.70 28.64 18.53
N GLY D 263 -31.11 29.28 19.61
CA GLY D 263 -31.61 30.65 19.50
C GLY D 263 -30.54 31.59 19.01
N LEU D 264 -29.32 31.44 19.49
CA LEU D 264 -28.22 32.27 19.00
C LEU D 264 -27.97 32.03 17.53
N PHE D 265 -28.03 30.77 17.10
CA PHE D 265 -27.82 30.48 15.69
C PHE D 265 -28.92 31.09 14.82
N ILE D 266 -30.17 30.97 15.25
CA ILE D 266 -31.27 31.54 14.46
C ILE D 266 -31.20 33.06 14.47
N SER D 267 -30.78 33.66 15.58
CA SER D 267 -30.59 35.11 15.59
C SER D 267 -29.44 35.52 14.69
N ALA D 268 -28.40 34.68 14.58
CA ALA D 268 -27.34 34.94 13.63
C ALA D 268 -27.85 34.91 12.20
N LEU D 269 -28.70 33.94 11.90
CA LEU D 269 -29.30 33.88 10.56
C LEU D 269 -30.18 35.09 10.31
N ILE D 270 -30.94 35.51 11.32
CA ILE D 270 -31.79 36.69 11.18
C ILE D 270 -30.94 37.92 10.90
N ARG D 271 -29.84 38.10 11.63
CA ARG D 271 -28.98 39.24 11.39
C ARG D 271 -28.25 39.10 10.06
N PHE D 272 -27.88 37.88 9.69
CA PHE D 272 -27.24 37.66 8.40
C PHE D 272 -28.13 38.09 7.26
N ALA D 273 -29.44 37.94 7.40
CA ALA D 273 -30.35 38.29 6.32
C ALA D 273 -30.39 39.78 6.04
N ALA D 274 -29.88 40.61 6.95
CA ALA D 274 -29.81 42.04 6.67
C ALA D 274 -28.87 42.32 5.51
N GLU D 275 -27.74 41.63 5.46
CA GLU D 275 -26.77 41.72 4.37
C GLU D 275 -26.37 40.31 3.97
N PRO D 276 -27.23 39.60 3.25
CA PRO D 276 -26.94 38.20 2.89
C PRO D 276 -25.95 38.09 1.74
N ARG D 277 -24.67 38.27 2.05
CA ARG D 277 -23.62 38.27 1.03
C ARG D 277 -22.62 37.18 1.36
N PHE D 278 -22.41 36.28 0.41
CA PHE D 278 -21.44 35.21 0.53
C PHE D 278 -20.35 35.42 -0.51
N GLY D 279 -19.12 35.14 -0.15
CA GLY D 279 -18.04 35.20 -1.12
C GLY D 279 -17.54 36.62 -1.32
N GLY D 280 -16.90 36.83 -2.46
CA GLY D 280 -16.24 38.07 -2.77
C GLY D 280 -16.76 38.69 -4.05
N HIS D 281 -15.93 39.56 -4.62
CA HIS D 281 -16.33 40.41 -5.74
C HIS D 281 -17.62 41.15 -5.45
N ALA D 282 -17.68 41.77 -4.27
CA ALA D 282 -18.84 42.57 -3.92
C ALA D 282 -18.91 43.86 -4.71
N ASN D 283 -17.81 44.28 -5.33
CA ASN D 283 -17.86 45.48 -6.16
C ASN D 283 -18.87 45.30 -7.28
N HIS D 284 -18.97 44.11 -7.86
CA HIS D 284 -20.02 43.77 -8.80
C HIS D 284 -21.26 43.25 -8.12
N ASN D 285 -21.43 43.51 -6.82
CA ASN D 285 -22.58 43.08 -6.05
C ASN D 285 -22.70 41.57 -5.99
N CYS D 286 -21.65 40.85 -6.35
CA CYS D 286 -21.69 39.40 -6.31
C CYS D 286 -21.85 38.91 -4.88
N GLY D 287 -22.69 37.91 -4.69
CA GLY D 287 -22.82 37.23 -3.43
C GLY D 287 -24.20 37.24 -2.82
N LEU D 288 -25.09 38.12 -3.25
CA LEU D 288 -26.42 38.18 -2.66
C LEU D 288 -27.13 36.84 -2.85
N VAL D 289 -27.72 36.34 -1.78
CA VAL D 289 -28.43 35.07 -1.82
C VAL D 289 -29.76 35.22 -1.10
N GLU D 290 -30.68 34.35 -1.43
CA GLU D 290 -31.88 34.11 -0.64
C GLU D 290 -31.96 32.63 -0.35
N ALA D 291 -32.11 32.27 0.91
CA ALA D 291 -32.05 30.89 1.33
C ALA D 291 -33.25 30.55 2.19
N HIS D 292 -33.70 29.30 2.10
CA HIS D 292 -34.73 28.79 2.99
C HIS D 292 -34.29 27.44 3.52
N TRP D 293 -34.35 27.27 4.83
CA TRP D 293 -33.90 26.06 5.49
C TRP D 293 -35.07 25.43 6.23
N THR D 294 -35.19 24.11 6.13
CA THR D 294 -36.20 23.36 6.86
C THR D 294 -35.53 22.72 8.07
N VAL D 295 -35.96 23.11 9.26
CA VAL D 295 -35.33 22.66 10.49
C VAL D 295 -36.04 21.39 10.95
N THR D 296 -35.30 20.29 11.02
CA THR D 296 -35.81 19.02 11.51
C THR D 296 -34.91 18.53 12.63
N THR D 297 -35.50 17.77 13.55
CA THR D 297 -34.74 17.16 14.62
C THR D 297 -35.04 15.67 14.66
N TRP D 298 -34.08 14.90 15.16
CA TRP D 298 -34.21 13.45 15.22
C TRP D 298 -33.82 12.99 16.62
N LYS D 299 -34.79 12.45 17.34
CA LYS D 299 -34.51 11.89 18.65
C LYS D 299 -33.87 10.52 18.48
N PRO D 300 -32.67 10.29 19.01
CA PRO D 300 -32.03 8.98 18.83
C PRO D 300 -32.89 7.86 19.37
N GLY D 301 -32.94 6.77 18.62
CA GLY D 301 -33.79 5.65 18.94
C GLY D 301 -35.11 5.63 18.20
N GLU D 302 -35.56 6.78 17.71
CA GLU D 302 -36.77 6.84 16.91
C GLU D 302 -36.42 6.60 15.45
N LEU D 303 -37.45 6.31 14.65
CA LEU D 303 -37.24 5.91 13.27
C LEU D 303 -37.43 7.04 12.27
N VAL D 304 -38.13 8.10 12.62
CA VAL D 304 -38.33 9.22 11.69
C VAL D 304 -38.02 10.52 12.40
N PRO D 305 -37.57 11.55 11.68
CA PRO D 305 -37.42 12.87 12.29
C PRO D 305 -38.73 13.63 12.29
N VAL D 306 -38.75 14.71 13.07
CA VAL D 306 -39.91 15.60 13.11
C VAL D 306 -39.45 16.99 12.66
N THR D 307 -40.32 17.67 11.93
CA THR D 307 -40.01 19.00 11.44
C THR D 307 -40.38 20.04 12.49
N LEU D 308 -39.43 20.91 12.83
CA LEU D 308 -39.68 21.94 13.83
C LEU D 308 -40.18 23.23 13.21
N GLY D 309 -39.78 23.54 11.99
CA GLY D 309 -40.18 24.78 11.37
C GLY D 309 -39.39 25.02 10.10
N GLU D 310 -39.42 26.27 9.65
CA GLU D 310 -38.74 26.66 8.43
C GLU D 310 -38.24 28.08 8.59
N ILE D 311 -37.03 28.33 8.10
CA ILE D 311 -36.42 29.65 8.11
C ILE D 311 -36.27 30.08 6.66
N VAL D 312 -36.97 31.14 6.27
CA VAL D 312 -36.94 31.63 4.90
C VAL D 312 -36.34 33.02 4.89
N ILE D 313 -35.29 33.20 4.10
CA ILE D 313 -34.59 34.47 3.98
C ILE D 313 -34.83 34.99 2.57
N THR D 314 -35.52 36.11 2.46
CA THR D 314 -35.85 36.73 1.19
C THR D 314 -35.51 38.21 1.27
N PRO D 315 -35.35 38.88 0.13
CA PRO D 315 -35.13 40.33 0.18
C PRO D 315 -36.25 41.09 0.85
N ASN D 316 -37.47 40.54 0.87
CA ASN D 316 -38.61 41.22 1.46
C ASN D 316 -38.71 41.03 2.97
N GLY D 317 -37.99 40.07 3.53
CA GLY D 317 -38.04 39.86 4.96
C GLY D 317 -37.53 38.47 5.31
N VAL D 318 -37.59 38.18 6.60
CA VAL D 318 -37.23 36.88 7.14
C VAL D 318 -38.47 36.25 7.72
N GLU D 319 -38.93 35.15 7.13
CA GLU D 319 -40.07 34.41 7.64
C GLU D 319 -39.55 33.23 8.44
N ILE D 320 -39.91 33.17 9.71
CA ILE D 320 -39.63 32.04 10.57
C ILE D 320 -40.96 31.44 10.98
N THR D 321 -41.14 30.16 10.72
CA THR D 321 -42.37 29.47 11.05
C THR D 321 -42.07 28.35 12.04
N GLY D 322 -43.08 27.99 12.83
CA GLY D 322 -42.90 26.93 13.81
C GLY D 322 -42.75 27.47 15.21
N ASP D 323 -43.53 26.93 16.14
CA ASP D 323 -43.44 27.39 17.53
C ASP D 323 -42.09 27.07 18.14
N GLU D 324 -41.44 26.00 17.67
CA GLU D 324 -40.16 25.61 18.25
C GLU D 324 -39.08 26.66 17.98
N LEU D 325 -39.02 27.17 16.75
CA LEU D 325 -38.01 28.16 16.43
C LEU D 325 -38.23 29.45 17.21
N PHE D 326 -39.48 29.90 17.31
CA PHE D 326 -39.76 31.09 18.11
C PHE D 326 -39.44 30.86 19.57
N ALA D 327 -39.73 29.66 20.08
CA ALA D 327 -39.39 29.36 21.46
C ALA D 327 -37.89 29.44 21.69
N MET D 328 -37.11 28.89 20.76
CA MET D 328 -35.66 28.95 20.91
C MET D 328 -35.13 30.37 20.81
N VAL D 329 -35.67 31.18 19.90
CA VAL D 329 -35.24 32.57 19.80
C VAL D 329 -35.56 33.32 21.08
N LYS D 330 -36.77 33.12 21.61
CA LYS D 330 -37.16 33.77 22.84
C LYS D 330 -36.29 33.31 24.01
N ALA D 331 -35.96 32.02 24.04
CA ALA D 331 -35.11 31.50 25.11
C ALA D 331 -33.73 32.13 25.06
N PHE D 332 -33.18 32.32 23.86
CA PHE D 332 -31.90 33.00 23.76
C PHE D 332 -32.01 34.46 24.21
N ASN D 333 -33.07 35.15 23.78
CA ASN D 333 -33.22 36.55 24.15
C ASN D 333 -33.41 36.73 25.64
N GLU D 334 -34.16 35.82 26.27
CA GLU D 334 -34.54 36.00 27.66
C GLU D 334 -33.46 35.55 28.64
N ASN D 335 -32.46 34.80 28.20
CA ASN D 335 -31.45 34.30 29.10
C ASN D 335 -30.60 35.46 29.63
N GLN D 336 -30.34 35.44 30.94
CA GLN D 336 -29.64 36.52 31.61
C GLN D 336 -28.29 36.11 32.18
N SER D 337 -27.86 34.87 31.98
CA SER D 337 -26.66 34.35 32.64
C SER D 337 -25.50 34.15 31.66
N PHE D 338 -25.56 34.78 30.50
CA PHE D 338 -24.49 34.62 29.52
C PHE D 338 -23.24 35.39 29.95
N ASP D 339 -22.08 34.80 29.68
CA ASP D 339 -20.80 35.41 30.04
C ASP D 339 -19.80 35.06 28.94
N PHE D 340 -19.47 36.03 28.10
CA PHE D 340 -18.66 35.80 26.92
C PHE D 340 -17.19 36.15 27.15
N THR D 341 -16.80 36.45 28.37
CA THR D 341 -15.41 36.78 28.67
C THR D 341 -14.68 35.55 29.19
N MET E 1 -24.66 55.24 9.20
CA MET E 1 -24.05 53.96 8.90
C MET E 1 -25.10 52.88 8.70
N ARG E 2 -25.79 52.95 7.57
CA ARG E 2 -26.82 51.98 7.23
C ARG E 2 -26.59 51.46 5.82
N THR E 3 -27.19 50.32 5.53
CA THR E 3 -27.07 49.67 4.23
C THR E 3 -28.27 50.02 3.36
N LEU E 4 -28.01 50.45 2.14
CA LEU E 4 -29.05 50.82 1.19
C LEU E 4 -29.02 49.86 0.02
N ASN E 5 -30.18 49.30 -0.32
CA ASN E 5 -30.30 48.39 -1.45
C ASN E 5 -31.15 49.05 -2.53
N PHE E 6 -30.63 49.05 -3.75
CA PHE E 6 -31.33 49.63 -4.89
C PHE E 6 -31.87 48.49 -5.72
N ASN E 7 -33.18 48.28 -5.68
CA ASN E 7 -33.86 47.31 -6.53
C ASN E 7 -34.63 48.08 -7.59
N GLY E 8 -34.54 47.64 -8.83
CA GLY E 8 -35.23 48.36 -9.89
C GLY E 8 -35.04 47.66 -11.23
N LYS E 9 -35.42 48.39 -12.27
CA LYS E 9 -35.34 47.90 -13.63
C LYS E 9 -34.77 48.98 -14.54
N ILE E 10 -34.08 48.54 -15.58
CA ILE E 10 -33.48 49.41 -16.58
C ILE E 10 -34.17 49.14 -17.90
N SER E 11 -34.93 50.10 -18.40
CA SER E 11 -35.59 49.98 -19.69
C SER E 11 -34.77 50.68 -20.74
N THR E 12 -34.50 49.99 -21.84
CA THR E 12 -33.63 50.49 -22.89
C THR E 12 -34.46 51.22 -23.93
N LEU E 13 -34.21 52.52 -24.08
CA LEU E 13 -34.86 53.27 -25.14
C LEU E 13 -34.20 53.06 -26.48
N GLU E 14 -32.96 52.60 -26.50
CA GLU E 14 -32.20 52.25 -27.69
C GLU E 14 -31.53 50.91 -27.46
N PRO E 15 -31.06 50.27 -28.53
CA PRO E 15 -30.31 49.03 -28.36
C PRO E 15 -29.11 49.23 -27.44
N LEU E 16 -28.87 48.24 -26.60
CA LEU E 16 -27.83 48.31 -25.58
C LEU E 16 -26.84 47.18 -25.82
N THR E 17 -25.59 47.54 -26.08
CA THR E 17 -24.57 46.59 -26.48
C THR E 17 -23.29 46.80 -25.69
N VAL E 18 -22.50 45.75 -25.58
CA VAL E 18 -21.23 45.81 -24.87
C VAL E 18 -20.33 44.69 -25.40
N THR E 19 -19.05 45.01 -25.59
CA THR E 19 -18.07 44.08 -26.11
C THR E 19 -17.17 43.65 -24.96
N VAL E 20 -17.50 42.52 -24.35
CA VAL E 20 -16.67 41.94 -23.31
C VAL E 20 -15.65 41.02 -23.97
N LYS E 21 -14.38 41.17 -23.61
CA LYS E 21 -13.31 40.42 -24.26
C LYS E 21 -13.54 38.92 -24.13
N ASN E 22 -13.96 38.47 -22.95
CA ASN E 22 -14.25 37.06 -22.75
C ASN E 22 -15.44 36.62 -23.60
N ALA E 23 -16.49 37.42 -23.63
CA ALA E 23 -17.72 37.03 -24.31
C ALA E 23 -17.51 36.93 -25.82
N VAL E 24 -16.92 37.96 -26.43
CA VAL E 24 -16.76 37.97 -27.87
C VAL E 24 -15.85 36.84 -28.31
N SER E 25 -16.21 36.22 -29.44
CA SER E 25 -15.48 35.09 -29.98
C SER E 25 -15.33 35.32 -31.48
N THR E 26 -14.95 34.27 -32.20
CA THR E 26 -14.82 34.37 -33.65
C THR E 26 -16.13 34.78 -34.32
N SER E 27 -17.27 34.60 -33.65
CA SER E 27 -18.54 35.06 -34.20
C SER E 27 -18.60 36.59 -34.26
N GLY E 28 -18.23 37.26 -33.17
CA GLY E 28 -18.26 38.70 -33.15
C GLY E 28 -18.75 39.30 -31.84
N HIS E 29 -19.37 40.47 -31.91
CA HIS E 29 -19.83 41.19 -30.72
C HIS E 29 -21.07 40.51 -30.17
N ARG E 30 -20.84 39.46 -29.39
CA ARG E 30 -21.89 38.69 -28.75
C ARG E 30 -21.92 39.01 -27.26
N LEU E 31 -23.10 39.33 -26.75
CA LEU E 31 -23.24 39.69 -25.36
C LEU E 31 -22.85 38.53 -24.45
N PRO E 32 -22.29 38.82 -23.28
CA PRO E 32 -21.93 37.76 -22.34
C PRO E 32 -23.18 37.05 -21.82
N ARG E 33 -23.00 35.80 -21.44
CA ARG E 33 -24.10 34.93 -21.05
C ARG E 33 -23.98 34.56 -19.58
N ASN E 34 -25.11 34.45 -18.90
CA ASN E 34 -25.12 33.96 -17.52
C ASN E 34 -25.05 32.43 -17.51
N GLY E 35 -23.91 31.93 -17.94
CA GLY E 35 -23.67 30.50 -17.97
C GLY E 35 -23.13 30.04 -19.30
N GLY E 36 -23.71 28.99 -19.86
CA GLY E 36 -23.28 28.50 -21.14
C GLY E 36 -23.68 29.42 -22.27
N PHE E 37 -23.17 29.12 -23.47
CA PHE E 37 -23.46 29.94 -24.63
C PHE E 37 -24.93 29.92 -25.02
N ASN E 38 -25.71 28.98 -24.50
CA ASN E 38 -27.14 28.93 -24.75
C ASN E 38 -27.95 29.68 -23.72
N ALA E 39 -27.31 30.34 -22.76
CA ALA E 39 -28.03 31.01 -21.69
C ALA E 39 -28.42 32.43 -22.08
N ALA E 40 -29.23 33.05 -21.24
CA ALA E 40 -29.72 34.40 -21.51
C ALA E 40 -28.59 35.41 -21.35
N PRO E 41 -28.41 36.32 -22.30
CA PRO E 41 -27.36 37.32 -22.17
C PRO E 41 -27.67 38.33 -21.07
N TYR E 42 -26.63 38.92 -20.52
CA TYR E 42 -26.76 39.92 -19.46
C TYR E 42 -25.87 41.10 -19.75
N PHE E 43 -26.33 42.27 -19.35
CA PHE E 43 -25.49 43.46 -19.43
C PHE E 43 -24.59 43.53 -18.20
N PRO E 44 -23.27 43.59 -18.37
CA PRO E 44 -22.37 43.45 -17.22
C PRO E 44 -22.58 44.54 -16.20
N GLY E 45 -22.41 44.19 -14.93
CA GLY E 45 -22.38 45.19 -13.89
C GLY E 45 -21.10 46.02 -13.92
N THR E 46 -20.05 45.52 -14.56
CA THR E 46 -18.82 46.27 -14.64
C THR E 46 -19.01 47.55 -15.44
N SER E 47 -19.74 47.48 -16.54
CA SER E 47 -19.96 48.67 -17.36
C SER E 47 -20.78 49.72 -16.61
N ILE E 48 -21.84 49.27 -15.92
CA ILE E 48 -22.64 50.21 -15.14
C ILE E 48 -21.81 50.81 -14.03
N ARG E 49 -20.99 49.99 -13.37
CA ARG E 49 -20.13 50.50 -12.31
C ARG E 49 -19.18 51.55 -12.84
N GLY E 50 -18.57 51.30 -13.99
CA GLY E 50 -17.65 52.28 -14.56
C GLY E 50 -18.35 53.57 -14.92
N THR E 51 -19.52 53.47 -15.56
CA THR E 51 -20.26 54.67 -15.95
C THR E 51 -20.63 55.49 -14.73
N LEU E 52 -21.14 54.82 -13.68
CA LEU E 52 -21.53 55.55 -12.47
C LEU E 52 -20.33 56.10 -11.73
N ARG E 53 -19.21 55.37 -11.73
CA ARG E 53 -18.02 55.88 -11.08
C ARG E 53 -17.50 57.13 -11.76
N HIS E 54 -17.51 57.15 -13.09
CA HIS E 54 -17.08 58.35 -13.77
C HIS E 54 -18.10 59.48 -13.64
N ALA E 55 -19.38 59.16 -13.53
CA ALA E 55 -20.37 60.19 -13.23
C ALA E 55 -20.11 60.81 -11.86
N ALA E 56 -19.81 59.98 -10.86
CA ALA E 56 -19.47 60.51 -9.54
C ALA E 56 -18.19 61.33 -9.58
N HIS E 57 -17.22 60.87 -10.38
CA HIS E 57 -15.98 61.63 -10.54
C HIS E 57 -16.24 63.01 -11.13
N LYS E 58 -17.11 63.07 -12.14
CA LYS E 58 -17.48 64.37 -12.70
C LYS E 58 -18.20 65.23 -11.67
N VAL E 59 -19.05 64.60 -10.85
CA VAL E 59 -19.75 65.35 -9.80
C VAL E 59 -18.74 65.96 -8.84
N ILE E 60 -17.75 65.19 -8.43
CA ILE E 60 -16.73 65.69 -7.51
C ILE E 60 -15.93 66.81 -8.15
N VAL E 61 -15.55 66.64 -9.41
CA VAL E 61 -14.78 67.67 -10.10
C VAL E 61 -15.57 68.97 -10.17
N ASP E 62 -16.86 68.88 -10.47
CA ASP E 62 -17.71 70.07 -10.51
C ASP E 62 -17.82 70.69 -9.12
N ARG E 63 -18.00 69.86 -8.08
CA ARG E 63 -18.16 70.38 -6.73
C ARG E 63 -16.93 71.14 -6.28
N VAL E 64 -15.74 70.58 -6.51
CA VAL E 64 -14.52 71.18 -6.00
C VAL E 64 -14.34 72.59 -6.55
N GLY E 65 -14.67 72.77 -7.83
CA GLY E 65 -14.64 74.09 -8.40
C GLY E 65 -13.53 74.26 -9.42
N LEU E 66 -13.88 74.83 -10.57
CA LEU E 66 -12.91 75.12 -11.62
C LEU E 66 -12.49 76.58 -11.51
N ASN E 67 -11.18 76.82 -11.53
CA ASN E 67 -10.67 78.18 -11.41
C ASN E 67 -11.00 78.97 -12.69
N ALA E 68 -10.64 80.25 -12.67
CA ALA E 68 -10.90 81.09 -13.84
C ALA E 68 -10.20 80.56 -15.08
N ASP E 69 -9.10 79.82 -14.90
CA ASP E 69 -8.42 79.21 -16.03
C ASP E 69 -9.30 78.16 -16.70
N GLY E 70 -10.20 77.52 -15.95
CA GLY E 70 -11.02 76.46 -16.47
C GLY E 70 -10.55 75.06 -16.14
N LYS E 71 -9.64 74.91 -15.19
CA LYS E 71 -9.09 73.61 -14.81
C LYS E 71 -9.33 73.36 -13.33
N SER E 72 -9.23 72.11 -12.94
CA SER E 72 -9.48 71.66 -11.58
C SER E 72 -8.20 71.56 -10.78
N PRO E 73 -8.27 71.75 -9.46
CA PRO E 73 -7.06 71.63 -8.64
C PRO E 73 -6.44 70.25 -8.63
N PHE E 74 -7.17 69.22 -9.04
CA PHE E 74 -6.68 67.85 -8.91
C PHE E 74 -5.48 67.60 -9.83
N ASP E 75 -4.50 66.87 -9.31
CA ASP E 75 -3.38 66.42 -10.12
C ASP E 75 -3.83 65.26 -10.99
N LEU E 76 -2.91 64.71 -11.78
CA LEU E 76 -3.25 63.54 -12.58
C LEU E 76 -3.43 62.31 -11.71
N ALA E 77 -2.61 62.18 -10.67
CA ALA E 77 -2.74 61.04 -9.77
C ALA E 77 -4.08 61.04 -9.07
N GLU E 78 -4.55 62.20 -8.64
CA GLU E 78 -5.84 62.28 -7.97
C GLU E 78 -6.98 61.96 -8.94
N HIS E 79 -6.89 62.41 -10.19
CA HIS E 79 -7.90 62.05 -11.18
C HIS E 79 -7.94 60.55 -11.38
N PHE E 80 -6.78 59.92 -11.56
CA PHE E 80 -6.74 58.48 -11.77
C PHE E 80 -7.28 57.73 -10.55
N MET E 81 -6.90 58.16 -9.35
CA MET E 81 -7.42 57.51 -8.15
C MET E 81 -8.93 57.65 -8.04
N LEU E 82 -9.47 58.85 -8.28
CA LEU E 82 -10.89 59.05 -8.07
C LEU E 82 -11.73 58.34 -9.12
N ALA E 83 -11.27 58.26 -10.37
CA ALA E 83 -12.12 57.70 -11.40
C ALA E 83 -11.80 56.25 -11.75
N GLN E 84 -10.63 55.75 -11.39
CA GLN E 84 -10.26 54.39 -11.71
C GLN E 84 -9.58 53.65 -10.56
N GLY E 85 -9.23 54.33 -9.48
CA GLY E 85 -8.57 53.69 -8.35
C GLY E 85 -7.21 53.12 -8.67
N VAL E 86 -6.36 53.91 -9.33
CA VAL E 86 -5.04 53.46 -9.76
C VAL E 86 -3.98 54.21 -8.99
N ASP E 87 -2.99 53.47 -8.47
CA ASP E 87 -1.86 54.04 -7.75
C ASP E 87 -0.67 54.22 -8.70
N ILE E 88 -0.79 55.22 -9.58
CA ILE E 88 0.33 55.53 -10.45
C ILE E 88 1.51 56.06 -9.65
N ASN E 89 1.24 56.91 -8.66
CA ASN E 89 2.30 57.34 -7.76
C ASN E 89 2.79 56.19 -6.88
N GLY E 90 1.87 55.35 -6.41
CA GLY E 90 2.23 54.19 -5.62
C GLY E 90 2.79 54.52 -4.26
N GLU E 91 1.96 55.04 -3.37
CA GLU E 91 2.40 55.40 -2.03
C GLU E 91 1.45 54.86 -0.97
N ALA E 96 -1.49 47.46 4.82
CA ALA E 96 -0.37 47.79 5.69
C ALA E 96 -0.81 47.81 7.15
N PRO E 97 0.03 47.29 8.04
CA PRO E 97 -0.33 47.28 9.47
C PRO E 97 -0.60 48.66 10.04
N GLY E 98 0.16 49.67 9.61
CA GLY E 98 -0.02 51.01 10.15
C GLY E 98 -1.31 51.68 9.70
N GLU E 99 -1.93 51.19 8.62
CA GLU E 99 -3.14 51.76 8.09
C GLU E 99 -4.41 51.12 8.66
N ILE E 100 -4.33 50.59 9.88
CA ILE E 100 -5.46 49.86 10.45
C ILE E 100 -6.63 50.79 10.70
N ASN E 101 -6.36 51.98 11.24
CA ASN E 101 -7.39 52.97 11.50
C ASN E 101 -7.35 54.15 10.54
N ALA E 102 -6.29 54.25 9.73
CA ALA E 102 -6.23 55.31 8.71
C ALA E 102 -7.27 55.11 7.63
N GLY E 103 -7.79 53.90 7.46
CA GLY E 103 -8.84 53.69 6.48
C GLY E 103 -10.11 54.44 6.82
N ALA E 104 -10.49 54.45 8.09
CA ALA E 104 -11.71 55.13 8.51
C ALA E 104 -11.63 56.63 8.24
N GLU E 105 -10.50 57.25 8.59
CA GLU E 105 -10.34 58.68 8.33
C GLU E 105 -10.30 58.97 6.83
N LEU E 106 -9.63 58.10 6.07
CA LEU E 106 -9.59 58.28 4.62
C LEU E 106 -10.99 58.23 4.04
N ARG E 107 -11.82 57.30 4.52
CA ARG E 107 -13.20 57.24 4.06
C ARG E 107 -13.96 58.49 4.46
N SER E 108 -13.79 58.94 5.70
CA SER E 108 -14.54 60.10 6.17
C SER E 108 -14.12 61.39 5.49
N LYS E 109 -12.91 61.44 4.94
CA LYS E 109 -12.42 62.62 4.24
C LYS E 109 -12.61 62.55 2.74
N ASN E 110 -12.69 61.35 2.17
CA ASN E 110 -12.86 61.16 0.73
C ASN E 110 -14.07 60.26 0.48
N PRO E 111 -15.25 60.85 0.29
CA PRO E 111 -16.44 60.02 0.04
C PRO E 111 -16.33 59.17 -1.21
N LEU E 112 -15.67 59.66 -2.26
CA LEU E 112 -15.66 58.95 -3.53
C LEU E 112 -14.90 57.65 -3.44
N ILE E 113 -13.72 57.67 -2.80
CA ILE E 113 -12.98 56.44 -2.61
C ILE E 113 -13.71 55.50 -1.66
N SER E 114 -14.49 56.04 -0.72
CA SER E 114 -15.24 55.18 0.19
C SER E 114 -16.34 54.43 -0.55
N LEU E 115 -17.11 55.13 -1.38
CA LEU E 115 -18.11 54.45 -2.19
C LEU E 115 -17.49 53.44 -3.15
N PHE E 116 -16.75 53.94 -4.13
CA PHE E 116 -16.07 53.10 -5.09
C PHE E 116 -14.63 52.97 -4.63
N GLY E 117 -14.21 51.76 -4.31
CA GLY E 117 -12.94 51.59 -3.64
C GLY E 117 -11.77 51.75 -4.56
N ARG E 118 -10.59 51.48 -4.01
CA ARG E 118 -9.35 51.40 -4.77
C ARG E 118 -8.68 50.08 -4.40
N TRP E 119 -7.51 49.84 -4.97
CA TRP E 119 -6.74 48.67 -4.57
C TRP E 119 -6.41 48.75 -3.09
N GLY E 120 -6.87 47.77 -2.33
CA GLY E 120 -6.59 47.68 -0.92
C GLY E 120 -7.68 48.25 -0.03
N LEU E 121 -8.46 49.21 -0.52
CA LEU E 121 -9.57 49.77 0.22
C LEU E 121 -10.86 49.32 -0.44
N SER E 122 -11.64 48.50 0.28
CA SER E 122 -12.88 47.99 -0.28
C SER E 122 -13.86 49.13 -0.50
N GLY E 123 -14.54 49.09 -1.64
CA GLY E 123 -15.59 50.04 -1.90
C GLY E 123 -16.90 49.63 -1.25
N LYS E 124 -17.71 50.63 -0.94
CA LYS E 124 -19.01 50.37 -0.34
C LYS E 124 -20.12 50.17 -1.35
N VAL E 125 -19.86 50.39 -2.63
CA VAL E 125 -20.90 50.36 -3.66
C VAL E 125 -20.82 49.02 -4.38
N GLY E 126 -21.95 48.32 -4.43
CA GLY E 126 -22.05 47.10 -5.21
C GLY E 126 -23.03 47.26 -6.34
N ILE E 127 -22.58 47.09 -7.57
CA ILE E 127 -23.42 47.28 -8.76
C ILE E 127 -23.42 45.99 -9.56
N GLY E 128 -24.58 45.35 -9.65
CA GLY E 128 -24.69 44.04 -10.26
C GLY E 128 -25.08 44.08 -11.72
N ASN E 129 -25.20 42.89 -12.30
CA ASN E 129 -25.54 42.75 -13.69
C ASN E 129 -27.00 43.09 -13.95
N ALA E 130 -27.29 43.42 -15.21
CA ALA E 130 -28.64 43.70 -15.65
C ALA E 130 -29.12 42.50 -16.46
N ILE E 131 -30.09 41.78 -15.93
CA ILE E 131 -30.57 40.54 -16.54
C ILE E 131 -31.97 40.77 -17.11
N PRO E 132 -32.20 40.50 -18.40
CA PRO E 132 -33.52 40.75 -18.99
C PRO E 132 -34.60 39.86 -18.38
N ASP E 133 -35.81 40.41 -18.26
CA ASP E 133 -36.91 39.67 -17.66
C ASP E 133 -37.44 38.60 -18.61
N GLY E 134 -37.79 39.00 -19.83
CA GLY E 134 -38.34 38.08 -20.80
C GLY E 134 -37.26 37.38 -21.59
N ASP E 135 -37.70 36.67 -22.63
CA ASP E 135 -36.80 35.98 -23.53
C ASP E 135 -36.91 36.57 -24.93
N ASN E 136 -35.88 36.35 -25.73
CA ASN E 136 -35.74 36.86 -27.09
C ASN E 136 -35.72 38.38 -27.14
N GLN E 137 -35.49 39.04 -26.01
CA GLN E 137 -35.39 40.49 -25.94
C GLN E 137 -34.05 41.01 -26.45
N TRP E 138 -33.23 40.16 -27.06
CA TRP E 138 -31.95 40.57 -27.59
C TRP E 138 -31.87 40.16 -29.05
N GLY E 139 -31.35 41.07 -29.89
CA GLY E 139 -31.28 40.82 -31.32
C GLY E 139 -29.90 41.10 -31.85
N MET E 140 -29.76 40.91 -33.16
CA MET E 140 -28.52 41.19 -33.88
C MET E 140 -28.74 42.45 -34.71
N PHE E 141 -27.92 43.46 -34.46
CA PHE E 141 -28.08 44.78 -35.08
C PHE E 141 -26.82 45.13 -35.87
N GLY E 142 -26.86 46.31 -36.48
CA GLY E 142 -25.67 46.87 -37.10
C GLY E 142 -25.24 46.22 -38.40
N GLY E 143 -26.16 45.59 -39.11
CA GLY E 143 -25.83 45.05 -40.42
C GLY E 143 -25.42 46.12 -41.39
N GLY E 144 -24.26 45.96 -42.02
CA GLY E 144 -23.76 46.95 -42.96
C GLY E 144 -23.23 46.35 -44.24
N PRO E 235 -18.76 45.43 -46.28
CA PRO E 235 -19.20 44.40 -45.34
C PRO E 235 -18.88 44.74 -43.89
N ILE E 236 -19.90 44.82 -43.04
CA ILE E 236 -19.74 45.21 -41.65
C ILE E 236 -20.27 44.08 -40.78
N ASP E 237 -19.45 43.63 -39.85
CA ASP E 237 -19.89 42.58 -38.94
C ASP E 237 -20.98 43.11 -38.01
N PRO E 238 -22.08 42.39 -37.84
CA PRO E 238 -23.15 42.87 -36.97
C PRO E 238 -22.82 42.66 -35.50
N TYR E 239 -23.40 43.50 -34.66
CA TYR E 239 -23.19 43.45 -33.22
C TYR E 239 -24.50 43.08 -32.54
N GLU E 240 -24.41 42.24 -31.50
CA GLU E 240 -25.58 41.86 -30.74
C GLU E 240 -25.89 42.92 -29.68
N ALA E 241 -27.18 43.08 -29.40
CA ALA E 241 -27.61 44.06 -28.42
C ALA E 241 -28.98 43.67 -27.90
N PHE E 242 -29.38 44.29 -26.80
CA PHE E 242 -30.75 44.17 -26.33
C PHE E 242 -31.65 45.06 -27.15
N ILE E 243 -32.87 44.60 -27.40
CA ILE E 243 -33.79 45.35 -28.24
C ILE E 243 -34.23 46.62 -27.54
N THR E 244 -34.80 47.54 -28.31
CA THR E 244 -35.43 48.71 -27.74
C THR E 244 -36.63 48.31 -26.89
N GLY E 245 -36.76 48.92 -25.72
CA GLY E 245 -37.86 48.65 -24.84
C GLY E 245 -37.71 47.41 -23.98
N ALA E 246 -36.58 46.72 -24.07
CA ALA E 246 -36.35 45.55 -23.23
C ALA E 246 -36.26 45.96 -21.77
N GLU E 247 -36.76 45.10 -20.90
CA GLU E 247 -36.76 45.34 -19.47
C GLU E 247 -35.60 44.57 -18.84
N LEU E 248 -34.72 45.28 -18.16
CA LEU E 248 -33.54 44.72 -17.54
C LEU E 248 -33.66 44.88 -16.03
N SER E 249 -33.54 43.78 -15.30
CA SER E 249 -33.61 43.83 -13.84
C SER E 249 -32.22 44.11 -13.28
N HIS E 250 -32.13 45.14 -12.44
CA HIS E 250 -30.87 45.58 -11.88
C HIS E 250 -30.95 45.63 -10.37
N ARG E 251 -29.81 45.42 -9.72
CA ARG E 251 -29.74 45.38 -8.28
C ARG E 251 -28.46 46.05 -7.83
N MET E 252 -28.58 47.04 -6.95
CA MET E 252 -27.47 47.86 -6.52
C MET E 252 -27.51 47.95 -5.00
N SER E 253 -26.34 48.09 -4.38
CA SER E 253 -26.28 48.17 -2.92
C SER E 253 -25.13 49.06 -2.49
N ILE E 254 -25.33 49.74 -1.37
CA ILE E 254 -24.27 50.50 -0.70
C ILE E 254 -24.18 49.98 0.73
N LYS E 255 -23.03 49.41 1.08
CA LYS E 255 -22.84 48.77 2.37
C LYS E 255 -22.39 49.80 3.40
N ASN E 256 -23.13 49.91 4.50
CA ASN E 256 -22.84 50.86 5.58
C ASN E 256 -22.63 52.27 5.03
N ALA E 257 -23.66 52.75 4.34
CA ALA E 257 -23.58 54.04 3.68
C ALA E 257 -23.77 55.16 4.69
N THR E 258 -22.77 56.05 4.77
CA THR E 258 -22.96 57.29 5.49
C THR E 258 -23.91 58.19 4.70
N ASP E 259 -24.47 59.20 5.38
CA ASP E 259 -25.37 60.11 4.70
C ASP E 259 -24.64 60.88 3.60
N GLU E 260 -23.40 61.30 3.87
CA GLU E 260 -22.63 61.99 2.84
C GLU E 260 -22.32 61.09 1.65
N GLU E 261 -21.93 59.84 1.92
CA GLU E 261 -21.61 58.92 0.83
C GLU E 261 -22.84 58.61 -0.01
N ALA E 262 -23.97 58.36 0.64
CA ALA E 262 -25.19 58.10 -0.10
C ALA E 262 -25.63 59.33 -0.89
N GLY E 263 -25.44 60.52 -0.32
CA GLY E 263 -25.75 61.73 -1.06
C GLY E 263 -24.89 61.89 -2.29
N LEU E 264 -23.60 61.60 -2.17
CA LEU E 264 -22.72 61.63 -3.34
C LEU E 264 -23.18 60.63 -4.38
N PHE E 265 -23.58 59.44 -3.95
CA PHE E 265 -24.02 58.43 -4.91
C PHE E 265 -25.28 58.85 -5.63
N ILE E 266 -26.24 59.42 -4.90
CA ILE E 266 -27.48 59.87 -5.54
C ILE E 266 -27.19 61.03 -6.47
N SER E 267 -26.24 61.90 -6.10
CA SER E 267 -25.83 62.94 -7.02
C SER E 267 -25.19 62.37 -8.28
N ALA E 268 -24.44 61.27 -8.13
CA ALA E 268 -23.87 60.61 -9.29
C ALA E 268 -24.97 60.08 -10.20
N LEU E 269 -26.00 59.50 -9.61
CA LEU E 269 -27.15 59.06 -10.41
C LEU E 269 -27.81 60.23 -11.11
N ILE E 270 -27.94 61.36 -10.41
CA ILE E 270 -28.59 62.53 -10.99
C ILE E 270 -27.80 63.07 -12.17
N ARG E 271 -26.48 63.18 -12.03
CA ARG E 271 -25.66 63.62 -13.15
C ARG E 271 -25.70 62.62 -14.29
N PHE E 272 -25.64 61.33 -13.98
CA PHE E 272 -25.75 60.32 -15.01
C PHE E 272 -27.08 60.41 -15.72
N ALA E 273 -28.13 60.80 -15.01
CA ALA E 273 -29.46 60.87 -15.61
C ALA E 273 -29.53 61.89 -16.74
N ALA E 274 -28.59 62.82 -16.82
CA ALA E 274 -28.56 63.74 -17.94
C ALA E 274 -28.05 63.10 -19.22
N GLU E 275 -27.26 62.02 -19.09
CA GLU E 275 -26.75 61.29 -20.26
C GLU E 275 -26.89 59.79 -19.97
N PRO E 276 -28.12 59.29 -19.92
CA PRO E 276 -28.33 57.93 -19.44
C PRO E 276 -27.87 56.87 -20.43
N ARG E 277 -26.59 56.85 -20.78
CA ARG E 277 -26.09 56.00 -21.84
C ARG E 277 -25.13 54.96 -21.26
N PHE E 278 -25.42 53.69 -21.53
CA PHE E 278 -24.61 52.58 -21.07
C PHE E 278 -24.02 51.87 -22.29
N GLY E 279 -22.99 51.09 -22.04
CA GLY E 279 -22.47 50.24 -23.10
C GLY E 279 -21.74 51.03 -24.18
N GLY E 280 -21.58 50.38 -25.33
CA GLY E 280 -20.82 50.92 -26.42
C GLY E 280 -21.69 51.32 -27.60
N HIS E 281 -21.04 51.51 -28.75
CA HIS E 281 -21.67 52.03 -29.96
C HIS E 281 -22.43 53.32 -29.68
N ALA E 282 -21.65 54.35 -29.31
CA ALA E 282 -22.23 55.68 -29.12
C ALA E 282 -22.85 56.18 -30.41
N ASN E 283 -22.15 56.02 -31.53
CA ASN E 283 -22.79 56.21 -32.83
C ASN E 283 -23.86 55.15 -33.01
N HIS E 284 -24.86 55.48 -33.81
CA HIS E 284 -26.14 54.77 -33.93
C HIS E 284 -26.99 54.99 -32.69
N ASN E 285 -26.55 55.85 -31.78
CA ASN E 285 -27.29 56.20 -30.57
C ASN E 285 -27.76 54.96 -29.82
N CYS E 286 -26.82 54.04 -29.59
CA CYS E 286 -27.11 52.77 -28.94
C CYS E 286 -26.67 52.83 -27.48
N GLY E 287 -27.54 52.39 -26.58
CA GLY E 287 -27.20 52.26 -25.18
C GLY E 287 -27.92 53.21 -24.25
N LEU E 288 -28.69 54.16 -24.78
CA LEU E 288 -29.38 55.11 -23.93
C LEU E 288 -30.50 54.40 -23.18
N VAL E 289 -30.54 54.55 -21.86
CA VAL E 289 -31.48 53.79 -21.04
C VAL E 289 -32.39 54.70 -20.25
N GLU E 290 -33.31 54.10 -19.50
CA GLU E 290 -34.26 54.83 -18.67
C GLU E 290 -34.64 53.91 -17.53
N ALA E 291 -34.15 54.19 -16.33
CA ALA E 291 -34.20 53.25 -15.23
C ALA E 291 -34.88 53.89 -14.02
N HIS E 292 -35.42 53.04 -13.16
CA HIS E 292 -35.96 53.44 -11.88
C HIS E 292 -35.51 52.46 -10.83
N TRP E 293 -35.19 52.97 -9.64
CA TRP E 293 -34.68 52.15 -8.54
C TRP E 293 -35.50 52.42 -7.29
N THR E 294 -35.69 51.38 -6.49
CA THR E 294 -36.36 51.48 -5.20
C THR E 294 -35.33 51.32 -4.10
N VAL E 295 -35.21 52.33 -3.25
CA VAL E 295 -34.15 52.39 -2.24
C VAL E 295 -34.72 51.90 -0.92
N THR E 296 -34.17 50.81 -0.40
CA THR E 296 -34.63 50.22 0.84
C THR E 296 -33.46 50.07 1.79
N THR E 297 -33.76 50.06 3.08
CA THR E 297 -32.76 49.85 4.11
C THR E 297 -33.21 48.73 5.04
N TRP E 298 -32.24 48.08 5.68
CA TRP E 298 -32.51 46.98 6.58
C TRP E 298 -31.58 47.10 7.78
N LYS E 299 -32.14 47.44 8.92
CA LYS E 299 -31.35 47.51 10.14
C LYS E 299 -31.05 46.10 10.62
N PRO E 300 -29.79 45.72 10.76
CA PRO E 300 -29.47 44.35 11.19
C PRO E 300 -30.12 43.98 12.50
N GLY E 301 -31.02 43.01 12.46
CA GLY E 301 -31.73 42.59 13.66
C GLY E 301 -33.23 42.57 13.42
N GLU E 302 -33.72 43.49 12.60
CA GLU E 302 -35.13 43.52 12.28
C GLU E 302 -35.46 42.43 11.27
N LEU E 303 -36.75 42.21 11.08
CA LEU E 303 -37.24 41.12 10.24
C LEU E 303 -37.73 41.59 8.88
N VAL E 304 -37.72 42.89 8.60
CA VAL E 304 -38.32 43.40 7.38
C VAL E 304 -37.66 44.72 7.00
N PRO E 305 -37.32 44.94 5.73
CA PRO E 305 -36.72 46.20 5.33
C PRO E 305 -37.73 47.33 5.37
N VAL E 306 -37.21 48.55 5.42
CA VAL E 306 -38.02 49.76 5.36
C VAL E 306 -37.66 50.51 4.08
N THR E 307 -38.68 50.84 3.29
CA THR E 307 -38.47 51.51 2.02
C THR E 307 -38.22 52.99 2.25
N LEU E 308 -37.09 53.49 1.74
CA LEU E 308 -36.75 54.91 1.90
C LEU E 308 -37.36 55.79 0.83
N GLY E 309 -37.49 55.28 -0.39
CA GLY E 309 -38.03 56.10 -1.47
C GLY E 309 -37.79 55.42 -2.80
N GLU E 310 -37.93 56.21 -3.86
CA GLU E 310 -37.74 55.72 -5.22
C GLU E 310 -36.95 56.75 -6.02
N ILE E 311 -36.03 56.27 -6.85
CA ILE E 311 -35.28 57.11 -7.77
C ILE E 311 -35.72 56.74 -9.17
N VAL E 312 -36.23 57.72 -9.92
CA VAL E 312 -36.74 57.50 -11.26
C VAL E 312 -35.93 58.35 -12.23
N ILE E 313 -35.32 57.71 -13.21
CA ILE E 313 -34.59 58.39 -14.28
C ILE E 313 -35.41 58.23 -15.55
N THR E 314 -35.89 59.34 -16.09
CA THR E 314 -36.68 59.38 -17.31
C THR E 314 -36.12 60.45 -18.22
N PRO E 315 -36.33 60.34 -19.53
CA PRO E 315 -35.88 61.42 -20.43
C PRO E 315 -36.53 62.75 -20.12
N ASN E 316 -37.69 62.76 -19.49
CA ASN E 316 -38.35 64.02 -19.14
C ASN E 316 -37.80 64.64 -17.86
N GLY E 317 -37.10 63.88 -17.04
CA GLY E 317 -36.58 64.42 -15.81
C GLY E 317 -36.19 63.31 -14.84
N VAL E 318 -35.79 63.75 -13.65
CA VAL E 318 -35.38 62.87 -12.57
C VAL E 318 -36.30 63.12 -11.39
N GLU E 319 -36.96 62.07 -10.90
CA GLU E 319 -37.82 62.15 -9.74
C GLU E 319 -37.15 61.47 -8.56
N ILE E 320 -37.05 62.19 -7.44
CA ILE E 320 -36.57 61.65 -6.18
C ILE E 320 -37.69 61.79 -5.16
N THR E 321 -38.16 60.67 -4.63
CA THR E 321 -39.19 60.67 -3.61
C THR E 321 -38.62 60.14 -2.31
N GLY E 322 -39.29 60.46 -1.21
CA GLY E 322 -38.83 60.05 0.09
C GLY E 322 -37.89 61.08 0.69
N ASP E 323 -38.24 61.58 1.88
CA ASP E 323 -37.44 62.62 2.49
C ASP E 323 -36.04 62.16 2.85
N GLU E 324 -35.85 60.85 3.04
CA GLU E 324 -34.53 60.36 3.42
C GLU E 324 -33.50 60.60 2.32
N LEU E 325 -33.88 60.34 1.06
CA LEU E 325 -32.95 60.55 -0.04
C LEU E 325 -32.63 62.04 -0.20
N PHE E 326 -33.64 62.90 -0.05
CA PHE E 326 -33.38 64.33 -0.09
C PHE E 326 -32.45 64.75 1.04
N ALA E 327 -32.63 64.16 2.22
CA ALA E 327 -31.76 64.46 3.35
C ALA E 327 -30.32 64.07 3.04
N MET E 328 -30.14 62.89 2.44
CA MET E 328 -28.79 62.45 2.06
C MET E 328 -28.17 63.42 1.05
N VAL E 329 -28.95 63.82 0.03
CA VAL E 329 -28.42 64.72 -0.99
C VAL E 329 -28.01 66.05 -0.37
N LYS E 330 -28.88 66.61 0.47
CA LYS E 330 -28.58 67.88 1.12
C LYS E 330 -27.38 67.74 2.04
N ALA E 331 -27.27 66.61 2.74
CA ALA E 331 -26.14 66.37 3.62
C ALA E 331 -24.84 66.40 2.83
N PHE E 332 -24.81 65.72 1.69
CA PHE E 332 -23.60 65.76 0.88
C PHE E 332 -23.34 67.18 0.37
N ASN E 333 -24.39 67.88 -0.06
CA ASN E 333 -24.21 69.22 -0.62
C ASN E 333 -23.60 70.17 0.41
N GLU E 334 -24.10 70.14 1.64
CA GLU E 334 -23.72 71.15 2.61
C GLU E 334 -22.37 70.91 3.27
N ASN E 335 -21.83 69.69 3.17
CA ASN E 335 -20.60 69.36 3.85
C ASN E 335 -19.42 70.05 3.17
N GLN E 336 -18.45 70.49 3.97
CA GLN E 336 -17.29 71.20 3.46
C GLN E 336 -15.98 70.63 4.02
N SER E 337 -16.00 69.39 4.52
CA SER E 337 -14.82 68.77 5.08
C SER E 337 -14.24 67.69 4.17
N PHE E 338 -14.53 67.74 2.88
CA PHE E 338 -14.12 66.70 1.95
C PHE E 338 -12.77 67.06 1.35
N ASP E 339 -11.81 66.15 1.50
CA ASP E 339 -10.44 66.33 1.01
C ASP E 339 -10.16 65.20 0.02
N PHE E 340 -10.33 65.49 -1.27
CA PHE E 340 -10.21 64.45 -2.29
C PHE E 340 -8.78 64.29 -2.81
N THR E 341 -7.82 65.03 -2.26
CA THR E 341 -6.44 64.92 -2.71
C THR E 341 -5.83 63.60 -2.28
N MET F 1 47.93 -36.04 -30.54
CA MET F 1 48.81 -35.50 -31.58
C MET F 1 48.23 -34.24 -32.18
N LEU F 2 48.62 -33.09 -31.64
CA LEU F 2 48.13 -31.80 -32.09
C LEU F 2 49.00 -30.74 -31.43
N ASN F 3 48.75 -29.47 -31.76
CA ASN F 3 49.44 -28.37 -31.08
C ASN F 3 48.85 -28.19 -29.69
N PHE F 4 49.53 -28.76 -28.70
CA PHE F 4 49.07 -28.78 -27.32
C PHE F 4 49.78 -27.70 -26.53
N LYS F 5 49.02 -26.83 -25.89
CA LYS F 5 49.59 -25.79 -25.05
C LYS F 5 49.14 -25.99 -23.62
N PRO F 6 49.94 -25.55 -22.64
CA PRO F 6 49.53 -25.72 -21.23
C PRO F 6 48.43 -24.76 -20.86
N TYR F 7 47.36 -25.29 -20.28
CA TYR F 7 46.20 -24.52 -19.87
C TYR F 7 45.92 -24.77 -18.40
N ARG F 8 45.21 -23.84 -17.78
CA ARG F 8 44.70 -24.00 -16.42
C ARG F 8 43.19 -23.84 -16.47
N VAL F 9 42.47 -24.82 -15.96
CA VAL F 9 41.01 -24.80 -15.96
C VAL F 9 40.54 -24.53 -14.55
N ILE F 10 39.65 -23.55 -14.42
CA ILE F 10 39.06 -23.18 -13.13
C ILE F 10 37.55 -23.29 -13.27
N MET F 11 36.94 -24.03 -12.35
CA MET F 11 35.50 -24.26 -12.39
C MET F 11 34.91 -23.89 -11.03
N SER F 12 33.67 -23.43 -11.04
CA SER F 12 32.98 -23.06 -9.82
C SER F 12 32.33 -24.30 -9.22
N SER F 13 32.63 -24.58 -7.96
CA SER F 13 32.09 -25.77 -7.31
C SER F 13 30.69 -25.47 -6.77
N LEU F 14 29.75 -26.35 -7.10
CA LEU F 14 28.37 -26.21 -6.67
C LEU F 14 27.95 -27.21 -5.60
N THR F 15 28.71 -28.28 -5.42
CA THR F 15 28.35 -29.38 -4.54
C THR F 15 29.62 -29.88 -3.87
N PRO F 16 29.55 -30.33 -2.62
CA PRO F 16 30.75 -30.83 -1.95
C PRO F 16 31.38 -32.00 -2.69
N VAL F 17 32.71 -32.04 -2.65
CA VAL F 17 33.51 -32.98 -3.41
C VAL F 17 33.96 -34.10 -2.49
N VAL F 18 33.75 -35.34 -2.91
CA VAL F 18 34.18 -36.51 -2.15
C VAL F 18 35.41 -37.09 -2.82
N ILE F 19 36.50 -37.18 -2.08
CA ILE F 19 37.79 -37.59 -2.61
C ILE F 19 38.07 -39.02 -2.20
N SER F 20 38.31 -39.88 -3.19
CA SER F 20 38.52 -41.30 -2.94
C SER F 20 39.99 -41.55 -2.62
N GLY F 21 40.42 -41.00 -1.50
CA GLY F 21 41.78 -41.23 -1.04
C GLY F 21 42.80 -40.44 -1.81
N ILE F 22 42.80 -40.58 -3.13
CA ILE F 22 43.72 -39.88 -4.02
C ILE F 22 42.93 -38.80 -4.76
N ALA F 23 43.48 -37.60 -4.80
CA ALA F 23 42.77 -36.47 -5.38
C ALA F 23 42.40 -36.78 -6.83
N PRO F 24 41.20 -36.41 -7.27
CA PRO F 24 40.83 -36.64 -8.67
C PRO F 24 41.75 -35.90 -9.62
N SER F 25 42.07 -36.56 -10.73
CA SER F 25 42.91 -35.97 -11.76
C SER F 25 42.06 -35.59 -12.96
N LEU F 26 42.51 -34.58 -13.70
CA LEU F 26 41.71 -34.09 -14.82
C LEU F 26 41.60 -35.13 -15.93
N ASP F 27 42.63 -35.96 -16.10
CA ASP F 27 42.55 -36.98 -17.14
C ASP F 27 41.46 -37.99 -16.83
N GLY F 28 41.17 -38.22 -15.54
CA GLY F 28 40.05 -39.07 -15.20
C GLY F 28 38.72 -38.48 -15.63
N ILE F 29 38.53 -37.19 -15.38
CA ILE F 29 37.29 -36.52 -15.80
C ILE F 29 37.15 -36.56 -17.31
N LEU F 30 38.24 -36.28 -18.02
CA LEU F 30 38.20 -36.29 -19.47
C LEU F 30 37.98 -37.69 -20.01
N TYR F 31 38.52 -38.71 -19.34
CA TYR F 31 38.24 -40.08 -19.73
C TYR F 31 36.77 -40.41 -19.61
N GLU F 32 36.13 -40.00 -18.50
CA GLU F 32 34.69 -40.23 -18.37
C GLU F 32 33.91 -39.47 -19.44
N ALA F 33 34.29 -38.22 -19.70
CA ALA F 33 33.60 -37.44 -20.71
C ALA F 33 33.73 -38.08 -22.08
N LEU F 34 34.89 -38.64 -22.39
CA LEU F 34 35.07 -39.28 -23.68
C LEU F 34 34.39 -40.64 -23.72
N SER F 35 34.31 -41.33 -22.59
CA SER F 35 33.55 -42.58 -22.54
C SER F 35 32.08 -42.32 -22.77
N GLN F 36 31.61 -41.12 -22.45
CA GLN F 36 30.23 -40.76 -22.78
C GLN F 36 30.10 -40.28 -24.21
N ALA F 37 31.04 -39.47 -24.69
CA ALA F 37 31.03 -38.99 -26.06
C ALA F 37 31.19 -40.14 -27.04
N ILE F 38 32.32 -40.83 -26.97
CA ILE F 38 32.44 -42.09 -27.69
C ILE F 38 31.50 -43.10 -27.05
N PRO F 39 30.57 -43.61 -27.73
CA PRO F 39 29.67 -44.59 -27.12
C PRO F 39 30.37 -45.92 -26.87
N SER F 40 31.49 -45.88 -26.15
CA SER F 40 32.29 -47.06 -25.91
C SER F 40 32.89 -47.00 -24.51
N ASN F 41 32.98 -48.16 -23.87
CA ASN F 41 33.57 -48.29 -22.55
C ASN F 41 34.93 -48.97 -22.58
N GLU F 42 35.37 -49.45 -23.73
CA GLU F 42 36.68 -50.06 -23.88
C GLU F 42 37.77 -49.07 -23.48
N PRO F 43 38.63 -49.40 -22.52
CA PRO F 43 39.71 -48.46 -22.17
C PRO F 43 40.65 -48.18 -23.32
N GLY F 44 40.89 -49.16 -24.19
CA GLY F 44 41.79 -48.92 -25.30
C GLY F 44 41.30 -47.82 -26.22
N VAL F 45 40.02 -47.87 -26.59
CA VAL F 45 39.47 -46.89 -27.51
C VAL F 45 39.45 -45.50 -26.89
N VAL F 46 38.97 -45.40 -25.65
CA VAL F 46 38.88 -44.10 -25.00
C VAL F 46 40.26 -43.50 -24.80
N LEU F 47 41.23 -44.31 -24.35
CA LEU F 47 42.58 -43.81 -24.20
C LEU F 47 43.15 -43.39 -25.55
N ALA F 48 42.86 -44.14 -26.62
CA ALA F 48 43.35 -43.77 -27.93
C ALA F 48 42.79 -42.44 -28.38
N ARG F 49 41.53 -42.15 -28.05
CA ARG F 49 40.99 -40.83 -28.36
C ARG F 49 41.46 -39.77 -27.37
N LEU F 50 41.60 -40.14 -26.09
CA LEU F 50 42.02 -39.17 -25.08
C LEU F 50 43.40 -38.62 -25.38
N LYS F 51 44.25 -39.41 -26.02
CA LYS F 51 45.57 -38.92 -26.38
C LYS F 51 45.54 -37.89 -27.49
N GLU F 52 44.41 -37.73 -28.18
CA GLU F 52 44.27 -36.70 -29.19
C GLU F 52 43.95 -35.33 -28.59
N ILE F 53 43.55 -35.28 -27.32
CA ILE F 53 43.20 -34.02 -26.68
C ILE F 53 44.00 -33.75 -25.41
N LEU F 54 44.72 -34.73 -24.88
CA LEU F 54 45.60 -34.52 -23.75
C LEU F 54 46.98 -35.03 -24.11
N LEU F 55 48.00 -34.25 -23.78
CA LEU F 55 49.36 -34.69 -24.04
C LEU F 55 49.68 -35.89 -23.16
N PHE F 56 50.29 -36.91 -23.74
CA PHE F 56 50.66 -38.11 -23.02
C PHE F 56 52.16 -38.17 -22.86
N ASN F 57 52.61 -38.31 -21.61
CA ASN F 57 54.04 -38.39 -21.31
C ASN F 57 54.46 -39.85 -21.35
N ASP F 58 55.14 -40.25 -22.42
CA ASP F 58 55.55 -41.64 -22.57
C ASP F 58 56.53 -42.05 -21.48
N GLU F 59 57.45 -41.15 -21.10
CA GLU F 59 58.51 -41.52 -20.17
C GLU F 59 57.95 -41.93 -18.82
N LEU F 60 56.95 -41.20 -18.33
CA LEU F 60 56.32 -41.53 -17.06
C LEU F 60 55.07 -42.37 -17.22
N GLY F 61 54.49 -42.41 -18.41
CA GLY F 61 53.26 -43.15 -18.61
C GLY F 61 52.03 -42.48 -18.06
N VAL F 62 52.05 -41.17 -17.87
CA VAL F 62 50.93 -40.44 -17.30
C VAL F 62 50.57 -39.29 -18.22
N PHE F 63 49.30 -38.90 -18.18
CA PHE F 63 48.83 -37.76 -18.95
C PHE F 63 49.25 -36.47 -18.29
N HIS F 64 49.47 -35.44 -19.11
CA HIS F 64 49.75 -34.11 -18.58
C HIS F 64 48.45 -33.52 -18.07
N ALA F 65 47.99 -34.02 -16.93
CA ALA F 65 46.74 -33.58 -16.31
C ALA F 65 46.92 -33.59 -14.81
N SER F 66 46.95 -32.40 -14.20
CA SER F 66 47.19 -32.29 -12.78
C SER F 66 46.00 -32.83 -11.99
N SER F 67 46.21 -32.98 -10.69
CA SER F 67 45.14 -33.43 -9.80
C SER F 67 44.32 -32.24 -9.34
N LEU F 68 43.32 -32.51 -8.50
CA LEU F 68 42.44 -31.46 -8.01
C LEU F 68 43.18 -30.56 -7.04
N ARG F 69 42.90 -29.26 -7.13
CA ARG F 69 43.41 -28.29 -6.17
C ARG F 69 42.30 -27.29 -5.90
N PHE F 70 41.88 -27.18 -4.64
CA PHE F 70 40.75 -26.32 -4.29
C PHE F 70 41.18 -24.86 -4.32
N GLY F 71 40.39 -24.02 -4.97
CA GLY F 71 40.67 -22.60 -4.98
C GLY F 71 39.85 -21.88 -3.94
N ILE F 72 40.50 -21.25 -2.97
CA ILE F 72 39.80 -20.60 -1.86
C ILE F 72 39.85 -19.09 -2.05
N THR F 73 38.73 -18.45 -1.86
CA THR F 73 38.64 -17.00 -1.86
C THR F 73 38.72 -16.49 -0.44
N PRO F 74 38.96 -15.20 -0.23
CA PRO F 74 38.83 -14.64 1.13
C PRO F 74 37.42 -14.73 1.67
N GLU F 75 36.41 -14.86 0.82
CA GLU F 75 35.04 -14.98 1.29
C GLU F 75 34.74 -16.38 1.82
N GLN F 76 35.25 -17.42 1.17
CA GLN F 76 35.00 -18.79 1.57
C GLN F 76 36.24 -19.62 1.37
N GLY F 77 36.56 -20.46 2.35
CA GLY F 77 37.69 -21.35 2.29
C GLY F 77 37.26 -22.81 2.29
N ILE F 78 38.27 -23.68 2.27
CA ILE F 78 38.02 -25.12 2.25
C ILE F 78 37.27 -25.52 3.51
N GLY F 79 36.14 -26.20 3.34
CA GLY F 79 35.26 -26.56 4.44
C GLY F 79 35.07 -28.06 4.54
N ALA F 80 34.46 -28.48 5.63
CA ALA F 80 34.21 -29.88 5.91
C ALA F 80 32.72 -30.15 5.87
N THR F 81 32.32 -31.11 5.03
CA THR F 81 30.91 -31.46 4.86
C THR F 81 30.83 -32.96 4.67
N THR F 82 29.64 -33.50 4.83
CA THR F 82 29.42 -34.93 4.65
C THR F 82 28.45 -35.17 3.50
N SER F 83 28.71 -36.23 2.74
CA SER F 83 27.82 -36.64 1.66
C SER F 83 26.84 -37.67 2.19
N MET F 84 25.57 -37.30 2.27
CA MET F 84 24.54 -38.09 2.92
C MET F 84 23.71 -38.83 1.88
N ARG F 85 23.71 -40.15 1.95
CA ARG F 85 22.86 -40.99 1.11
C ARG F 85 22.07 -41.93 2.00
N CYS F 86 20.77 -42.01 1.76
CA CYS F 86 19.88 -42.75 2.64
C CYS F 86 18.87 -43.52 1.80
N ASP F 87 18.27 -44.53 2.42
CA ASP F 87 17.16 -45.25 1.81
C ASP F 87 15.86 -44.63 2.31
N TYR F 88 15.05 -44.14 1.40
CA TYR F 88 13.75 -43.59 1.75
C TYR F 88 12.70 -44.61 1.35
N LEU F 89 12.24 -45.38 2.32
CA LEU F 89 11.24 -46.41 2.09
C LEU F 89 9.88 -45.80 2.37
N SER F 90 9.30 -45.20 1.33
CA SER F 90 8.04 -44.49 1.42
C SER F 90 6.89 -45.47 1.59
N PRO F 91 5.71 -44.99 1.99
CA PRO F 91 4.54 -45.87 2.02
C PRO F 91 4.23 -46.49 0.68
N GLU F 92 4.59 -45.83 -0.44
CA GLU F 92 4.42 -46.46 -1.74
C GLU F 92 5.33 -47.67 -1.89
N LYS F 93 6.59 -47.56 -1.45
CA LYS F 93 7.49 -48.71 -1.56
C LYS F 93 7.07 -49.84 -0.65
N LEU F 94 6.57 -49.52 0.54
CA LEU F 94 6.08 -50.53 1.47
C LEU F 94 4.58 -50.72 1.30
N SER F 95 4.21 -51.16 0.09
CA SER F 95 2.80 -51.32 -0.25
C SER F 95 2.63 -52.60 -1.05
N THR F 96 1.44 -53.18 -0.96
CA THR F 96 1.14 -54.41 -1.68
C THR F 96 0.85 -54.17 -3.15
N ALA F 97 0.76 -52.91 -3.58
CA ALA F 97 0.62 -52.62 -5.00
C ALA F 97 1.92 -52.82 -5.74
N MET F 98 3.05 -52.86 -5.04
CA MET F 98 4.36 -53.05 -5.65
C MET F 98 4.90 -54.46 -5.49
N PHE F 99 4.64 -55.11 -4.36
CA PHE F 99 5.14 -56.46 -4.13
C PHE F 99 4.17 -57.18 -3.22
N SER F 100 4.27 -58.51 -3.21
CA SER F 100 3.39 -59.31 -2.37
C SER F 100 4.17 -59.78 -1.16
N PRO F 101 3.94 -59.21 0.02
CA PRO F 101 4.71 -59.61 1.20
C PRO F 101 4.28 -60.99 1.69
N ARG F 102 5.17 -61.61 2.45
CA ARG F 102 4.83 -62.87 3.08
C ARG F 102 3.81 -62.63 4.17
N THR F 103 2.84 -63.54 4.29
CA THR F 103 1.70 -63.35 5.16
C THR F 103 1.72 -64.38 6.29
N ARG F 104 1.51 -63.89 7.51
CA ARG F 104 1.30 -64.74 8.67
C ARG F 104 0.05 -64.27 9.39
N ARG F 105 -0.89 -65.19 9.62
CA ARG F 105 -2.19 -64.88 10.21
C ARG F 105 -2.97 -63.86 9.40
N GLY F 106 -2.66 -63.73 8.10
CA GLY F 106 -3.22 -62.70 7.27
C GLY F 106 -2.47 -61.39 7.32
N LEU F 107 -1.77 -61.12 8.42
CA LEU F 107 -0.97 -59.91 8.53
C LEU F 107 0.28 -60.01 7.67
N PHE F 108 0.73 -58.86 7.18
CA PHE F 108 1.89 -58.80 6.31
C PHE F 108 3.14 -58.60 7.16
N THR F 109 4.14 -59.45 6.93
CA THR F 109 5.38 -59.35 7.70
C THR F 109 6.08 -58.04 7.36
N ARG F 110 6.28 -57.22 8.38
CA ARG F 110 6.87 -55.91 8.16
C ARG F 110 8.34 -56.05 7.78
N VAL F 111 8.83 -55.07 7.03
CA VAL F 111 10.24 -55.03 6.66
C VAL F 111 11.03 -54.59 7.87
N LEU F 112 12.07 -55.35 8.21
CA LEU F 112 12.90 -55.02 9.36
C LEU F 112 13.86 -53.93 8.94
N LEU F 113 13.60 -52.70 9.37
CA LEU F 113 14.39 -51.57 8.89
C LEU F 113 15.51 -51.16 9.80
N THR F 114 15.52 -51.59 11.06
CA THR F 114 16.59 -51.17 11.95
C THR F 114 17.89 -51.89 11.62
N GLY F 115 17.81 -53.08 11.06
CA GLY F 115 19.03 -53.77 10.66
C GLY F 115 18.70 -54.94 9.79
N GLY F 116 19.75 -55.57 9.28
CA GLY F 116 19.61 -56.74 8.47
C GLY F 116 19.98 -56.51 7.02
N PRO F 117 19.50 -57.38 6.15
CA PRO F 117 19.66 -57.14 4.71
C PRO F 117 18.78 -56.02 4.18
N THR F 118 17.76 -55.63 4.93
CA THR F 118 16.75 -54.68 4.49
C THR F 118 16.71 -53.47 5.40
N LYS F 119 17.87 -52.93 5.74
CA LYS F 119 17.96 -51.81 6.66
C LYS F 119 18.05 -50.51 5.88
N ARG F 120 17.54 -49.44 6.48
CA ARG F 120 17.76 -48.11 5.93
C ARG F 120 19.24 -47.81 6.01
N ARG F 121 19.89 -47.69 4.86
CA ARG F 121 21.33 -47.47 4.83
C ARG F 121 21.58 -45.98 4.97
N MET F 122 22.16 -45.59 6.09
CA MET F 122 22.59 -44.21 6.32
C MET F 122 24.08 -44.08 6.02
N THR F 123 24.40 -44.11 4.73
CA THR F 123 25.78 -44.07 4.29
C THR F 123 26.23 -42.62 4.17
N THR F 124 27.28 -42.27 4.90
CA THR F 124 27.80 -40.92 4.92
C THR F 124 29.30 -40.94 4.66
N ARG F 125 29.78 -39.95 3.90
CA ARG F 125 31.16 -39.86 3.49
C ARG F 125 31.67 -38.44 3.68
N PRO F 126 32.95 -38.27 3.97
CA PRO F 126 33.51 -36.92 4.11
C PRO F 126 33.55 -36.22 2.77
N ALA F 127 33.23 -34.93 2.78
CA ALA F 127 33.24 -34.14 1.56
C ALA F 127 33.86 -32.80 1.87
N TYR F 128 34.33 -32.13 0.82
CA TYR F 128 35.02 -30.86 0.94
C TYR F 128 34.31 -29.82 0.09
N SER F 129 34.09 -28.65 0.66
CA SER F 129 33.35 -27.59 -0.01
C SER F 129 34.23 -26.35 -0.12
N ALA F 130 34.62 -26.01 -1.34
CA ALA F 130 35.42 -24.83 -1.63
C ALA F 130 34.81 -24.08 -2.79
N PRO F 131 35.02 -22.77 -2.88
CA PRO F 131 34.40 -22.01 -3.98
C PRO F 131 34.83 -22.42 -5.37
N TYR F 132 36.09 -22.84 -5.56
CA TYR F 132 36.59 -23.12 -6.90
C TYR F 132 37.36 -24.42 -6.90
N LEU F 133 37.44 -25.03 -8.08
CA LEU F 133 38.24 -26.22 -8.31
C LEU F 133 39.17 -25.94 -9.49
N THR F 134 40.42 -26.36 -9.40
CA THR F 134 41.43 -25.97 -10.37
C THR F 134 42.23 -27.17 -10.82
N PHE F 135 42.42 -27.31 -12.13
CA PHE F 135 43.25 -28.34 -12.71
C PHE F 135 44.20 -27.71 -13.71
N ASP F 136 45.38 -28.29 -13.86
CA ASP F 136 46.32 -27.89 -14.89
C ASP F 136 46.48 -29.02 -15.90
N PHE F 137 46.59 -28.67 -17.17
CA PHE F 137 46.75 -29.69 -18.20
C PHE F 137 47.40 -29.09 -19.43
N VAL F 138 47.85 -29.98 -20.32
CA VAL F 138 48.37 -29.60 -21.63
C VAL F 138 47.53 -30.34 -22.67
N GLY F 139 46.80 -29.59 -23.47
CA GLY F 139 45.94 -30.22 -24.46
C GLY F 139 45.13 -29.20 -25.21
N SER F 140 44.16 -29.69 -25.97
CA SER F 140 43.31 -28.82 -26.78
C SER F 140 42.29 -28.14 -25.89
N SER F 141 42.31 -26.81 -25.86
CA SER F 141 41.38 -26.08 -25.02
C SER F 141 39.95 -26.24 -25.50
N GLU F 142 39.73 -26.30 -26.82
CA GLU F 142 38.38 -26.41 -27.34
C GLU F 142 37.74 -27.72 -26.94
N ALA F 143 38.45 -28.83 -27.13
CA ALA F 143 37.89 -30.14 -26.82
C ALA F 143 37.61 -30.27 -25.33
N VAL F 144 38.53 -29.79 -24.48
CA VAL F 144 38.31 -29.87 -23.04
C VAL F 144 37.16 -28.97 -22.62
N GLU F 145 37.06 -27.78 -23.21
CA GLU F 145 35.90 -26.92 -22.94
C GLU F 145 34.61 -27.65 -23.24
N ILE F 146 34.52 -28.26 -24.43
CA ILE F 146 33.29 -28.91 -24.84
C ILE F 146 32.97 -30.07 -23.90
N LEU F 147 33.97 -30.90 -23.59
CA LEU F 147 33.74 -32.05 -22.75
C LEU F 147 33.30 -31.65 -21.36
N LEU F 148 33.96 -30.64 -20.77
CA LEU F 148 33.60 -30.25 -19.42
C LEU F 148 32.22 -29.59 -19.39
N ASN F 149 31.88 -28.83 -20.42
CA ASN F 149 30.60 -28.12 -20.39
C ASN F 149 29.42 -29.04 -20.70
N HIS F 150 29.60 -30.04 -21.57
CA HIS F 150 28.45 -30.78 -22.08
C HIS F 150 28.37 -32.21 -21.59
N ALA F 151 29.46 -32.83 -21.20
CA ALA F 151 29.40 -34.19 -20.70
C ALA F 151 28.91 -34.23 -19.26
N HIS F 152 28.51 -35.41 -18.82
CA HIS F 152 28.01 -35.59 -17.46
C HIS F 152 29.15 -36.03 -16.54
N VAL F 153 30.03 -35.09 -16.24
CA VAL F 153 31.19 -35.35 -15.41
C VAL F 153 31.23 -34.34 -14.27
N GLY F 154 31.63 -34.80 -13.10
CA GLY F 154 31.91 -33.94 -11.98
C GLY F 154 33.33 -34.14 -11.49
N VAL F 155 33.67 -33.42 -10.44
CA VAL F 155 34.99 -33.50 -9.82
C VAL F 155 34.83 -34.26 -8.52
N GLY F 156 35.39 -35.44 -8.45
CA GLY F 156 35.35 -36.19 -7.21
C GLY F 156 34.90 -37.62 -7.37
N TYR F 157 34.03 -38.06 -6.49
CA TYR F 157 33.61 -39.46 -6.46
C TYR F 157 32.12 -39.57 -6.69
N ASP F 158 31.75 -40.47 -7.59
CA ASP F 158 30.36 -40.85 -7.83
C ASP F 158 29.50 -39.62 -8.11
N TYR F 159 29.90 -38.86 -9.13
CA TYR F 159 29.03 -37.78 -9.59
C TYR F 159 27.83 -38.32 -10.34
N PHE F 160 27.95 -39.50 -10.94
CA PHE F 160 26.84 -40.04 -11.72
C PHE F 160 25.64 -40.30 -10.82
N SER F 161 25.85 -40.92 -9.67
CA SER F 161 24.72 -41.23 -8.81
C SER F 161 24.41 -40.10 -7.84
N ALA F 162 25.37 -39.71 -7.01
CA ALA F 162 25.12 -38.72 -5.98
C ALA F 162 25.16 -37.29 -6.46
N ALA F 163 25.71 -37.03 -7.65
CA ALA F 163 25.94 -35.67 -8.13
C ALA F 163 26.83 -34.88 -7.17
N ASN F 164 27.84 -35.54 -6.62
CA ASN F 164 28.88 -34.85 -5.88
C ASN F 164 29.84 -34.16 -6.84
N GLY F 165 30.33 -33.00 -6.44
CA GLY F 165 31.29 -32.30 -7.26
C GLY F 165 30.70 -31.67 -8.51
N GLU F 166 29.43 -31.32 -8.49
CA GLU F 166 28.85 -30.56 -9.59
C GLU F 166 29.58 -29.24 -9.75
N PHE F 167 29.87 -28.87 -10.99
CA PHE F 167 30.55 -27.60 -11.25
C PHE F 167 29.95 -26.94 -12.48
N ASN F 168 30.17 -25.63 -12.58
CA ASN F 168 29.78 -24.87 -13.75
C ASN F 168 30.75 -23.69 -13.90
N ASN F 169 30.51 -22.86 -14.91
CA ASN F 169 31.38 -21.73 -15.23
C ASN F 169 32.82 -22.19 -15.42
N VAL F 170 33.00 -23.16 -16.30
CA VAL F 170 34.33 -23.67 -16.60
C VAL F 170 35.13 -22.60 -17.32
N THR F 171 36.21 -22.16 -16.71
CA THR F 171 37.08 -21.13 -17.28
C THR F 171 38.44 -21.76 -17.57
N ILE F 172 38.91 -21.60 -18.80
CA ILE F 172 40.23 -22.10 -19.19
C ILE F 172 41.08 -20.91 -19.58
N LEU F 173 42.25 -20.80 -18.96
CA LEU F 173 43.15 -19.71 -19.23
C LEU F 173 44.56 -20.24 -19.47
N PRO F 174 45.25 -19.76 -20.51
CA PRO F 174 46.54 -20.35 -20.86
C PRO F 174 47.60 -20.07 -19.81
N LEU F 175 48.54 -20.98 -19.71
CA LEU F 175 49.65 -20.88 -18.77
C LEU F 175 50.95 -20.64 -19.52
N ASP F 176 51.98 -20.30 -18.76
CA ASP F 176 53.33 -20.09 -19.29
C ASP F 176 54.22 -21.30 -19.10
N ILE F 177 54.09 -21.99 -17.98
CA ILE F 177 54.92 -23.14 -17.65
C ILE F 177 54.02 -24.34 -17.43
N ASP F 178 54.41 -25.49 -17.97
CA ASP F 178 53.68 -26.72 -17.76
C ASP F 178 53.78 -27.11 -16.29
N THR F 179 52.70 -26.92 -15.55
CA THR F 179 52.61 -27.31 -14.14
C THR F 179 51.60 -28.44 -13.97
N SER F 180 51.62 -29.40 -14.89
CA SER F 180 50.67 -30.50 -14.89
C SER F 180 51.19 -31.76 -14.21
N ILE F 181 52.50 -31.96 -14.17
CA ILE F 181 53.09 -33.14 -13.57
C ILE F 181 54.03 -32.79 -12.41
N SER F 182 54.94 -31.85 -12.63
CA SER F 182 55.91 -31.50 -11.62
C SER F 182 55.92 -30.00 -11.39
N ASN F 183 56.30 -29.61 -10.17
CA ASN F 183 56.48 -28.20 -9.84
C ASN F 183 57.43 -28.12 -8.66
N GLU F 184 58.63 -27.58 -8.89
CA GLU F 184 59.66 -27.47 -7.86
C GLU F 184 59.94 -28.82 -7.20
N GLY F 185 59.92 -29.87 -8.02
CA GLY F 185 60.31 -31.19 -7.56
C GLY F 185 59.23 -31.98 -6.87
N MET F 186 58.06 -31.42 -6.66
CA MET F 186 56.96 -32.12 -6.00
C MET F 186 55.95 -32.55 -7.04
N ALA F 187 55.53 -33.81 -6.97
CA ALA F 187 54.57 -34.34 -7.93
C ALA F 187 53.22 -33.68 -7.74
N LEU F 188 52.63 -33.24 -8.84
CA LEU F 188 51.28 -32.68 -8.82
C LEU F 188 50.24 -33.66 -9.32
N ARG F 189 50.61 -34.92 -9.52
CA ARG F 189 49.67 -35.94 -9.98
C ARG F 189 50.27 -37.31 -9.67
N PRO F 190 49.46 -38.35 -9.64
CA PRO F 190 50.01 -39.70 -9.47
C PRO F 190 51.04 -40.02 -10.55
N VAL F 191 52.29 -40.16 -10.12
CA VAL F 191 53.40 -40.45 -11.02
C VAL F 191 54.14 -41.67 -10.51
N PRO F 192 54.88 -42.35 -11.37
CA PRO F 192 55.67 -43.51 -10.92
C PRO F 192 56.67 -43.10 -9.86
N VAL F 193 56.93 -44.03 -8.94
CA VAL F 193 57.82 -43.75 -7.81
C VAL F 193 59.23 -43.48 -8.30
N ASN F 194 59.63 -44.10 -9.41
CA ASN F 194 60.99 -43.93 -9.93
C ASN F 194 61.18 -42.61 -10.66
N SER F 195 60.14 -41.78 -10.75
CA SER F 195 60.26 -40.51 -11.44
C SER F 195 61.13 -39.51 -10.69
N GLY F 196 61.43 -39.78 -9.43
CA GLY F 196 62.21 -38.86 -8.63
C GLY F 196 61.42 -37.73 -8.02
N LEU F 197 60.11 -37.75 -8.15
CA LEU F 197 59.25 -36.69 -7.62
C LEU F 197 58.86 -36.98 -6.18
N ASN F 198 58.69 -35.92 -5.41
CA ASN F 198 58.29 -36.03 -4.02
C ASN F 198 56.78 -36.00 -3.88
N GLY F 199 56.29 -36.67 -2.85
CA GLY F 199 54.87 -36.67 -2.57
C GLY F 199 54.51 -37.82 -1.67
N ILE F 200 53.21 -37.94 -1.41
CA ILE F 200 52.72 -39.04 -0.60
C ILE F 200 52.77 -40.32 -1.41
N LYS F 201 53.33 -41.37 -0.82
CA LYS F 201 53.41 -42.66 -1.49
C LYS F 201 52.05 -43.37 -1.44
N GLY F 202 51.81 -44.17 -2.46
CA GLY F 202 50.53 -44.87 -2.55
C GLY F 202 50.55 -45.85 -3.70
N VAL F 203 49.45 -46.58 -3.84
CA VAL F 203 49.29 -47.62 -4.84
C VAL F 203 48.07 -47.28 -5.68
N SER F 204 48.26 -47.13 -6.98
CA SER F 204 47.20 -46.68 -7.87
C SER F 204 47.66 -46.90 -9.31
N PRO F 205 46.73 -47.04 -10.25
CA PRO F 205 47.12 -47.04 -11.66
C PRO F 205 47.59 -45.67 -12.10
N LEU F 206 48.23 -45.63 -13.27
CA LEU F 206 48.77 -44.39 -13.78
C LEU F 206 47.89 -43.75 -14.85
N ILE F 207 47.08 -44.53 -15.55
CA ILE F 207 46.20 -44.00 -16.58
C ILE F 207 44.76 -44.35 -16.21
N PRO F 208 43.79 -43.56 -16.63
CA PRO F 208 42.40 -43.87 -16.32
C PRO F 208 41.93 -45.09 -17.07
N PRO F 209 40.85 -45.73 -16.63
CA PRO F 209 40.07 -45.44 -15.43
C PRO F 209 40.85 -45.94 -14.24
N TYR F 210 40.86 -45.19 -13.15
CA TYR F 210 41.78 -45.51 -12.08
C TYR F 210 41.32 -46.68 -11.22
N PHE F 211 40.13 -47.20 -11.45
CA PHE F 211 39.67 -48.39 -10.74
C PHE F 211 39.99 -49.67 -11.48
N VAL F 212 40.60 -49.59 -12.66
CA VAL F 212 40.88 -50.74 -13.51
C VAL F 212 42.37 -50.79 -13.80
N GLY F 213 42.95 -51.97 -13.63
CA GLY F 213 44.33 -52.22 -13.98
C GLY F 213 45.19 -52.51 -12.76
N GLU F 214 46.39 -53.01 -13.04
CA GLU F 214 47.32 -53.29 -11.96
C GLU F 214 47.73 -52.01 -11.28
N LYS F 215 47.86 -52.07 -9.96
CA LYS F 215 48.09 -50.89 -9.14
C LYS F 215 49.56 -50.85 -8.76
N LEU F 216 50.30 -49.93 -9.37
CA LEU F 216 51.73 -49.82 -9.12
C LEU F 216 51.99 -48.86 -7.97
N ASN F 217 53.22 -48.91 -7.46
CA ASN F 217 53.64 -48.01 -6.38
C ASN F 217 53.89 -46.64 -6.98
N ILE F 218 53.03 -45.68 -6.63
CA ILE F 218 53.08 -44.34 -7.20
C ILE F 218 53.45 -43.33 -6.14
N VAL F 219 53.60 -42.08 -6.56
CA VAL F 219 53.83 -40.95 -5.68
C VAL F 219 52.84 -39.87 -6.07
N HIS F 220 51.97 -39.49 -5.14
CA HIS F 220 50.94 -38.51 -5.47
C HIS F 220 50.95 -37.37 -4.48
N PRO F 221 50.45 -36.20 -4.88
CA PRO F 221 50.41 -35.06 -3.96
C PRO F 221 49.36 -35.28 -2.88
N ALA F 222 49.34 -34.36 -1.93
CA ALA F 222 48.35 -34.43 -0.87
C ALA F 222 46.95 -34.36 -1.47
N PRO F 223 46.01 -35.17 -0.98
CA PRO F 223 44.67 -35.18 -1.57
C PRO F 223 43.98 -33.83 -1.53
N VAL F 224 44.14 -33.08 -0.45
CA VAL F 224 43.47 -31.79 -0.30
C VAL F 224 44.55 -30.72 -0.31
N ARG F 225 44.68 -30.02 -1.43
CA ARG F 225 45.54 -28.86 -1.56
C ARG F 225 44.68 -27.65 -1.87
N THR F 226 45.01 -26.51 -1.28
CA THR F 226 44.30 -25.28 -1.52
C THR F 226 45.25 -24.21 -2.03
N GLN F 227 44.76 -23.37 -2.93
CA GLN F 227 45.50 -22.22 -3.41
C GLN F 227 44.53 -21.05 -3.50
N LEU F 228 45.02 -19.85 -3.23
CA LEU F 228 44.17 -18.67 -3.32
C LEU F 228 43.74 -18.45 -4.75
N ILE F 229 42.48 -18.07 -4.93
CA ILE F 229 41.95 -17.89 -6.28
C ILE F 229 42.65 -16.74 -6.97
N SER F 230 43.10 -15.74 -6.21
CA SER F 230 43.85 -14.64 -6.82
C SER F 230 45.15 -15.14 -7.40
N SER F 231 45.84 -16.03 -6.69
CA SER F 231 47.09 -16.57 -7.18
C SER F 231 46.90 -17.61 -8.28
N LEU F 232 45.72 -18.21 -8.38
CA LEU F 232 45.45 -19.13 -9.48
C LEU F 232 45.23 -18.38 -10.79
N LEU F 233 44.51 -17.26 -10.73
CA LEU F 233 44.22 -16.48 -11.92
C LEU F 233 45.44 -15.76 -12.47
N ARG F 234 46.54 -15.72 -11.71
CA ARG F 234 47.72 -15.00 -12.17
C ARG F 234 48.28 -15.63 -13.44
N GLY F 235 48.31 -16.95 -13.51
CA GLY F 235 48.79 -17.65 -14.69
C GLY F 235 50.29 -17.52 -14.88
N MET G 1 45.63 -66.11 7.63
CA MET G 1 47.03 -66.03 8.05
C MET G 1 47.51 -64.58 8.15
N ASN G 2 48.01 -64.06 7.03
CA ASN G 2 48.54 -62.70 6.99
C ASN G 2 47.41 -61.68 6.84
N HIS G 3 46.46 -61.75 7.78
CA HIS G 3 45.31 -60.86 7.77
C HIS G 3 45.19 -60.17 9.12
N PRO G 4 44.72 -58.93 9.14
CA PRO G 4 44.64 -58.20 10.42
C PRO G 4 43.80 -58.90 11.47
N VAL G 5 42.79 -59.66 11.07
CA VAL G 5 41.92 -60.32 12.04
C VAL G 5 42.69 -61.38 12.80
N GLU G 6 43.62 -62.08 12.15
CA GLU G 6 44.42 -63.08 12.83
C GLU G 6 45.21 -62.47 13.98
N SER G 7 45.78 -61.29 13.76
CA SER G 7 46.53 -60.61 14.81
C SER G 7 45.63 -60.27 16.00
N VAL G 8 44.42 -59.77 15.72
CA VAL G 8 43.48 -59.48 16.80
C VAL G 8 43.12 -60.76 17.53
N TYR G 9 42.86 -61.83 16.79
CA TYR G 9 42.50 -63.10 17.40
C TYR G 9 43.59 -63.54 18.36
N SER G 10 44.82 -63.63 17.87
CA SER G 10 45.93 -64.14 18.67
C SER G 10 46.19 -63.26 19.88
N ALA G 11 46.16 -61.94 19.70
CA ALA G 11 46.49 -61.07 20.82
C ALA G 11 45.39 -61.01 21.86
N LEU G 12 44.13 -60.93 21.43
CA LEU G 12 43.03 -60.61 22.34
C LEU G 12 41.97 -61.69 22.43
N THR G 13 41.48 -62.19 21.30
CA THR G 13 40.26 -62.98 21.32
C THR G 13 40.53 -64.47 21.19
N SER G 14 41.77 -64.91 21.42
CA SER G 14 42.05 -66.33 21.55
C SER G 14 41.76 -66.83 22.94
N ILE G 15 41.35 -65.96 23.86
CA ILE G 15 41.07 -66.38 25.22
C ILE G 15 39.87 -67.31 25.27
N LEU G 16 38.87 -67.06 24.43
CA LEU G 16 37.70 -67.91 24.36
C LEU G 16 37.83 -69.00 23.30
N LEU G 17 39.05 -69.39 22.97
CA LEU G 17 39.25 -70.57 22.15
C LEU G 17 38.64 -71.83 22.74
N PRO G 18 38.76 -72.11 24.05
CA PRO G 18 38.16 -73.35 24.58
C PRO G 18 36.67 -73.47 24.34
N TYR G 19 35.94 -72.35 24.27
CA TYR G 19 34.50 -72.38 24.13
C TYR G 19 34.03 -72.33 22.68
N MET G 20 34.94 -72.30 21.72
CA MET G 20 34.54 -72.12 20.33
C MET G 20 33.90 -73.38 19.76
N GLY G 21 34.47 -74.54 20.05
CA GLY G 21 34.02 -75.78 19.46
C GLY G 21 34.84 -76.17 18.24
N GLU G 22 34.52 -77.34 17.71
CA GLU G 22 35.37 -77.76 16.61
C GLU G 22 34.85 -77.24 15.28
N PRO G 23 35.76 -76.97 14.35
CA PRO G 23 35.35 -76.46 13.04
C PRO G 23 34.73 -77.55 12.18
N VAL G 24 34.25 -77.12 11.03
CA VAL G 24 33.65 -78.00 10.03
C VAL G 24 34.33 -77.72 8.70
N PRO G 25 34.59 -78.73 7.87
CA PRO G 25 35.12 -78.44 6.52
C PRO G 25 34.11 -77.64 5.71
N VAL G 26 34.59 -76.55 5.11
CA VAL G 26 33.76 -75.61 4.39
C VAL G 26 34.35 -75.38 3.01
N GLN G 27 33.51 -74.86 2.11
CA GLN G 27 33.89 -74.69 0.71
C GLN G 27 33.63 -73.29 0.18
N ARG G 28 33.35 -72.32 1.04
CA ARG G 28 33.10 -70.95 0.60
C ARG G 28 33.90 -69.98 1.46
N ASN G 29 34.02 -68.75 0.98
CA ASN G 29 34.78 -67.71 1.67
C ASN G 29 34.17 -67.42 3.04
N CYS G 30 34.98 -66.81 3.90
CA CYS G 30 34.48 -66.28 5.16
C CYS G 30 33.75 -64.98 4.86
N SER G 31 32.42 -64.99 4.95
CA SER G 31 31.66 -63.78 4.71
C SER G 31 32.03 -62.67 5.69
N CYS G 32 32.56 -63.03 6.86
CA CYS G 32 32.95 -62.01 7.83
C CYS G 32 34.17 -61.24 7.37
N CYS G 33 35.21 -61.94 6.91
CA CYS G 33 36.43 -61.27 6.46
C CYS G 33 36.62 -61.27 4.97
N GLY G 34 36.04 -62.22 4.24
CA GLY G 34 36.15 -62.25 2.81
C GLY G 34 37.42 -62.87 2.26
N ARG G 35 38.32 -63.33 3.11
CA ARG G 35 39.57 -63.88 2.60
C ARG G 35 39.32 -65.27 2.00
N ALA G 36 40.27 -65.70 1.18
CA ALA G 36 40.11 -66.95 0.44
C ALA G 36 40.19 -68.15 1.37
N PRO G 37 39.61 -69.29 0.96
CA PRO G 37 39.68 -70.48 1.80
C PRO G 37 41.09 -71.04 1.94
N SER G 38 42.02 -70.65 1.06
CA SER G 38 43.36 -71.21 1.08
C SER G 38 44.13 -70.83 2.34
N GLU G 39 43.66 -69.84 3.10
CA GLU G 39 44.25 -69.50 4.38
C GLU G 39 43.37 -69.93 5.55
N PHE G 40 42.50 -70.92 5.34
CA PHE G 40 41.77 -71.56 6.42
C PHE G 40 42.22 -72.98 6.67
N ASP G 41 43.00 -73.57 5.76
CA ASP G 41 43.27 -75.00 5.73
C ASP G 41 42.00 -75.83 5.61
N GLY G 42 40.93 -75.22 5.09
CA GLY G 42 39.70 -75.92 4.80
C GLY G 42 38.71 -76.04 5.94
N VAL G 43 39.03 -75.48 7.11
CA VAL G 43 38.17 -75.61 8.28
C VAL G 43 37.58 -74.24 8.61
N GLY G 44 36.32 -74.26 9.05
CA GLY G 44 35.61 -73.04 9.40
C GLY G 44 34.39 -73.40 10.21
N PHE G 45 33.67 -72.36 10.65
CA PHE G 45 32.50 -72.52 11.49
C PHE G 45 31.26 -72.09 10.72
N GLU G 46 30.20 -72.88 10.83
CA GLU G 46 28.93 -72.59 10.19
C GLU G 46 28.00 -71.96 11.21
N LEU G 47 27.50 -70.77 10.90
CA LEU G 47 26.75 -69.99 11.85
C LEU G 47 25.48 -69.44 11.20
N VAL G 48 24.45 -69.26 12.02
CA VAL G 48 23.19 -68.64 11.59
C VAL G 48 22.96 -67.43 12.47
N ASN G 49 22.98 -66.24 11.87
CA ASN G 49 22.73 -65.02 12.61
C ASN G 49 21.23 -64.84 12.82
N ALA G 50 20.87 -63.80 13.57
CA ALA G 50 19.46 -63.56 13.87
C ALA G 50 18.64 -63.23 12.64
N TYR G 51 19.30 -62.92 11.52
CA TYR G 51 18.66 -62.67 10.25
C TYR G 51 18.49 -63.94 9.43
N ARG G 52 18.86 -65.09 9.99
CA ARG G 52 18.66 -66.39 9.34
C ARG G 52 19.46 -66.48 8.04
N GLU G 53 20.76 -66.22 8.15
CA GLU G 53 21.69 -66.32 7.04
C GLU G 53 22.75 -67.36 7.37
N ARG G 54 23.09 -68.19 6.39
CA ARG G 54 24.13 -69.19 6.55
C ARG G 54 25.47 -68.54 6.22
N VAL G 55 26.22 -68.16 7.25
CA VAL G 55 27.52 -67.50 7.08
C VAL G 55 28.61 -68.45 7.55
N VAL G 56 29.69 -68.52 6.78
CA VAL G 56 30.86 -69.31 7.11
C VAL G 56 31.90 -68.39 7.73
N HIS G 57 32.45 -68.81 8.86
CA HIS G 57 33.44 -68.02 9.57
C HIS G 57 34.71 -68.82 9.76
N CYS G 58 35.86 -68.16 9.61
CA CYS G 58 37.11 -68.78 10.01
C CYS G 58 37.24 -68.72 11.53
N ARG G 59 38.28 -69.37 12.04
CA ARG G 59 38.51 -69.33 13.48
C ARG G 59 38.70 -67.92 14.01
N PRO G 60 39.53 -67.05 13.41
CA PRO G 60 39.66 -65.70 13.96
C PRO G 60 38.37 -64.90 13.94
N CYS G 61 37.56 -65.04 12.90
CA CYS G 61 36.32 -64.27 12.81
C CYS G 61 35.23 -64.85 13.71
N GLN G 62 35.32 -66.13 14.05
CA GLN G 62 34.31 -66.75 14.89
C GLN G 62 34.35 -66.26 16.33
N THR G 63 35.52 -65.82 16.82
CA THR G 63 35.63 -65.42 18.22
C THR G 63 34.74 -64.22 18.54
N PHE G 64 34.36 -63.44 17.53
CA PHE G 64 33.44 -62.33 17.75
C PHE G 64 32.00 -62.79 17.96
N PHE G 65 31.68 -64.03 17.65
CA PHE G 65 30.31 -64.53 17.75
C PHE G 65 30.14 -65.63 18.80
N VAL G 66 31.12 -65.81 19.69
CA VAL G 66 31.11 -66.90 20.65
C VAL G 66 30.66 -66.37 22.00
N SER G 67 29.67 -67.03 22.60
CA SER G 67 29.16 -66.67 23.91
C SER G 67 29.82 -67.56 24.96
N ALA G 68 30.53 -66.93 25.89
CA ALA G 68 31.15 -67.63 27.02
C ALA G 68 30.79 -66.86 28.29
N PRO G 69 29.57 -67.05 28.80
CA PRO G 69 29.13 -66.27 29.97
C PRO G 69 29.99 -66.45 31.20
N GLU G 70 30.60 -67.62 31.38
CA GLU G 70 31.44 -67.83 32.55
C GLU G 70 32.78 -67.11 32.44
N LEU G 71 33.16 -66.65 31.24
CA LEU G 71 34.39 -65.92 31.03
C LEU G 71 34.19 -64.44 30.80
N MET G 72 33.14 -64.05 30.08
CA MET G 72 32.95 -62.68 29.66
C MET G 72 31.77 -62.00 30.35
N GLY G 73 31.27 -62.58 31.42
CA GLY G 73 30.14 -61.97 32.08
C GLY G 73 28.87 -62.14 31.26
N VAL G 74 27.88 -61.31 31.58
CA VAL G 74 26.62 -61.25 30.83
C VAL G 74 26.26 -59.79 30.63
N GLU G 75 25.79 -59.47 29.43
CA GLU G 75 25.52 -58.07 29.11
C GLU G 75 24.09 -57.66 29.38
N ASN G 76 23.13 -58.56 29.21
CA ASN G 76 21.72 -58.25 29.44
C ASN G 76 21.14 -59.29 30.38
N PRO G 77 20.71 -58.89 31.59
CA PRO G 77 20.17 -59.87 32.54
C PRO G 77 18.92 -60.58 32.04
N LYS G 78 18.20 -60.00 31.08
CA LYS G 78 17.04 -60.68 30.53
C LYS G 78 17.41 -61.94 29.79
N LYS G 79 18.68 -62.06 29.36
CA LYS G 79 19.19 -63.25 28.67
C LYS G 79 20.38 -63.75 29.48
N PRO G 80 20.14 -64.52 30.53
CA PRO G 80 21.22 -64.85 31.47
C PRO G 80 22.33 -65.69 30.88
N THR G 81 22.05 -66.49 29.86
CA THR G 81 23.03 -67.47 29.39
C THR G 81 23.87 -66.99 28.22
N THR G 82 23.72 -65.75 27.78
CA THR G 82 24.45 -65.23 26.64
C THR G 82 25.45 -64.19 27.12
N GLY G 83 26.73 -64.51 27.00
CA GLY G 83 27.75 -63.64 27.52
C GLY G 83 28.06 -62.48 26.61
N GLN G 84 28.86 -61.56 27.12
CA GLN G 84 29.33 -60.44 26.32
C GLN G 84 30.20 -60.95 25.18
N LYS G 85 29.99 -60.40 24.00
CA LYS G 85 30.72 -60.80 22.81
C LYS G 85 31.57 -59.65 22.31
N PHE G 86 32.71 -59.98 21.72
CA PHE G 86 33.48 -58.96 21.03
C PHE G 86 32.72 -58.40 19.84
N GLY G 87 31.81 -59.19 19.27
CA GLY G 87 31.00 -58.76 18.17
C GLY G 87 29.78 -57.93 18.54
N MET G 88 29.58 -57.66 19.83
CA MET G 88 28.45 -56.86 20.27
C MET G 88 28.87 -55.82 21.30
N TRP G 89 30.17 -55.52 21.38
CA TRP G 89 30.69 -54.64 22.43
C TRP G 89 30.80 -53.21 21.91
N SER G 90 29.69 -52.50 22.00
CA SER G 90 29.69 -51.08 21.68
C SER G 90 30.37 -50.31 22.81
N GLY G 91 31.28 -49.42 22.44
CA GLY G 91 31.96 -48.61 23.42
C GLY G 91 33.25 -49.19 23.95
N VAL G 92 33.63 -50.38 23.52
CA VAL G 92 34.82 -51.05 24.01
C VAL G 92 35.87 -51.00 22.92
N GLY G 93 37.07 -50.52 23.26
CA GLY G 93 38.19 -50.48 22.35
C GLY G 93 39.31 -51.40 22.78
N ALA G 94 40.34 -51.46 21.94
CA ALA G 94 41.48 -52.30 22.22
C ALA G 94 42.69 -51.81 21.44
N VAL G 95 43.83 -51.70 22.10
CA VAL G 95 45.10 -51.46 21.44
C VAL G 95 45.88 -52.77 21.48
N ILE G 96 46.24 -53.26 20.30
CA ILE G 96 46.81 -54.59 20.15
C ILE G 96 48.24 -54.46 19.67
N ASN G 97 49.19 -55.01 20.42
CA ASN G 97 50.59 -55.03 20.02
C ASN G 97 50.84 -56.32 19.24
N VAL G 98 51.10 -56.18 17.94
CA VAL G 98 51.16 -57.35 17.07
C VAL G 98 52.40 -58.18 17.36
N GLU G 99 53.56 -57.53 17.52
CA GLU G 99 54.79 -58.28 17.74
C GLU G 99 54.78 -58.97 19.10
N ASP G 100 54.47 -58.22 20.16
CA ASP G 100 54.41 -58.81 21.49
C ASP G 100 53.21 -59.74 21.65
N ASN G 101 52.26 -59.71 20.71
CA ASN G 101 51.08 -60.58 20.75
C ASN G 101 50.29 -60.37 22.03
N SER G 102 50.24 -59.12 22.49
CA SER G 102 49.49 -58.77 23.69
C SER G 102 48.51 -57.66 23.35
N SER G 103 47.42 -57.60 24.10
CA SER G 103 46.33 -56.69 23.83
C SER G 103 45.92 -55.97 25.10
N VAL G 104 45.31 -54.80 24.93
CA VAL G 104 44.87 -53.95 26.03
C VAL G 104 43.45 -53.52 25.74
N LEU G 105 42.49 -54.04 26.50
CA LEU G 105 41.10 -53.64 26.32
C LEU G 105 40.86 -52.28 26.95
N LEU G 106 40.11 -51.43 26.26
CA LEU G 106 39.70 -50.14 26.77
C LEU G 106 38.18 -50.20 26.98
N ALA G 107 37.78 -50.66 28.14
CA ALA G 107 36.37 -50.82 28.39
C ALA G 107 35.87 -49.74 29.36
N PRO G 108 34.62 -49.33 29.24
CA PRO G 108 34.06 -48.38 30.20
C PRO G 108 33.77 -49.07 31.53
N GLN G 109 33.35 -48.27 32.50
CA GLN G 109 33.19 -48.79 33.86
C GLN G 109 32.11 -49.86 33.93
N GLY G 110 31.00 -49.68 33.21
CA GLY G 110 29.94 -50.66 33.26
C GLY G 110 30.37 -52.02 32.73
N VAL G 111 31.07 -52.02 31.60
CA VAL G 111 31.55 -53.28 31.04
C VAL G 111 32.58 -53.91 31.95
N VAL G 112 33.45 -53.11 32.56
CA VAL G 112 34.41 -53.66 33.51
C VAL G 112 33.70 -54.32 34.68
N ASN G 113 32.66 -53.67 35.20
CA ASN G 113 31.90 -54.26 36.28
C ASN G 113 31.29 -55.59 35.87
N LYS G 114 30.75 -55.66 34.65
CA LYS G 114 30.17 -56.91 34.18
C LYS G 114 31.21 -58.01 34.00
N LEU G 115 32.48 -57.66 33.89
CA LEU G 115 33.51 -58.66 33.61
C LEU G 115 33.80 -59.50 34.85
N PRO G 116 33.86 -60.82 34.74
CA PRO G 116 34.19 -61.66 35.90
C PRO G 116 35.65 -61.53 36.30
N GLU G 117 36.03 -62.19 37.39
CA GLU G 117 37.42 -62.12 37.86
C GLU G 117 38.35 -62.86 36.90
N HIS G 118 37.92 -64.00 36.37
CA HIS G 118 38.78 -64.80 35.50
C HIS G 118 39.21 -64.05 34.25
N PHE G 119 38.45 -63.04 33.84
CA PHE G 119 38.79 -62.32 32.61
C PHE G 119 40.12 -61.58 32.75
N PHE G 120 40.34 -60.92 33.89
CA PHE G 120 41.49 -60.04 34.03
C PHE G 120 42.82 -60.78 34.04
N ASP G 121 42.81 -62.09 34.30
CA ASP G 121 44.06 -62.83 34.22
C ASP G 121 44.51 -63.03 32.79
N HIS G 122 43.58 -63.04 31.84
CA HIS G 122 43.90 -63.26 30.44
C HIS G 122 44.11 -61.97 29.67
N VAL G 123 43.32 -60.94 29.95
CA VAL G 123 43.35 -59.70 29.19
C VAL G 123 43.53 -58.53 30.15
N GLU G 124 44.50 -57.67 29.85
CA GLU G 124 44.67 -56.44 30.62
C GLU G 124 43.55 -55.48 30.22
N VAL G 125 42.84 -54.96 31.23
CA VAL G 125 41.68 -54.11 31.00
C VAL G 125 41.97 -52.74 31.58
N ILE G 126 41.70 -51.70 30.80
CA ILE G 126 41.84 -50.31 31.23
C ILE G 126 40.47 -49.68 31.27
N THR G 127 40.15 -49.03 32.38
CA THR G 127 38.86 -48.36 32.53
C THR G 127 38.92 -47.04 31.78
N ALA G 128 38.28 -46.99 30.61
CA ALA G 128 38.29 -45.77 29.82
C ALA G 128 37.10 -45.77 28.87
N THR G 129 36.32 -44.70 28.91
CA THR G 129 35.16 -44.59 28.03
C THR G 129 35.61 -44.34 26.59
N SER G 130 34.64 -44.21 25.70
CA SER G 130 34.96 -43.95 24.30
C SER G 130 35.71 -42.63 24.13
N GLY G 131 35.34 -41.62 24.91
CA GLY G 131 36.03 -40.34 24.83
C GLY G 131 37.41 -40.34 25.43
N GLN G 132 37.72 -41.30 26.29
CA GLN G 132 39.00 -41.37 26.97
C GLN G 132 40.02 -42.21 26.22
N HIS G 133 39.67 -42.75 25.06
CA HIS G 133 40.65 -43.50 24.27
C HIS G 133 41.81 -42.62 23.85
N LEU G 134 41.53 -41.38 23.47
CA LEU G 134 42.57 -40.48 23.01
C LEU G 134 43.59 -40.21 24.10
N GLU G 135 43.13 -40.07 25.34
CA GLU G 135 44.05 -39.91 26.45
C GLU G 135 45.00 -41.10 26.55
N TYR G 136 44.46 -42.32 26.44
CA TYR G 136 45.30 -43.51 26.55
C TYR G 136 46.31 -43.58 25.42
N LEU G 137 45.89 -43.27 24.20
CA LEU G 137 46.82 -43.28 23.07
C LEU G 137 47.90 -42.22 23.24
N PHE G 138 47.52 -41.03 23.71
CA PHE G 138 48.47 -39.95 23.87
C PHE G 138 49.52 -40.29 24.92
N ASN G 139 49.08 -40.68 26.12
CA ASN G 139 50.00 -40.81 27.24
C ASN G 139 50.86 -42.07 27.13
N THR G 140 50.31 -43.17 26.64
CA THR G 140 51.02 -44.43 26.65
C THR G 140 52.13 -44.45 25.60
N GLU G 141 53.27 -45.02 25.97
CA GLU G 141 54.36 -45.28 25.03
C GLU G 141 53.93 -46.45 24.14
N LEU G 142 53.40 -46.12 22.98
CA LEU G 142 52.86 -47.14 22.09
C LEU G 142 53.98 -47.94 21.44
N LYS G 143 53.69 -49.22 21.18
CA LYS G 143 54.61 -50.11 20.48
C LYS G 143 54.00 -50.47 19.14
N PHE G 144 54.77 -50.28 18.08
CA PHE G 144 54.28 -50.51 16.74
C PHE G 144 54.96 -51.72 16.12
N PRO G 145 54.32 -52.39 15.15
CA PRO G 145 53.00 -52.13 14.56
C PRO G 145 51.88 -52.49 15.51
N LEU G 146 50.77 -51.77 15.49
CA LEU G 146 49.67 -52.04 16.40
C LEU G 146 48.36 -51.96 15.63
N ILE G 147 47.35 -52.67 16.14
CA ILE G 147 45.98 -52.57 15.66
C ILE G 147 45.18 -51.90 16.75
N TYR G 148 44.62 -50.75 16.45
CA TYR G 148 43.84 -49.99 17.42
C TYR G 148 42.38 -50.05 17.01
N ILE G 149 41.59 -50.82 17.75
CA ILE G 149 40.15 -50.93 17.51
C ILE G 149 39.46 -49.89 18.37
N GLN G 150 38.81 -48.92 17.72
CA GLN G 150 38.21 -47.82 18.47
C GLN G 150 36.88 -48.22 19.07
N ASN G 151 36.12 -49.07 18.39
CA ASN G 151 34.79 -49.45 18.83
C ASN G 151 34.45 -50.78 18.19
N PHE G 152 34.34 -51.83 19.00
CA PHE G 152 34.01 -53.14 18.44
C PHE G 152 32.66 -53.10 17.74
N GLY G 153 31.69 -52.42 18.31
CA GLY G 153 30.44 -52.21 17.62
C GLY G 153 29.63 -53.48 17.47
N VAL G 154 28.49 -53.34 16.79
CA VAL G 154 27.61 -54.47 16.59
C VAL G 154 27.75 -55.00 15.18
N LYS G 155 28.17 -54.16 14.25
CA LYS G 155 28.34 -54.57 12.85
C LYS G 155 29.73 -55.19 12.71
N THR G 156 29.80 -56.49 13.03
CA THR G 156 31.08 -57.18 13.01
C THR G 156 31.68 -57.22 11.62
N TYR G 157 30.87 -57.56 10.62
CA TYR G 157 31.40 -57.76 9.27
C TYR G 157 32.12 -56.52 8.78
N GLU G 158 31.58 -55.34 9.07
CA GLU G 158 32.23 -54.10 8.65
C GLU G 158 33.43 -53.77 9.51
N LEU G 159 33.42 -54.18 10.78
CA LEU G 159 34.61 -54.03 11.61
C LEU G 159 35.75 -54.89 11.10
N VAL G 160 35.44 -56.14 10.78
CA VAL G 160 36.46 -57.09 10.35
C VAL G 160 37.08 -56.66 9.04
N ARG G 161 36.28 -56.17 8.10
CA ARG G 161 36.84 -55.70 6.84
C ARG G 161 37.62 -54.40 7.00
N SER G 162 37.39 -53.66 8.09
CA SER G 162 38.03 -52.37 8.29
C SER G 162 39.29 -52.43 9.15
N LEU G 163 39.68 -53.61 9.62
CA LEU G 163 40.85 -53.71 10.48
C LEU G 163 42.11 -53.44 9.67
N ARG G 164 42.96 -52.54 10.19
CA ARG G 164 44.20 -52.20 9.52
C ARG G 164 45.29 -52.03 10.57
N VAL G 165 46.52 -52.33 10.18
CA VAL G 165 47.66 -52.31 11.08
C VAL G 165 48.35 -50.96 10.99
N SER G 166 48.58 -50.33 12.14
CA SER G 166 49.25 -49.04 12.20
C SER G 166 50.75 -49.24 12.32
N LEU G 167 51.49 -48.84 11.31
CA LEU G 167 52.93 -49.07 11.28
C LEU G 167 53.73 -48.01 12.02
N SER G 168 53.19 -46.82 12.23
CA SER G 168 53.92 -45.76 12.89
C SER G 168 52.94 -44.75 13.44
N ALA G 169 53.46 -43.83 14.26
CA ALA G 169 52.63 -42.79 14.84
C ALA G 169 52.11 -41.80 13.81
N ASP G 170 52.66 -41.81 12.60
CA ASP G 170 52.17 -40.92 11.56
C ASP G 170 50.73 -41.26 11.18
N ALA G 171 50.42 -42.54 11.10
CA ALA G 171 49.09 -42.98 10.66
C ALA G 171 48.61 -44.09 11.58
N ILE G 172 47.82 -43.72 12.59
CA ILE G 172 47.14 -44.70 13.44
C ILE G 172 45.72 -44.82 12.91
N TYR G 173 45.36 -46.02 12.46
CA TYR G 173 44.07 -46.25 11.84
C TYR G 173 43.09 -46.64 12.94
N THR G 174 42.15 -45.75 13.24
CA THR G 174 41.13 -46.05 14.23
C THR G 174 40.09 -46.95 13.57
N CYS G 175 39.91 -48.14 14.10
CA CYS G 175 39.07 -49.15 13.49
C CYS G 175 37.74 -49.21 14.24
N ALA G 176 36.65 -49.11 13.49
CA ALA G 176 35.34 -49.18 14.12
C ALA G 176 34.42 -50.10 13.33
N ASP G 177 33.15 -50.16 13.72
CA ASP G 177 32.18 -51.00 13.03
C ASP G 177 31.65 -50.35 11.76
N GLN G 178 32.24 -49.24 11.33
CA GLN G 178 31.90 -48.59 10.07
C GLN G 178 32.86 -49.04 8.99
N LEU G 179 32.30 -49.31 7.81
CA LEU G 179 33.11 -49.89 6.75
C LEU G 179 34.13 -48.89 6.25
N LEU G 180 35.37 -49.34 6.10
CA LEU G 180 36.48 -48.44 5.77
C LEU G 180 36.74 -48.46 4.26
N THR G 181 35.96 -47.65 3.57
CA THR G 181 36.19 -47.40 2.16
C THR G 181 37.30 -46.36 1.99
N ARG G 182 37.78 -46.23 0.75
CA ARG G 182 38.78 -45.20 0.48
C ARG G 182 38.21 -43.80 0.52
N GLN G 183 36.89 -43.64 0.38
CA GLN G 183 36.32 -42.31 0.41
C GLN G 183 36.24 -41.74 1.82
N ASN G 184 36.16 -42.60 2.83
CA ASN G 184 36.07 -42.15 4.22
C ASN G 184 37.26 -42.61 5.04
N GLU G 185 38.42 -42.81 4.43
CA GLU G 185 39.57 -43.19 5.21
C GLU G 185 40.20 -41.99 5.92
N VAL G 186 39.80 -40.78 5.57
CA VAL G 186 40.34 -39.61 6.25
C VAL G 186 39.80 -39.52 7.67
N LEU G 187 38.56 -39.98 7.90
CA LEU G 187 37.99 -39.93 9.23
C LEU G 187 38.60 -40.95 10.17
N TYR G 188 39.17 -42.03 9.64
CA TYR G 188 39.65 -43.14 10.45
C TYR G 188 41.16 -43.23 10.42
N MET G 189 41.82 -42.09 10.30
CA MET G 189 43.27 -41.99 10.42
C MET G 189 43.59 -40.89 11.40
N LEU G 190 44.52 -41.15 12.31
CA LEU G 190 44.89 -40.19 13.35
C LEU G 190 46.38 -39.92 13.23
N ASP G 191 46.72 -38.66 12.97
CA ASP G 191 48.12 -38.24 12.89
C ASP G 191 48.59 -37.90 14.29
N LEU G 192 48.96 -38.95 15.03
CA LEU G 192 49.34 -38.77 16.43
C LEU G 192 50.61 -37.97 16.56
N LYS G 193 51.59 -38.18 15.67
CA LYS G 193 52.84 -37.46 15.78
C LYS G 193 52.63 -35.95 15.62
N LYS G 194 51.84 -35.56 14.63
CA LYS G 194 51.59 -34.14 14.42
C LYS G 194 50.75 -33.55 15.54
N ALA G 195 49.79 -34.32 16.06
CA ALA G 195 49.01 -33.86 17.19
C ALA G 195 49.88 -33.65 18.42
N LYS G 196 50.82 -34.57 18.66
CA LYS G 196 51.72 -34.40 19.80
C LYS G 196 52.66 -33.22 19.59
N GLU G 197 53.11 -33.01 18.35
CA GLU G 197 53.94 -31.83 18.07
C GLU G 197 53.17 -30.55 18.32
N LEU G 198 51.91 -30.49 17.88
CA LEU G 198 51.09 -29.31 18.11
C LEU G 198 50.82 -29.11 19.59
N HIS G 199 50.56 -30.19 20.33
CA HIS G 199 50.36 -30.09 21.77
C HIS G 199 51.62 -29.58 22.45
N GLN G 200 52.79 -30.04 22.02
CA GLN G 200 54.03 -29.55 22.57
C GLN G 200 54.19 -28.06 22.30
N GLU G 201 53.86 -27.62 21.09
CA GLU G 201 53.99 -26.21 20.76
C GLU G 201 52.77 -25.38 21.17
N ILE G 202 51.70 -26.02 21.63
CA ILE G 202 50.55 -25.25 22.13
C ILE G 202 50.78 -24.73 23.54
N LYS G 203 51.80 -25.23 24.23
CA LYS G 203 52.09 -24.81 25.60
C LYS G 203 52.75 -23.45 25.68
N ASN G 204 53.27 -22.93 24.56
CA ASN G 204 53.88 -21.61 24.56
C ASN G 204 52.87 -20.48 24.57
N TYR G 205 51.60 -20.78 24.33
CA TYR G 205 50.56 -19.77 24.21
C TYR G 205 49.65 -19.79 25.42
N SER G 206 48.94 -18.68 25.61
CA SER G 206 48.05 -18.54 26.75
C SER G 206 46.84 -19.45 26.58
N LYS G 207 46.15 -19.70 27.69
CA LYS G 207 44.93 -20.49 27.63
C LYS G 207 43.86 -19.78 26.80
N LYS G 208 43.75 -18.46 26.96
CA LYS G 208 42.81 -17.70 26.13
C LYS G 208 43.22 -17.75 24.67
N GLU G 209 44.51 -17.60 24.38
CA GLU G 209 44.97 -17.70 23.00
C GLU G 209 44.75 -19.10 22.44
N MET G 210 45.00 -20.13 23.25
CA MET G 210 44.77 -21.49 22.78
C MET G 210 43.30 -21.72 22.47
N ASP G 211 42.40 -21.23 23.33
CA ASP G 211 40.98 -21.39 23.07
C ASP G 211 40.56 -20.63 21.82
N ILE G 212 41.10 -19.43 21.63
CA ILE G 212 40.80 -18.68 20.41
C ILE G 212 41.25 -19.44 19.18
N PHE G 213 42.45 -20.02 19.23
CA PHE G 213 42.95 -20.79 18.10
C PHE G 213 42.03 -21.97 17.80
N ILE G 214 41.65 -22.72 18.84
CA ILE G 214 40.83 -23.90 18.63
C ILE G 214 39.48 -23.51 18.05
N ARG G 215 38.84 -22.47 18.61
CA ARG G 215 37.53 -22.06 18.11
C ARG G 215 37.62 -21.52 16.69
N THR G 216 38.67 -20.76 16.37
CA THR G 216 38.80 -20.22 15.02
C THR G 216 39.04 -21.33 14.00
N VAL G 217 39.86 -22.31 14.35
CA VAL G 217 40.08 -23.40 13.40
C VAL G 217 38.82 -24.26 13.25
N THR G 218 38.08 -24.46 14.34
CA THR G 218 36.85 -25.25 14.23
C THR G 218 35.80 -24.53 13.42
N LEU G 219 35.62 -23.23 13.63
CA LEU G 219 34.64 -22.50 12.85
C LEU G 219 35.05 -22.42 11.38
N LEU G 220 36.33 -22.19 11.13
CA LEU G 220 36.80 -22.11 9.76
C LEU G 220 36.63 -23.45 9.05
N ALA G 221 36.84 -24.55 9.77
CA ALA G 221 36.70 -25.87 9.18
C ALA G 221 35.27 -26.19 8.82
N TYR G 222 34.30 -25.57 9.50
CA TYR G 222 32.89 -25.79 9.23
C TYR G 222 32.30 -24.69 8.37
N SER G 223 33.14 -23.90 7.71
CA SER G 223 32.69 -22.79 6.87
C SER G 223 31.73 -21.88 7.61
N ARG G 224 32.06 -21.56 8.86
CA ARG G 224 31.24 -20.66 9.65
C ARG G 224 31.79 -19.25 9.74
N ILE G 225 33.08 -19.06 9.45
CA ILE G 225 33.67 -17.72 9.40
C ILE G 225 34.50 -17.63 8.14
N THR G 226 34.56 -16.44 7.59
CA THR G 226 35.30 -16.23 6.35
C THR G 226 36.80 -16.34 6.59
N PRO G 227 37.56 -16.85 5.63
CA PRO G 227 39.01 -16.95 5.80
C PRO G 227 39.67 -15.63 6.13
N GLU G 228 39.12 -14.52 5.65
CA GLU G 228 39.69 -13.22 5.99
C GLU G 228 39.53 -12.93 7.48
N ALA G 229 38.35 -13.21 8.04
CA ALA G 229 38.14 -13.00 9.47
C ALA G 229 39.05 -13.91 10.30
N ALA G 230 39.17 -15.17 9.90
CA ALA G 230 40.03 -16.08 10.63
C ALA G 230 41.49 -15.65 10.56
N SER G 231 41.94 -15.19 9.40
CA SER G 231 43.31 -14.72 9.28
C SER G 231 43.55 -13.48 10.11
N ASN G 232 42.59 -12.57 10.13
CA ASN G 232 42.72 -11.39 10.99
C ASN G 232 42.81 -11.79 12.46
N GLU G 233 41.98 -12.74 12.88
CA GLU G 233 42.03 -13.20 14.27
C GLU G 233 43.39 -13.83 14.58
N PHE G 234 43.87 -14.69 13.69
CA PHE G 234 45.15 -15.36 13.91
C PHE G 234 46.29 -14.37 14.00
N LYS G 235 46.30 -13.39 13.09
CA LYS G 235 47.34 -12.34 13.12
C LYS G 235 47.23 -11.57 14.44
N LYS G 236 46.01 -11.22 14.85
CA LYS G 236 45.82 -10.42 16.05
C LYS G 236 46.35 -11.12 17.28
N ASN G 237 46.08 -12.41 17.41
CA ASN G 237 46.51 -13.17 18.58
C ASN G 237 47.81 -13.91 18.36
N ASN G 238 48.51 -13.66 17.26
CA ASN G 238 49.81 -14.27 16.98
C ASN G 238 49.74 -15.79 17.03
N LEU G 239 48.85 -16.34 16.22
CA LEU G 239 48.68 -17.79 16.11
C LEU G 239 49.14 -18.34 14.77
N ILE G 240 49.84 -17.54 13.98
CA ILE G 240 50.32 -18.01 12.68
C ILE G 240 51.26 -19.20 12.81
N PRO G 241 52.23 -19.22 13.72
CA PRO G 241 53.07 -20.42 13.84
C PRO G 241 52.29 -21.70 14.13
N LEU G 242 51.19 -21.60 14.86
CA LEU G 242 50.36 -22.78 15.09
C LEU G 242 49.63 -23.20 13.82
N LEU G 243 49.19 -22.24 13.02
CA LEU G 243 48.41 -22.56 11.84
C LEU G 243 49.21 -23.36 10.82
N LEU G 244 50.53 -23.13 10.77
CA LEU G 244 51.36 -23.86 9.82
C LEU G 244 51.57 -25.32 10.20
N LEU G 245 51.19 -25.72 11.41
CA LEU G 245 51.33 -27.11 11.81
C LEU G 245 50.11 -27.95 11.46
N LEU G 246 49.03 -27.36 11.13
CA LEU G 246 47.82 -28.09 10.84
C LEU G 246 47.80 -28.55 9.39
N PRO G 247 47.23 -29.72 9.13
CA PRO G 247 47.05 -30.16 7.74
C PRO G 247 46.03 -29.30 7.02
N THR G 248 46.17 -29.25 5.69
CA THR G 248 45.21 -28.48 4.91
C THR G 248 43.83 -29.11 4.93
N ASP G 249 43.76 -30.41 5.13
CA ASP G 249 42.49 -31.11 5.14
C ASP G 249 41.66 -30.66 6.32
N PRO G 250 40.46 -30.12 6.11
CA PRO G 250 39.63 -29.73 7.26
C PRO G 250 39.27 -30.88 8.17
N HIS G 251 39.09 -32.09 7.64
CA HIS G 251 38.74 -33.21 8.50
C HIS G 251 39.93 -33.62 9.36
N GLN G 252 41.14 -33.56 8.81
CA GLN G 252 42.32 -33.80 9.63
C GLN G 252 42.47 -32.70 10.68
N ARG G 253 42.17 -31.45 10.33
CA ARG G 253 42.19 -30.39 11.32
C ARG G 253 41.23 -30.68 12.45
N LEU G 254 40.03 -31.15 12.12
CA LEU G 254 39.04 -31.42 13.16
C LEU G 254 39.47 -32.60 14.02
N SER G 255 40.06 -33.62 13.42
CA SER G 255 40.56 -34.74 14.22
C SER G 255 41.66 -34.29 15.18
N ILE G 256 42.58 -33.47 14.70
CA ILE G 256 43.66 -33.01 15.55
C ILE G 256 43.12 -32.12 16.67
N LEU G 257 42.15 -31.25 16.36
CA LEU G 257 41.56 -30.43 17.41
C LEU G 257 40.82 -31.28 18.43
N HIS G 258 40.09 -32.29 17.97
CA HIS G 258 39.40 -33.18 18.90
C HIS G 258 40.39 -33.91 19.80
N LEU G 259 41.58 -34.19 19.28
CA LEU G 259 42.60 -34.79 20.14
C LEU G 259 43.18 -33.78 21.11
N LEU G 260 43.40 -32.53 20.67
CA LEU G 260 43.98 -31.53 21.56
C LEU G 260 43.05 -31.20 22.71
N LYS G 261 41.75 -31.04 22.42
CA LYS G 261 40.82 -30.67 23.46
C LYS G 261 40.61 -31.78 24.48
N LYS G 262 40.95 -33.02 24.14
CA LYS G 262 40.86 -34.12 25.08
C LYS G 262 42.13 -34.31 25.90
N VAL G 263 43.23 -33.70 25.50
CA VAL G 263 44.47 -33.80 26.23
C VAL G 263 45.12 -32.42 26.36
N MET K 1 -20.40 72.05 -25.91
CA MET K 1 -20.49 71.78 -24.48
C MET K 1 -21.88 71.30 -24.10
N ARG K 2 -22.89 71.79 -24.80
CA ARG K 2 -24.26 71.35 -24.57
C ARG K 2 -24.54 70.05 -25.31
N THR K 3 -25.31 69.18 -24.68
CA THR K 3 -25.69 67.89 -25.27
C THR K 3 -27.10 68.01 -25.83
N LEU K 4 -27.21 67.97 -27.15
CA LEU K 4 -28.49 68.10 -27.82
C LEU K 4 -29.14 66.74 -27.99
N ASN K 5 -30.43 66.66 -27.68
CA ASN K 5 -31.21 65.45 -27.86
C ASN K 5 -32.34 65.75 -28.85
N PHE K 6 -32.34 65.05 -29.98
CA PHE K 6 -33.38 65.22 -30.99
C PHE K 6 -34.34 64.04 -30.88
N ASN K 7 -35.32 64.18 -29.99
CA ASN K 7 -36.39 63.19 -29.91
C ASN K 7 -37.50 63.57 -30.89
N GLY K 8 -37.73 62.73 -31.89
CA GLY K 8 -38.70 63.05 -32.92
C GLY K 8 -39.28 61.83 -33.59
N LYS K 9 -40.24 62.10 -34.47
CA LYS K 9 -40.95 61.07 -35.23
C LYS K 9 -40.73 61.29 -36.72
N ILE K 10 -40.39 60.22 -37.43
CA ILE K 10 -40.29 60.25 -38.88
C ILE K 10 -41.58 59.66 -39.46
N SER K 11 -42.38 60.50 -40.09
CA SER K 11 -43.58 60.05 -40.78
C SER K 11 -43.25 59.61 -42.20
N THR K 12 -44.19 58.90 -42.81
CA THR K 12 -43.97 58.28 -44.11
C THR K 12 -44.98 58.80 -45.14
N LEU K 13 -44.52 58.96 -46.38
CA LEU K 13 -45.38 59.37 -47.49
C LEU K 13 -45.39 58.39 -48.66
N GLU K 14 -44.54 57.37 -48.67
CA GLU K 14 -44.49 56.38 -49.72
C GLU K 14 -43.73 55.18 -49.19
N PRO K 15 -43.87 53.99 -49.83
CA PRO K 15 -43.21 52.80 -49.30
C PRO K 15 -41.74 53.02 -48.99
N LEU K 16 -41.40 52.95 -47.70
CA LEU K 16 -40.05 53.26 -47.22
C LEU K 16 -39.27 51.96 -47.15
N THR K 17 -38.45 51.70 -48.16
CA THR K 17 -37.69 50.47 -48.19
C THR K 17 -36.28 50.68 -47.65
N VAL K 18 -35.75 49.62 -47.04
CA VAL K 18 -34.41 49.63 -46.48
C VAL K 18 -33.80 48.27 -46.82
N THR K 19 -32.63 47.97 -46.24
CA THR K 19 -31.80 46.80 -46.57
C THR K 19 -31.11 47.00 -47.91
N VAL K 20 -30.75 48.25 -48.20
CA VAL K 20 -29.96 48.52 -49.40
C VAL K 20 -28.62 47.82 -49.33
N LYS K 21 -27.92 47.98 -48.21
CA LYS K 21 -26.65 47.31 -47.99
C LYS K 21 -26.85 45.81 -47.92
N ASN K 22 -25.92 45.06 -48.50
CA ASN K 22 -26.02 43.60 -48.56
C ASN K 22 -24.94 42.94 -47.71
N SER K 27 -33.73 35.14 -47.88
CA SER K 27 -34.04 35.10 -49.30
C SER K 27 -35.16 36.09 -49.64
N GLY K 28 -35.69 36.74 -48.61
CA GLY K 28 -36.72 37.75 -48.79
C GLY K 28 -36.21 39.11 -48.35
N HIS K 29 -36.58 40.14 -49.11
CA HIS K 29 -36.19 41.51 -48.81
C HIS K 29 -37.10 42.01 -47.69
N ARG K 30 -36.79 41.54 -46.47
CA ARG K 30 -37.57 41.88 -45.30
C ARG K 30 -36.85 42.95 -44.49
N LEU K 31 -37.63 43.88 -43.93
CA LEU K 31 -37.05 44.91 -43.09
C LEU K 31 -36.36 44.27 -41.90
N PRO K 32 -35.18 44.76 -41.50
CA PRO K 32 -34.48 44.16 -40.36
C PRO K 32 -35.36 44.14 -39.13
N ARG K 33 -35.40 43.00 -38.45
CA ARG K 33 -36.30 42.84 -37.32
C ARG K 33 -35.65 43.34 -36.03
N ASN K 34 -36.49 43.88 -35.15
CA ASN K 34 -36.06 44.42 -33.86
C ASN K 34 -36.03 43.30 -32.82
N GLY K 35 -35.17 42.31 -33.08
CA GLY K 35 -34.93 41.24 -32.15
C GLY K 35 -35.74 40.00 -32.45
N GLY K 36 -35.10 38.96 -32.96
CA GLY K 36 -35.80 37.76 -33.34
C GLY K 36 -36.43 37.90 -34.72
N PHE K 37 -37.39 37.02 -34.99
CA PHE K 37 -38.13 37.05 -36.25
C PHE K 37 -39.64 37.02 -36.08
N ASN K 38 -40.15 37.30 -34.88
CA ASN K 38 -41.58 37.56 -34.68
C ASN K 38 -41.84 38.96 -34.17
N ALA K 39 -40.87 39.85 -34.24
CA ALA K 39 -40.97 41.21 -33.71
C ALA K 39 -41.48 42.16 -34.79
N ALA K 40 -41.40 43.46 -34.53
CA ALA K 40 -41.81 44.47 -35.49
C ALA K 40 -40.58 45.08 -36.14
N PRO K 41 -40.40 44.94 -37.46
CA PRO K 41 -39.14 45.36 -38.08
C PRO K 41 -38.96 46.87 -38.05
N TYR K 42 -37.71 47.28 -37.82
CA TYR K 42 -37.35 48.69 -37.68
C TYR K 42 -36.68 49.18 -38.95
N PHE K 43 -36.46 50.49 -39.00
CA PHE K 43 -35.66 51.10 -40.06
C PHE K 43 -34.26 51.36 -39.53
N PRO K 44 -33.23 50.70 -40.05
CA PRO K 44 -31.87 50.88 -39.52
C PRO K 44 -31.47 52.34 -39.45
N GLY K 45 -30.93 52.72 -38.29
CA GLY K 45 -30.41 54.07 -38.15
C GLY K 45 -29.16 54.30 -38.96
N THR K 46 -28.40 53.24 -39.23
CA THR K 46 -27.23 53.37 -40.09
C THR K 46 -27.62 53.91 -41.45
N SER K 47 -28.79 53.52 -41.94
CA SER K 47 -29.31 54.11 -43.17
C SER K 47 -29.56 55.60 -42.98
N ILE K 48 -30.12 55.97 -41.83
CA ILE K 48 -30.47 57.38 -41.60
C ILE K 48 -29.20 58.24 -41.56
N ARG K 49 -28.20 57.81 -40.80
CA ARG K 49 -26.97 58.58 -40.69
C ARG K 49 -26.22 58.63 -42.02
N GLY K 50 -26.33 57.58 -42.84
CA GLY K 50 -25.65 57.60 -44.12
C GLY K 50 -26.10 58.74 -45.00
N THR K 51 -27.42 58.94 -45.10
CA THR K 51 -27.94 60.07 -45.85
C THR K 51 -27.49 61.39 -45.23
N LEU K 52 -27.53 61.48 -43.90
CA LEU K 52 -27.08 62.71 -43.22
C LEU K 52 -25.58 62.92 -43.41
N ARG K 53 -24.81 61.83 -43.44
CA ARG K 53 -23.38 61.95 -43.74
C ARG K 53 -23.16 62.64 -45.08
N HIS K 54 -23.81 62.16 -46.13
CA HIS K 54 -23.67 62.78 -47.44
C HIS K 54 -24.22 64.20 -47.43
N ALA K 55 -25.36 64.41 -46.77
CA ALA K 55 -25.96 65.74 -46.70
C ALA K 55 -25.00 66.74 -46.06
N ALA K 56 -24.41 66.36 -44.92
CA ALA K 56 -23.42 67.21 -44.28
C ALA K 56 -22.17 67.34 -45.15
N HIS K 57 -21.82 66.28 -45.88
CA HIS K 57 -20.69 66.36 -46.79
C HIS K 57 -20.91 67.43 -47.84
N LYS K 58 -22.11 67.50 -48.40
CA LYS K 58 -22.43 68.55 -49.36
C LYS K 58 -22.34 69.92 -48.73
N VAL K 59 -22.88 70.07 -47.51
CA VAL K 59 -22.92 71.37 -46.85
C VAL K 59 -21.51 71.92 -46.67
N ILE K 60 -20.60 71.09 -46.14
CA ILE K 60 -19.24 71.54 -45.89
C ILE K 60 -18.51 71.80 -47.20
N VAL K 61 -18.71 70.94 -48.20
CA VAL K 61 -18.05 71.11 -49.49
C VAL K 61 -18.54 72.38 -50.16
N ASP K 62 -19.85 72.63 -50.11
CA ASP K 62 -20.41 73.84 -50.69
C ASP K 62 -19.82 75.08 -50.04
N ARG K 63 -19.74 75.09 -48.71
CA ARG K 63 -19.19 76.23 -48.00
C ARG K 63 -17.71 76.41 -48.28
N VAL K 64 -16.96 75.30 -48.33
CA VAL K 64 -15.54 75.35 -48.62
C VAL K 64 -15.30 75.88 -50.03
N ALA K 104 -9.14 66.63 -30.59
CA ALA K 104 -8.90 67.80 -29.75
C ALA K 104 -9.12 69.08 -30.54
N GLU K 105 -8.15 69.41 -31.39
CA GLU K 105 -8.28 70.54 -32.31
C GLU K 105 -8.69 70.14 -33.71
N LEU K 106 -8.59 68.85 -34.04
CA LEU K 106 -9.05 68.37 -35.34
C LEU K 106 -10.54 68.61 -35.50
N ARG K 107 -11.31 68.33 -34.45
CA ARG K 107 -12.76 68.55 -34.50
C ARG K 107 -13.09 70.02 -34.71
N SER K 108 -12.37 70.91 -34.01
CA SER K 108 -12.61 72.34 -34.17
C SER K 108 -12.34 72.80 -35.60
N LYS K 109 -11.24 72.34 -36.18
CA LYS K 109 -10.91 72.75 -37.54
C LYS K 109 -11.81 72.07 -38.57
N ASN K 110 -12.18 70.81 -38.30
CA ASN K 110 -13.01 70.02 -39.23
C ASN K 110 -14.32 69.68 -38.53
N PRO K 111 -15.34 70.54 -38.64
CA PRO K 111 -16.63 70.23 -38.01
C PRO K 111 -17.26 68.96 -38.53
N LEU K 112 -17.03 68.62 -39.80
CA LEU K 112 -17.59 67.40 -40.35
C LEU K 112 -17.07 66.17 -39.61
N ILE K 113 -15.75 66.14 -39.37
CA ILE K 113 -15.20 65.07 -38.54
C ILE K 113 -15.47 65.30 -37.06
N SER K 114 -15.77 66.54 -36.67
CA SER K 114 -16.17 66.79 -35.29
C SER K 114 -17.45 66.04 -34.95
N LEU K 115 -18.44 66.12 -35.84
CA LEU K 115 -19.75 65.55 -35.55
C LEU K 115 -19.75 64.03 -35.79
N PHE K 116 -19.52 63.63 -37.05
CA PHE K 116 -19.66 62.23 -37.41
C PHE K 116 -18.46 61.41 -36.94
N GLY K 117 -17.26 61.98 -37.01
CA GLY K 117 -16.09 61.34 -36.45
C GLY K 117 -15.49 60.25 -37.30
N ARG K 118 -14.18 60.11 -37.25
CA ARG K 118 -13.48 59.02 -37.91
C ARG K 118 -13.44 57.82 -36.97
N TRP K 119 -12.61 56.82 -37.29
CA TRP K 119 -12.44 55.70 -36.38
C TRP K 119 -11.79 56.15 -35.08
N GLY K 120 -10.68 56.89 -35.18
CA GLY K 120 -9.95 57.30 -33.99
C GLY K 120 -10.68 58.35 -33.18
N LEU K 121 -11.16 59.39 -33.86
CA LEU K 121 -11.84 60.49 -33.18
C LEU K 121 -13.32 60.17 -33.03
N SER K 122 -13.79 60.11 -31.78
CA SER K 122 -15.17 59.79 -31.50
C SER K 122 -16.10 60.83 -32.11
N GLY K 123 -17.25 60.37 -32.61
CA GLY K 123 -18.19 61.22 -33.31
C GLY K 123 -19.33 61.63 -32.40
N LYS K 124 -19.64 62.93 -32.40
CA LYS K 124 -20.64 63.45 -31.49
C LYS K 124 -22.04 62.95 -31.84
N VAL K 125 -22.35 62.85 -33.13
CA VAL K 125 -23.71 62.56 -33.55
C VAL K 125 -24.10 61.15 -33.14
N GLY K 126 -25.37 60.98 -32.78
CA GLY K 126 -25.94 59.66 -32.52
C GLY K 126 -27.27 59.51 -33.23
N ILE K 127 -27.37 58.53 -34.12
CA ILE K 127 -28.51 58.40 -35.02
C ILE K 127 -29.26 57.14 -34.65
N GLY K 128 -30.46 57.29 -34.10
CA GLY K 128 -31.23 56.14 -33.68
C GLY K 128 -31.93 55.44 -34.83
N ASN K 129 -32.31 54.20 -34.59
CA ASN K 129 -33.04 53.40 -35.57
C ASN K 129 -34.53 53.73 -35.49
N ALA K 130 -35.11 54.15 -36.62
CA ALA K 130 -36.54 54.40 -36.65
C ALA K 130 -37.30 53.12 -36.36
N ILE K 131 -38.23 53.19 -35.42
CA ILE K 131 -38.96 52.03 -34.93
C ILE K 131 -40.44 52.24 -35.25
N PRO K 132 -41.14 51.25 -35.76
CA PRO K 132 -42.59 51.39 -36.00
C PRO K 132 -43.33 51.75 -34.73
N ASP K 133 -44.12 52.82 -34.81
CA ASP K 133 -44.87 53.26 -33.63
C ASP K 133 -45.99 52.28 -33.29
N GLY K 134 -46.67 51.75 -34.31
CA GLY K 134 -47.81 50.88 -34.09
C GLY K 134 -47.66 49.57 -34.83
N ASP K 135 -48.59 48.66 -34.54
CA ASP K 135 -48.61 47.37 -35.19
C ASP K 135 -48.90 47.51 -36.68
N ASN K 136 -48.46 46.52 -37.44
CA ASN K 136 -48.52 46.53 -38.91
C ASN K 136 -47.70 47.75 -39.36
N GLN K 137 -48.19 48.53 -40.33
CA GLN K 137 -47.50 49.65 -40.95
C GLN K 137 -46.29 49.18 -41.76
N TRP K 138 -46.08 47.87 -41.87
CA TRP K 138 -45.08 47.29 -42.75
C TRP K 138 -45.75 46.16 -43.51
N GLY K 139 -45.40 46.01 -44.78
CA GLY K 139 -46.01 44.98 -45.61
C GLY K 139 -45.16 44.67 -46.82
N MET K 140 -45.39 43.50 -47.39
CA MET K 140 -44.67 43.07 -48.58
C MET K 140 -45.09 43.93 -49.77
N PHE K 141 -44.13 44.57 -50.41
CA PHE K 141 -44.40 45.44 -51.55
C PHE K 141 -43.63 44.97 -52.77
N GLY K 142 -44.28 45.07 -53.93
CA GLY K 142 -43.66 44.74 -55.20
C GLY K 142 -43.15 43.33 -55.31
N ILE K 236 -38.21 39.89 -59.72
CA ILE K 236 -37.97 40.83 -58.64
C ILE K 236 -38.62 40.36 -57.35
N ASP K 237 -37.80 40.07 -56.35
CA ASP K 237 -38.31 39.66 -55.05
C ASP K 237 -39.14 40.80 -54.45
N PRO K 238 -40.31 40.52 -53.89
CA PRO K 238 -41.11 41.58 -53.26
C PRO K 238 -40.35 42.24 -52.11
N TYR K 239 -40.09 43.53 -52.26
CA TYR K 239 -39.34 44.29 -51.27
C TYR K 239 -40.31 44.74 -50.18
N GLU K 240 -40.20 44.12 -49.00
CA GLU K 240 -41.07 44.49 -47.89
C GLU K 240 -40.61 45.82 -47.33
N ALA K 241 -41.55 46.74 -47.11
CA ALA K 241 -41.20 48.08 -46.70
C ALA K 241 -42.32 48.65 -45.83
N PHE K 242 -42.02 49.78 -45.20
CA PHE K 242 -43.02 50.47 -44.39
C PHE K 242 -44.10 51.06 -45.29
N ILE K 243 -45.36 50.92 -44.85
CA ILE K 243 -46.47 51.37 -45.68
C ILE K 243 -46.47 52.90 -45.78
N THR K 244 -47.16 53.39 -46.80
CA THR K 244 -47.39 54.82 -46.91
C THR K 244 -48.22 55.31 -45.74
N GLY K 245 -47.82 56.43 -45.16
CA GLY K 245 -48.49 56.94 -43.99
C GLY K 245 -48.04 56.32 -42.69
N ALA K 246 -46.96 55.55 -42.69
CA ALA K 246 -46.46 54.96 -41.46
C ALA K 246 -45.79 56.02 -40.59
N GLU K 247 -45.60 55.69 -39.32
CA GLU K 247 -44.98 56.57 -38.33
C GLU K 247 -43.81 55.86 -37.69
N LEU K 248 -42.65 56.50 -37.69
CA LEU K 248 -41.43 55.93 -37.15
C LEU K 248 -40.83 56.85 -36.10
N SER K 249 -40.37 56.27 -35.00
CA SER K 249 -39.80 57.01 -33.90
C SER K 249 -38.27 56.98 -34.02
N HIS K 250 -37.67 58.15 -34.17
CA HIS K 250 -36.24 58.28 -34.44
C HIS K 250 -35.61 59.18 -33.39
N ARG K 251 -34.49 58.73 -32.81
CA ARG K 251 -33.82 59.41 -31.71
C ARG K 251 -32.44 59.89 -32.19
N MET K 252 -32.24 61.19 -32.25
CA MET K 252 -30.95 61.77 -32.60
C MET K 252 -30.35 62.49 -31.39
N SER K 253 -29.02 62.53 -31.33
CA SER K 253 -28.35 63.21 -30.23
C SER K 253 -26.93 63.56 -30.62
N ILE K 254 -26.43 64.67 -30.06
CA ILE K 254 -25.06 65.12 -30.27
C ILE K 254 -24.37 65.22 -28.91
N LYS K 255 -23.12 64.75 -28.83
CA LYS K 255 -22.41 64.62 -27.57
C LYS K 255 -21.68 65.91 -27.25
N ASN K 256 -22.21 66.67 -26.29
CA ASN K 256 -21.57 67.88 -25.77
C ASN K 256 -21.09 68.79 -26.91
N ALA K 257 -21.99 69.05 -27.85
CA ALA K 257 -21.62 69.73 -29.08
C ALA K 257 -21.62 71.25 -28.87
N THR K 258 -20.57 71.90 -29.38
CA THR K 258 -20.54 73.35 -29.38
C THR K 258 -21.53 73.90 -30.39
N ASP K 259 -22.06 75.10 -30.10
CA ASP K 259 -23.07 75.71 -30.95
C ASP K 259 -22.61 75.77 -32.41
N GLU K 260 -21.32 75.99 -32.63
CA GLU K 260 -20.79 76.04 -33.98
C GLU K 260 -20.94 74.70 -34.68
N GLU K 261 -20.37 73.64 -34.11
CA GLU K 261 -20.47 72.32 -34.73
C GLU K 261 -21.92 71.82 -34.72
N ALA K 262 -22.64 72.06 -33.64
CA ALA K 262 -24.05 71.67 -33.60
C ALA K 262 -24.86 72.44 -34.64
N GLY K 263 -24.50 73.70 -34.88
CA GLY K 263 -25.20 74.48 -35.89
C GLY K 263 -25.10 73.88 -37.28
N LEU K 264 -23.95 73.28 -37.59
CA LEU K 264 -23.79 72.64 -38.89
C LEU K 264 -24.74 71.45 -39.04
N PHE K 265 -25.09 70.81 -37.92
CA PHE K 265 -26.00 69.66 -37.99
C PHE K 265 -27.37 70.08 -38.51
N ILE K 266 -27.88 71.21 -38.05
CA ILE K 266 -29.17 71.68 -38.53
C ILE K 266 -29.08 72.07 -40.00
N SER K 267 -27.96 72.67 -40.40
CA SER K 267 -27.78 73.01 -41.81
C SER K 267 -27.82 71.77 -42.69
N ALA K 268 -27.24 70.68 -42.21
CA ALA K 268 -27.35 69.42 -42.94
C ALA K 268 -28.80 68.94 -43.01
N LEU K 269 -29.54 69.08 -41.91
CA LEU K 269 -30.96 68.73 -41.94
C LEU K 269 -31.73 69.65 -42.88
N ILE K 270 -31.41 70.95 -42.87
CA ILE K 270 -32.07 71.89 -43.76
C ILE K 270 -31.77 71.53 -45.22
N ARG K 271 -30.50 71.25 -45.52
CA ARG K 271 -30.13 70.85 -46.87
C ARG K 271 -30.77 69.53 -47.25
N PHE K 272 -30.87 68.60 -46.29
CA PHE K 272 -31.50 67.31 -46.56
C PHE K 272 -32.95 67.45 -46.97
N ALA K 273 -33.62 68.51 -46.54
CA ALA K 273 -35.02 68.71 -46.92
C ALA K 273 -35.19 68.89 -48.43
N ALA K 274 -34.14 69.31 -49.13
CA ALA K 274 -34.21 69.42 -50.58
C ALA K 274 -34.44 68.06 -51.22
N GLU K 275 -33.77 67.02 -50.71
CA GLU K 275 -33.93 65.65 -51.21
C GLU K 275 -34.19 64.73 -50.02
N PRO K 276 -35.41 64.73 -49.49
CA PRO K 276 -35.71 63.87 -48.33
C PRO K 276 -35.94 62.42 -48.73
N ARG K 277 -34.83 61.69 -48.89
CA ARG K 277 -34.85 60.32 -49.37
C ARG K 277 -34.13 59.41 -48.40
N PHE K 278 -34.75 58.29 -48.05
CA PHE K 278 -34.18 57.29 -47.17
C PHE K 278 -34.17 55.94 -47.85
N GLY K 279 -33.05 55.24 -47.77
CA GLY K 279 -32.93 53.95 -48.40
C GLY K 279 -32.60 54.07 -49.88
N GLY K 280 -32.80 52.95 -50.58
CA GLY K 280 -32.51 52.89 -52.00
C GLY K 280 -33.75 52.94 -52.87
N HIS K 281 -33.87 51.99 -53.79
CA HIS K 281 -34.97 51.95 -54.76
C HIS K 281 -35.13 53.31 -55.45
N ALA K 282 -34.06 53.73 -56.10
CA ALA K 282 -34.11 54.97 -56.88
C ALA K 282 -35.11 54.87 -58.03
N ASN K 283 -35.28 53.67 -58.58
CA ASN K 283 -36.25 53.48 -59.66
C ASN K 283 -37.65 53.86 -59.20
N HIS K 284 -38.01 53.49 -57.98
CA HIS K 284 -39.31 53.82 -57.41
C HIS K 284 -39.30 55.15 -56.66
N ASN K 285 -38.18 55.88 -56.70
CA ASN K 285 -38.01 57.12 -55.95
C ASN K 285 -38.38 56.93 -54.48
N CYS K 286 -38.03 55.77 -53.92
CA CYS K 286 -38.42 55.46 -52.56
C CYS K 286 -37.63 56.30 -51.56
N GLY K 287 -38.28 56.64 -50.45
CA GLY K 287 -37.65 57.40 -49.38
C GLY K 287 -38.30 58.73 -49.07
N LEU K 288 -39.26 59.21 -49.88
CA LEU K 288 -39.85 60.51 -49.63
C LEU K 288 -40.62 60.50 -48.31
N VAL K 289 -40.04 61.11 -47.28
CA VAL K 289 -40.62 61.12 -45.95
C VAL K 289 -40.41 62.48 -45.31
N GLU K 290 -41.15 62.74 -44.24
CA GLU K 290 -41.01 63.95 -43.45
C GLU K 290 -40.84 63.57 -41.99
N ALA K 291 -40.39 64.54 -41.19
CA ALA K 291 -40.15 64.28 -39.79
C ALA K 291 -40.17 65.59 -39.02
N HIS K 292 -40.41 65.49 -37.72
CA HIS K 292 -40.29 66.62 -36.82
C HIS K 292 -39.55 66.16 -35.57
N TRP K 293 -38.44 66.83 -35.25
CA TRP K 293 -37.62 66.49 -34.10
C TRP K 293 -37.68 67.62 -33.09
N THR K 294 -37.87 67.26 -31.82
CA THR K 294 -37.83 68.22 -30.74
C THR K 294 -36.44 68.25 -30.14
N VAL K 295 -35.90 69.45 -29.95
CA VAL K 295 -34.52 69.62 -29.49
C VAL K 295 -34.55 70.02 -28.03
N THR K 296 -33.87 69.24 -27.19
CA THR K 296 -33.74 69.55 -25.78
C THR K 296 -32.30 69.35 -25.34
N THR K 297 -31.86 70.13 -24.37
CA THR K 297 -30.56 69.99 -23.77
C THR K 297 -30.71 69.79 -22.26
N TRP K 298 -29.79 69.03 -21.68
CA TRP K 298 -29.83 68.69 -20.26
C TRP K 298 -28.47 69.05 -19.66
N LYS K 299 -28.43 70.17 -18.95
CA LYS K 299 -27.20 70.57 -18.28
C LYS K 299 -27.00 69.63 -17.10
N PRO K 300 -25.88 68.90 -17.03
CA PRO K 300 -25.70 67.93 -15.95
C PRO K 300 -25.76 68.59 -14.59
N GLY K 301 -26.38 67.90 -13.64
CA GLY K 301 -26.59 68.40 -12.30
C GLY K 301 -27.98 68.91 -12.04
N GLU K 302 -28.74 69.24 -13.09
CA GLU K 302 -30.12 69.66 -12.91
C GLU K 302 -31.02 68.43 -12.91
N LEU K 303 -32.31 68.65 -12.67
CA LEU K 303 -33.27 67.55 -12.61
C LEU K 303 -34.14 67.44 -13.85
N VAL K 304 -34.37 68.53 -14.57
CA VAL K 304 -35.20 68.49 -15.77
C VAL K 304 -34.46 69.16 -16.93
N PRO K 305 -34.71 68.76 -18.16
CA PRO K 305 -34.10 69.44 -19.31
C PRO K 305 -34.95 70.62 -19.77
N VAL K 306 -34.36 71.42 -20.67
CA VAL K 306 -35.02 72.58 -21.23
C VAL K 306 -35.17 72.38 -22.73
N THR K 307 -36.31 72.78 -23.27
CA THR K 307 -36.63 72.58 -24.68
C THR K 307 -36.14 73.77 -25.49
N LEU K 308 -35.11 73.54 -26.32
CA LEU K 308 -34.58 74.61 -27.16
C LEU K 308 -35.52 74.92 -28.33
N GLY K 309 -36.13 73.90 -28.91
CA GLY K 309 -37.03 74.10 -30.01
C GLY K 309 -37.30 72.79 -30.73
N GLU K 310 -38.10 72.90 -31.79
CA GLU K 310 -38.41 71.75 -32.64
C GLU K 310 -38.02 72.05 -34.07
N ILE K 311 -37.50 71.05 -34.77
CA ILE K 311 -37.14 71.14 -36.17
C ILE K 311 -38.09 70.26 -36.95
N VAL K 312 -38.78 70.85 -37.93
CA VAL K 312 -39.74 70.15 -38.76
C VAL K 312 -39.23 70.13 -40.19
N ILE K 313 -39.15 68.93 -40.76
CA ILE K 313 -38.76 68.74 -42.16
C ILE K 313 -39.96 68.16 -42.89
N THR K 314 -40.38 68.84 -43.95
CA THR K 314 -41.47 68.41 -44.79
C THR K 314 -41.18 68.84 -46.22
N PRO K 315 -41.77 68.18 -47.22
CA PRO K 315 -41.60 68.66 -48.60
C PRO K 315 -42.11 70.08 -48.80
N ASN K 316 -43.05 70.54 -47.97
CA ASN K 316 -43.53 71.91 -48.09
C ASN K 316 -42.45 72.94 -47.80
N GLY K 317 -41.41 72.57 -47.08
CA GLY K 317 -40.32 73.47 -46.80
C GLY K 317 -39.64 73.11 -45.49
N VAL K 318 -38.82 74.03 -45.02
CA VAL K 318 -38.08 73.87 -43.77
C VAL K 318 -38.63 74.88 -42.77
N GLU K 319 -39.08 74.39 -41.62
CA GLU K 319 -39.59 75.24 -40.55
C GLU K 319 -38.84 74.90 -39.27
N ILE K 320 -38.33 75.93 -38.61
CA ILE K 320 -37.58 75.79 -37.37
C ILE K 320 -38.11 76.80 -36.37
N THR K 321 -38.22 76.38 -35.11
CA THR K 321 -38.64 77.26 -34.03
C THR K 321 -37.61 77.24 -32.92
N GLY K 322 -37.47 78.36 -32.22
CA GLY K 322 -36.52 78.48 -31.15
C GLY K 322 -35.39 79.43 -31.46
N ASP K 323 -35.28 80.49 -30.66
CA ASP K 323 -34.27 81.52 -30.91
C ASP K 323 -32.86 80.95 -30.77
N GLU K 324 -32.65 80.07 -29.79
CA GLU K 324 -31.33 79.47 -29.61
C GLU K 324 -30.96 78.61 -30.82
N LEU K 325 -31.93 77.87 -31.37
CA LEU K 325 -31.65 77.10 -32.58
C LEU K 325 -31.26 78.00 -33.74
N PHE K 326 -31.93 79.15 -33.87
CA PHE K 326 -31.57 80.09 -34.93
C PHE K 326 -30.15 80.59 -34.76
N ALA K 327 -29.78 80.96 -33.53
CA ALA K 327 -28.42 81.44 -33.28
C ALA K 327 -27.39 80.37 -33.64
N MET K 328 -27.72 79.11 -33.39
CA MET K 328 -26.80 78.02 -33.72
C MET K 328 -26.55 77.96 -35.22
N VAL K 329 -27.60 78.09 -36.02
CA VAL K 329 -27.42 78.20 -37.47
C VAL K 329 -26.63 79.45 -37.81
N LYS K 330 -26.96 80.56 -37.15
CA LYS K 330 -26.22 81.81 -37.35
C LYS K 330 -24.75 81.62 -37.01
N ALA K 331 -24.47 80.95 -35.89
CA ALA K 331 -23.09 80.74 -35.47
C ALA K 331 -22.30 79.99 -36.51
N PHE K 332 -22.90 78.97 -37.13
CA PHE K 332 -22.21 78.21 -38.16
C PHE K 332 -21.82 79.09 -39.32
N ASN K 333 -22.73 79.96 -39.77
CA ASN K 333 -22.43 80.87 -40.87
C ASN K 333 -21.39 81.92 -40.46
N GLU K 334 -21.37 82.30 -39.18
CA GLU K 334 -20.42 83.30 -38.72
C GLU K 334 -19.02 82.73 -38.60
N ASN K 335 -18.90 81.48 -38.17
CA ASN K 335 -17.59 80.87 -37.98
C ASN K 335 -16.84 80.76 -39.31
N GLN K 336 -15.57 81.15 -39.29
CA GLN K 336 -14.73 81.08 -40.47
C GLN K 336 -13.42 80.32 -40.25
N SER K 337 -13.13 79.90 -39.01
CA SER K 337 -11.91 79.15 -38.73
C SER K 337 -12.01 77.68 -39.15
N PHE K 338 -13.18 77.24 -39.61
CA PHE K 338 -13.41 75.85 -40.04
C PHE K 338 -12.36 75.35 -41.02
ZN ZN L . 36.98 -64.63 8.62
#